data_6GC1
#
_entry.id   6GC1
#
_cell.length_a   103.284
_cell.length_b   103.812
_cell.length_c   114.978
_cell.angle_alpha   90.000
_cell.angle_beta   100.770
_cell.angle_gamma   90.000
#
_symmetry.space_group_name_H-M   'P 1 21 1'
#
loop_
_entity.id
_entity.type
_entity.pdbx_description
1 polymer 'NHL repeat-containing protein 2'
2 water water
#
_entity_poly.entity_id   1
_entity_poly.type   'polypeptide(L)'
_entity_poly.pdbx_seq_one_letter_code
;MHHHHHHMAAPGGRGRSLSGLLPAQTSLEYALLDAVTQQEKDSLVYQYLQKVDGWEQDLSVPEFPEGLEWLNTEEPISVY
KDLCGKIVVLDFFTYCCINCIHLLPDLHALEHTYSDKDGLLIIGVHSAKFPNEKVLDNIKSAVLRYNITHPMVNDADASL
WQELEVSCWPTLVILGPRGNMLFSLIGEGHKDKLFLYTSIALKYYKDRGQIRDNKIGIKLYKDSLPPSPLLFPGKVTVDQ
VTDRLVIADTGHHRILVVWKNGQIQYSIGGPNPGRKDGIFSESTFNSPQGVAIMNNIIYVADTENHLIRKIDLEAEKVST
VAGIGIQGTDKEGGAKGEQQPISSPWDVVFGTSGSEVQRGDILWIAMAGTHQIWALLLDSGKLPKKNELTKGTCLRFAGS
GNEENRNNAYPHKAGFAQPSGLSLASEDPWSCLFVADSESSTVRTVSLKDGAVKHLVGGERDPMNLFAFGDVDGVGINAK
LQHPLGVTWDKKRNLLYVADSYNHKIKVVDPKTKNCTTLAGTGDTNNVTSSSFTESTFNEPGGLCIGENGELLYVADTNN
HQIKVMDLETKMVSVLPIF
;
_entity_poly.pdbx_strand_id   A,B,C,D
#
# COMPACT_ATOMS: atom_id res chain seq x y z
N ARG A 16 -7.25 1.11 -22.04
CA ARG A 16 -6.08 0.27 -21.56
C ARG A 16 -6.50 -1.04 -20.86
N SER A 17 -7.80 -1.33 -20.67
CA SER A 17 -8.29 -2.50 -19.94
C SER A 17 -9.50 -3.10 -20.67
N LEU A 18 -9.92 -4.30 -20.22
CA LEU A 18 -11.08 -5.02 -20.80
C LEU A 18 -12.38 -4.21 -20.65
N SER A 19 -12.43 -3.29 -19.68
CA SER A 19 -13.50 -2.26 -19.55
C SER A 19 -13.82 -1.59 -20.90
N GLY A 20 -12.81 -1.35 -21.74
CA GLY A 20 -12.96 -0.67 -23.03
C GLY A 20 -13.90 -1.39 -24.01
N LEU A 21 -13.95 -2.72 -23.96
CA LEU A 21 -14.80 -3.53 -24.88
C LEU A 21 -16.24 -3.61 -24.39
N LEU A 22 -16.54 -3.28 -23.13
CA LEU A 22 -17.75 -3.76 -22.45
C LEU A 22 -19.03 -3.12 -23.00
N PRO A 23 -19.07 -1.77 -23.23
CA PRO A 23 -20.31 -1.18 -23.80
C PRO A 23 -20.59 -1.67 -25.24
N ALA A 24 -19.55 -1.83 -26.06
CA ALA A 24 -19.69 -2.25 -27.47
C ALA A 24 -20.03 -3.75 -27.56
N GLN A 25 -19.31 -4.61 -26.83
CA GLN A 25 -19.46 -6.09 -26.96
C GLN A 25 -20.81 -6.54 -26.38
N THR A 26 -21.26 -5.91 -25.30
CA THR A 26 -22.59 -6.19 -24.71
C THR A 26 -23.70 -5.73 -25.68
N SER A 27 -23.45 -4.65 -26.44
CA SER A 27 -24.36 -4.18 -27.49
C SER A 27 -24.42 -5.21 -28.63
N LEU A 28 -23.30 -5.84 -28.98
CA LEU A 28 -23.30 -6.96 -29.95
C LEU A 28 -24.06 -8.17 -29.36
N GLU A 29 -23.78 -8.55 -28.10
CA GLU A 29 -24.41 -9.73 -27.44
C GLU A 29 -25.93 -9.56 -27.29
N TYR A 30 -26.41 -8.32 -27.13
CA TYR A 30 -27.85 -8.03 -27.05
C TYR A 30 -28.51 -8.30 -28.42
N ALA A 31 -27.84 -7.88 -29.49
CA ALA A 31 -28.31 -8.13 -30.86
C ALA A 31 -28.27 -9.64 -31.18
N LEU A 32 -27.22 -10.36 -30.78
CA LEU A 32 -27.08 -11.81 -31.07
C LEU A 32 -28.22 -12.64 -30.45
N LEU A 33 -28.81 -12.18 -29.33
CA LEU A 33 -29.99 -12.85 -28.72
C LEU A 33 -31.27 -12.63 -29.53
N ASP A 34 -31.41 -11.55 -30.30
CA ASP A 34 -32.59 -11.35 -31.20
C ASP A 34 -32.29 -11.89 -32.63
N ALA A 35 -31.16 -12.56 -32.86
CA ALA A 35 -30.74 -12.97 -34.20
C ALA A 35 -31.22 -14.41 -34.46
N VAL A 36 -32.17 -14.58 -35.38
CA VAL A 36 -32.87 -15.87 -35.59
C VAL A 36 -32.01 -16.80 -36.47
N THR A 37 -31.27 -16.27 -37.44
CA THR A 37 -30.42 -17.08 -38.37
C THR A 37 -28.95 -17.01 -37.95
N GLN A 38 -28.18 -18.07 -38.26
CA GLN A 38 -26.70 -18.10 -38.08
C GLN A 38 -26.01 -17.06 -38.99
N GLN A 39 -26.61 -16.69 -40.12
CA GLN A 39 -26.04 -15.65 -41.03
C GLN A 39 -26.16 -14.25 -40.40
N GLU A 40 -27.33 -13.95 -39.84
CA GLU A 40 -27.57 -12.68 -39.10
C GLU A 40 -26.53 -12.49 -37.99
N LYS A 41 -26.25 -13.56 -37.24
CA LYS A 41 -25.26 -13.52 -36.15
C LYS A 41 -23.85 -13.29 -36.73
N ASP A 42 -23.54 -13.93 -37.86
CA ASP A 42 -22.21 -13.79 -38.49
C ASP A 42 -22.04 -12.34 -38.98
N SER A 43 -23.05 -11.76 -39.62
CA SER A 43 -22.95 -10.39 -40.19
C SER A 43 -22.82 -9.34 -39.07
N LEU A 44 -23.55 -9.52 -37.97
CA LEU A 44 -23.47 -8.62 -36.79
C LEU A 44 -22.05 -8.62 -36.19
N VAL A 45 -21.44 -9.80 -36.07
CA VAL A 45 -20.06 -9.94 -35.52
C VAL A 45 -19.08 -9.29 -36.49
N TYR A 46 -19.32 -9.45 -37.79
CA TYR A 46 -18.50 -8.82 -38.84
C TYR A 46 -18.64 -7.29 -38.75
N GLN A 47 -19.87 -6.81 -38.56
CA GLN A 47 -20.13 -5.36 -38.40
C GLN A 47 -19.49 -4.85 -37.10
N TYR A 48 -19.50 -5.64 -36.04
CA TYR A 48 -18.80 -5.30 -34.78
C TYR A 48 -17.29 -5.12 -35.06
N LEU A 49 -16.70 -6.02 -35.85
CA LEU A 49 -15.24 -5.97 -36.10
C LEU A 49 -14.89 -4.79 -37.01
N GLN A 50 -15.73 -4.43 -37.99
CA GLN A 50 -15.55 -3.20 -38.80
C GLN A 50 -15.44 -1.98 -37.89
N LYS A 51 -16.32 -1.90 -36.89
CA LYS A 51 -16.34 -0.80 -35.93
C LYS A 51 -15.06 -0.80 -35.10
N VAL A 52 -14.72 -1.94 -34.50
CA VAL A 52 -13.60 -2.05 -33.53
C VAL A 52 -12.24 -1.99 -34.25
N ASP A 53 -12.13 -2.57 -35.45
CA ASP A 53 -10.90 -2.49 -36.24
C ASP A 53 -10.65 -1.02 -36.67
N GLY A 54 -11.70 -0.32 -37.09
CA GLY A 54 -11.62 1.07 -37.55
C GLY A 54 -11.67 2.11 -36.44
N TRP A 55 -11.55 1.72 -35.16
CA TRP A 55 -11.25 2.67 -34.07
C TRP A 55 -9.91 3.37 -34.34
N GLU A 56 -9.83 4.65 -33.96
CA GLU A 56 -8.59 5.42 -34.02
C GLU A 56 -7.57 4.78 -33.06
N GLN A 57 -7.97 4.68 -31.80
CA GLN A 57 -7.10 4.23 -30.69
C GLN A 57 -7.44 2.77 -30.37
N ASP A 58 -6.52 1.85 -30.69
CA ASP A 58 -6.65 0.42 -30.32
C ASP A 58 -6.57 0.26 -28.80
N LEU A 59 -7.29 -0.76 -28.31
CA LEU A 59 -7.05 -1.31 -26.98
C LEU A 59 -5.96 -2.36 -27.13
N SER A 60 -4.72 -1.88 -27.04
CA SER A 60 -3.55 -2.71 -27.25
C SER A 60 -3.33 -3.58 -26.01
N VAL A 61 -2.88 -4.82 -26.22
CA VAL A 61 -2.51 -5.71 -25.14
C VAL A 61 -1.13 -5.28 -24.63
N PRO A 62 -0.90 -5.30 -23.29
CA PRO A 62 0.45 -5.19 -22.75
C PRO A 62 1.32 -6.35 -23.24
N GLU A 63 2.61 -6.10 -23.47
CA GLU A 63 3.55 -7.16 -23.85
C GLU A 63 3.75 -8.12 -22.67
N PHE A 64 4.01 -9.39 -22.98
CA PHE A 64 4.37 -10.38 -21.96
C PHE A 64 5.64 -9.90 -21.24
N PRO A 65 5.60 -9.73 -19.89
CA PRO A 65 6.79 -9.37 -19.11
C PRO A 65 8.02 -10.22 -19.46
N GLU A 66 9.21 -9.60 -19.50
CA GLU A 66 10.41 -10.34 -19.96
C GLU A 66 10.88 -11.28 -18.85
N GLY A 67 11.40 -12.44 -19.26
CA GLY A 67 12.02 -13.40 -18.35
C GLY A 67 11.03 -14.26 -17.56
N LEU A 68 9.73 -14.27 -17.93
CA LEU A 68 8.78 -15.28 -17.46
C LEU A 68 9.15 -16.62 -18.11
N GLU A 69 8.88 -17.71 -17.41
CA GLU A 69 9.14 -19.07 -17.92
C GLU A 69 8.00 -19.49 -18.85
N TRP A 70 8.35 -20.10 -20.00
CA TRP A 70 7.40 -20.53 -21.04
C TRP A 70 7.46 -22.06 -21.21
N LEU A 71 6.29 -22.68 -21.44
CA LEU A 71 6.18 -24.12 -21.71
C LEU A 71 5.48 -24.34 -23.06
N ASN A 72 5.76 -25.51 -23.64
CA ASN A 72 5.29 -25.97 -24.96
C ASN A 72 5.76 -25.03 -26.08
N THR A 73 6.94 -24.42 -25.93
CA THR A 73 7.58 -23.52 -26.93
C THR A 73 9.11 -23.62 -26.80
N GLU A 74 9.80 -23.23 -27.89
CA GLU A 74 11.26 -23.25 -27.97
C GLU A 74 11.83 -22.11 -27.11
N GLU A 75 11.49 -20.88 -27.48
CA GLU A 75 11.87 -19.66 -26.75
C GLU A 75 10.60 -18.99 -26.20
N PRO A 76 10.75 -17.87 -25.46
CA PRO A 76 9.60 -17.01 -25.17
C PRO A 76 8.88 -16.49 -26.43
N ILE A 77 7.61 -16.17 -26.22
CA ILE A 77 6.74 -15.55 -27.22
C ILE A 77 6.43 -14.12 -26.72
N SER A 78 6.42 -13.21 -27.69
CA SER A 78 6.06 -11.82 -27.51
C SER A 78 4.98 -11.48 -28.53
N VAL A 79 3.98 -10.72 -28.09
CA VAL A 79 2.80 -10.37 -28.91
C VAL A 79 3.27 -9.61 -30.16
N TYR A 80 4.18 -8.65 -29.99
CA TYR A 80 4.48 -7.64 -31.03
C TYR A 80 5.65 -8.03 -31.93
N LYS A 81 6.41 -9.11 -31.63
CA LYS A 81 7.48 -9.64 -32.54
C LYS A 81 7.04 -10.97 -33.19
N ASP A 82 6.34 -11.83 -32.45
CA ASP A 82 6.07 -13.24 -32.85
C ASP A 82 4.59 -13.49 -33.21
N LEU A 83 3.62 -12.67 -32.74
CA LEU A 83 2.16 -12.87 -32.95
C LEU A 83 1.53 -11.77 -33.83
N CYS A 84 2.32 -10.96 -34.54
CA CYS A 84 1.78 -10.14 -35.63
C CYS A 84 1.25 -11.06 -36.74
N GLY A 85 0.15 -10.67 -37.36
CA GLY A 85 -0.47 -11.42 -38.45
C GLY A 85 -1.28 -12.62 -37.99
N LYS A 86 -1.67 -12.66 -36.71
CA LYS A 86 -2.35 -13.78 -36.08
C LYS A 86 -3.55 -13.28 -35.25
N ILE A 87 -4.65 -14.03 -35.27
CA ILE A 87 -5.65 -13.96 -34.20
C ILE A 87 -5.08 -14.75 -33.01
N VAL A 88 -5.21 -14.19 -31.80
CA VAL A 88 -4.63 -14.79 -30.60
C VAL A 88 -5.74 -14.91 -29.55
N VAL A 89 -5.86 -16.08 -28.93
CA VAL A 89 -6.74 -16.29 -27.77
C VAL A 89 -5.85 -16.43 -26.54
N LEU A 90 -5.91 -15.45 -25.62
CA LEU A 90 -5.29 -15.56 -24.31
C LEU A 90 -6.28 -16.28 -23.38
N ASP A 91 -5.79 -17.26 -22.62
CA ASP A 91 -6.55 -18.00 -21.63
C ASP A 91 -5.92 -17.70 -20.27
N PHE A 92 -6.56 -16.80 -19.52
CA PHE A 92 -6.18 -16.54 -18.14
C PHE A 92 -6.75 -17.65 -17.28
N PHE A 93 -5.87 -18.50 -16.76
CA PHE A 93 -6.30 -19.73 -16.12
C PHE A 93 -5.33 -20.13 -14.98
N THR A 94 -5.75 -21.14 -14.24
CA THR A 94 -4.95 -21.79 -13.20
C THR A 94 -5.46 -23.23 -13.07
N TYR A 95 -4.55 -24.19 -12.86
CA TYR A 95 -4.88 -25.62 -13.00
C TYR A 95 -5.70 -26.14 -11.82
N CYS A 96 -5.71 -25.46 -10.68
CA CYS A 96 -6.55 -25.87 -9.51
C CYS A 96 -8.05 -25.77 -9.85
N CYS A 97 -8.42 -24.73 -10.62
CA CYS A 97 -9.83 -24.36 -10.81
C CYS A 97 -10.50 -25.33 -11.78
N ILE A 98 -11.62 -25.91 -11.33
CA ILE A 98 -12.41 -26.87 -12.17
C ILE A 98 -13.05 -26.12 -13.35
N ASN A 99 -13.35 -24.83 -13.20
CA ASN A 99 -13.93 -23.99 -14.28
C ASN A 99 -12.93 -23.86 -15.43
N CYS A 100 -11.64 -23.69 -15.10
CA CYS A 100 -10.57 -23.67 -16.11
C CYS A 100 -10.40 -25.08 -16.73
N ILE A 101 -10.49 -26.14 -15.93
CA ILE A 101 -10.34 -27.51 -16.42
C ILE A 101 -11.44 -27.81 -17.45
N HIS A 102 -12.69 -27.42 -17.15
CA HIS A 102 -13.84 -27.62 -18.08
C HIS A 102 -13.64 -26.88 -19.41
N LEU A 103 -12.97 -25.73 -19.41
CA LEU A 103 -12.71 -24.94 -20.64
C LEU A 103 -11.70 -25.64 -21.56
N LEU A 104 -10.81 -26.47 -21.03
CA LEU A 104 -9.66 -27.00 -21.82
C LEU A 104 -10.12 -27.84 -23.03
N PRO A 105 -11.17 -28.69 -22.91
CA PRO A 105 -11.74 -29.38 -24.09
C PRO A 105 -12.20 -28.45 -25.23
N ASP A 106 -12.71 -27.26 -24.88
CA ASP A 106 -13.21 -26.29 -25.86
C ASP A 106 -12.03 -25.64 -26.60
N LEU A 107 -10.92 -25.35 -25.89
CA LEU A 107 -9.69 -24.81 -26.50
C LEU A 107 -8.99 -25.86 -27.38
N HIS A 108 -8.99 -27.11 -26.91
CA HIS A 108 -8.43 -28.27 -27.66
C HIS A 108 -9.15 -28.41 -29.01
N ALA A 109 -10.49 -28.38 -29.00
CA ALA A 109 -11.33 -28.46 -30.22
C ALA A 109 -11.10 -27.25 -31.13
N LEU A 110 -10.83 -26.06 -30.56
CA LEU A 110 -10.52 -24.87 -31.37
C LEU A 110 -9.15 -25.01 -32.06
N GLU A 111 -8.14 -25.45 -31.31
CA GLU A 111 -6.77 -25.67 -31.84
C GLU A 111 -6.79 -26.70 -32.98
N HIS A 112 -7.54 -27.78 -32.83
CA HIS A 112 -7.73 -28.79 -33.90
C HIS A 112 -8.41 -28.15 -35.14
N THR A 113 -9.36 -27.23 -34.94
CA THR A 113 -10.06 -26.55 -36.05
C THR A 113 -9.15 -25.55 -36.77
N TYR A 114 -8.39 -24.75 -36.02
CA TYR A 114 -7.58 -23.65 -36.56
C TYR A 114 -6.16 -23.76 -36.03
N SER A 115 -5.23 -24.14 -36.91
CA SER A 115 -3.78 -24.24 -36.58
C SER A 115 -3.14 -22.84 -36.56
N ASP A 116 -1.87 -22.84 -36.19
CA ASP A 116 -0.93 -21.71 -36.39
C ASP A 116 -0.91 -21.25 -37.87
N LYS A 117 -0.97 -22.19 -38.82
CA LYS A 117 -0.95 -21.87 -40.25
C LYS A 117 -2.22 -21.09 -40.64
N ASP A 118 -3.36 -21.47 -40.07
CA ASP A 118 -4.66 -20.85 -40.40
C ASP A 118 -4.80 -19.45 -39.78
N GLY A 119 -3.95 -19.09 -38.82
CA GLY A 119 -3.86 -17.71 -38.27
C GLY A 119 -4.30 -17.59 -36.82
N LEU A 120 -4.45 -18.71 -36.10
CA LEU A 120 -4.84 -18.71 -34.71
C LEU A 120 -3.73 -19.36 -33.88
N LEU A 121 -3.36 -18.67 -32.79
CA LEU A 121 -2.63 -19.31 -31.70
C LEU A 121 -3.38 -19.04 -30.40
N ILE A 122 -3.40 -20.04 -29.53
CA ILE A 122 -3.92 -19.96 -28.16
C ILE A 122 -2.70 -19.91 -27.22
N ILE A 123 -2.69 -18.98 -26.28
CA ILE A 123 -1.64 -18.86 -25.25
C ILE A 123 -2.32 -18.98 -23.89
N GLY A 124 -1.89 -19.94 -23.07
CA GLY A 124 -2.30 -20.03 -21.69
C GLY A 124 -1.48 -19.08 -20.84
N VAL A 125 -2.13 -18.05 -20.33
CA VAL A 125 -1.50 -17.12 -19.40
C VAL A 125 -1.82 -17.64 -17.98
N HIS A 126 -1.02 -18.61 -17.54
CA HIS A 126 -1.18 -19.21 -16.20
C HIS A 126 -1.00 -18.14 -15.12
N SER A 127 -2.10 -17.81 -14.46
CA SER A 127 -2.17 -16.74 -13.45
C SER A 127 -2.59 -17.36 -12.12
N ALA A 128 -1.62 -17.74 -11.29
CA ALA A 128 -1.87 -18.61 -10.14
C ALA A 128 -2.80 -17.96 -9.11
N LYS A 129 -3.69 -18.79 -8.54
CA LYS A 129 -4.49 -18.48 -7.33
C LYS A 129 -3.65 -18.74 -6.07
N PHE A 130 -3.15 -19.99 -6.00
CA PHE A 130 -2.42 -20.50 -4.84
C PHE A 130 -0.90 -20.32 -5.03
N PRO A 131 -0.13 -20.14 -3.93
CA PRO A 131 1.36 -20.13 -3.91
C PRO A 131 2.06 -21.32 -4.59
N ASN A 132 1.55 -22.53 -4.35
CA ASN A 132 2.11 -23.78 -4.89
C ASN A 132 2.11 -23.81 -6.44
N GLU A 133 1.11 -23.18 -7.07
CA GLU A 133 0.95 -23.21 -8.54
C GLU A 133 1.93 -22.25 -9.22
N LYS A 134 2.57 -21.33 -8.47
CA LYS A 134 3.64 -20.44 -8.99
C LYS A 134 4.93 -21.21 -9.35
N VAL A 135 5.13 -22.41 -8.79
CA VAL A 135 6.34 -23.23 -9.02
C VAL A 135 6.24 -23.89 -10.40
N LEU A 136 7.23 -23.66 -11.26
CA LEU A 136 7.18 -24.07 -12.68
C LEU A 136 6.96 -25.59 -12.80
N ASP A 137 7.63 -26.37 -11.96
CA ASP A 137 7.60 -27.86 -12.07
C ASP A 137 6.19 -28.40 -11.74
N ASN A 138 5.44 -27.68 -10.88
CA ASN A 138 4.05 -28.03 -10.55
C ASN A 138 3.09 -27.62 -11.68
N ILE A 139 3.42 -26.57 -12.46
CA ILE A 139 2.66 -26.25 -13.73
C ILE A 139 3.01 -27.29 -14.80
N LYS A 140 4.28 -27.69 -14.88
CA LYS A 140 4.78 -28.67 -15.87
C LYS A 140 4.08 -30.03 -15.70
N SER A 141 3.85 -30.44 -14.44
CA SER A 141 3.08 -31.65 -14.08
C SER A 141 1.62 -31.54 -14.55
N ALA A 142 1.00 -30.40 -14.23
CA ALA A 142 -0.41 -30.10 -14.56
C ALA A 142 -0.64 -30.11 -16.08
N VAL A 143 0.33 -29.57 -16.83
CA VAL A 143 0.33 -29.59 -18.30
C VAL A 143 0.23 -31.05 -18.79
N LEU A 144 1.05 -31.95 -18.23
CA LEU A 144 1.01 -33.38 -18.62
C LEU A 144 -0.28 -34.05 -18.14
N ARG A 145 -0.75 -33.72 -16.92
CA ARG A 145 -1.99 -34.30 -16.34
C ARG A 145 -3.20 -33.95 -17.21
N TYR A 146 -3.35 -32.68 -17.57
CA TYR A 146 -4.51 -32.20 -18.32
C TYR A 146 -4.23 -32.16 -19.83
N ASN A 147 -3.02 -32.51 -20.30
CA ASN A 147 -2.68 -32.70 -21.74
C ASN A 147 -2.89 -31.36 -22.51
N ILE A 148 -2.25 -30.30 -22.01
CA ILE A 148 -2.31 -28.98 -22.65
C ILE A 148 -1.16 -28.88 -23.68
N THR A 149 -1.51 -28.85 -24.97
CA THR A 149 -0.53 -28.88 -26.07
C THR A 149 -0.44 -27.51 -26.77
N HIS A 150 -0.77 -26.41 -26.08
CA HIS A 150 -0.62 -25.03 -26.64
C HIS A 150 0.35 -24.25 -25.75
N PRO A 151 0.96 -23.15 -26.27
CA PRO A 151 1.91 -22.32 -25.50
C PRO A 151 1.39 -21.83 -24.15
N MET A 152 2.30 -21.73 -23.17
CA MET A 152 1.99 -21.55 -21.74
C MET A 152 3.01 -20.60 -21.11
N VAL A 153 2.57 -19.59 -20.37
CA VAL A 153 3.48 -18.64 -19.72
C VAL A 153 3.13 -18.60 -18.22
N ASN A 154 4.16 -18.71 -17.38
CA ASN A 154 4.01 -18.70 -15.93
C ASN A 154 4.07 -17.24 -15.48
N ASP A 155 2.93 -16.57 -15.63
CA ASP A 155 2.72 -15.21 -15.13
C ASP A 155 2.29 -15.34 -13.66
N ALA A 156 3.27 -15.66 -12.81
CA ALA A 156 3.03 -16.10 -11.41
C ALA A 156 2.59 -14.93 -10.52
N ASP A 157 3.13 -13.74 -10.77
CA ASP A 157 2.71 -12.51 -10.06
C ASP A 157 1.37 -11.99 -10.62
N ALA A 158 0.96 -12.48 -11.80
CA ALA A 158 -0.30 -12.11 -12.47
C ALA A 158 -0.27 -10.62 -12.86
N SER A 159 0.77 -10.25 -13.59
CA SER A 159 1.00 -8.88 -14.07
C SER A 159 0.01 -8.53 -15.19
N LEU A 160 -0.11 -9.41 -16.18
CA LEU A 160 -0.98 -9.21 -17.36
C LEU A 160 -2.46 -9.15 -16.93
N TRP A 161 -2.84 -10.06 -16.02
CA TRP A 161 -4.15 -10.10 -15.35
C TRP A 161 -4.50 -8.76 -14.72
N GLN A 162 -3.60 -8.26 -13.86
CA GLN A 162 -3.82 -7.02 -13.09
C GLN A 162 -3.83 -5.79 -14.02
N GLU A 163 -3.00 -5.75 -15.05
CA GLU A 163 -3.00 -4.64 -16.03
C GLU A 163 -4.32 -4.61 -16.82
N LEU A 164 -4.85 -5.78 -17.21
CA LEU A 164 -6.12 -5.88 -18.01
C LEU A 164 -7.36 -5.75 -17.11
N GLU A 165 -7.20 -5.88 -15.78
CA GLU A 165 -8.33 -5.96 -14.82
C GLU A 165 -9.21 -7.17 -15.17
N VAL A 166 -8.56 -8.33 -15.28
CA VAL A 166 -9.25 -9.64 -15.30
C VAL A 166 -9.73 -9.90 -13.86
N SER A 167 -10.90 -10.50 -13.70
CA SER A 167 -11.53 -10.69 -12.37
C SER A 167 -12.10 -12.10 -12.19
N CYS A 168 -11.85 -13.06 -13.11
CA CYS A 168 -12.55 -14.34 -13.13
C CYS A 168 -11.69 -15.41 -13.80
N TRP A 169 -11.66 -16.60 -13.19
CA TRP A 169 -11.04 -17.82 -13.71
C TRP A 169 -12.10 -18.71 -14.37
N PRO A 170 -12.05 -19.01 -15.68
CA PRO A 170 -11.12 -18.46 -16.71
C PRO A 170 -11.67 -17.20 -17.37
N THR A 171 -10.78 -16.40 -17.96
CA THR A 171 -11.14 -15.31 -18.89
C THR A 171 -10.40 -15.57 -20.22
N LEU A 172 -11.15 -15.57 -21.32
CA LEU A 172 -10.58 -15.55 -22.69
C LEU A 172 -10.56 -14.10 -23.19
N VAL A 173 -9.46 -13.75 -23.87
CA VAL A 173 -9.28 -12.44 -24.50
C VAL A 173 -8.77 -12.70 -25.93
N ILE A 174 -9.59 -12.38 -26.93
CA ILE A 174 -9.26 -12.61 -28.34
C ILE A 174 -8.64 -11.31 -28.90
N LEU A 175 -7.44 -11.43 -29.48
CA LEU A 175 -6.68 -10.32 -30.07
C LEU A 175 -6.75 -10.42 -31.60
N GLY A 176 -6.71 -9.26 -32.26
CA GLY A 176 -6.46 -9.18 -33.69
C GLY A 176 -4.97 -9.24 -34.03
N PRO A 177 -4.63 -9.16 -35.33
CA PRO A 177 -3.23 -9.23 -35.83
C PRO A 177 -2.23 -8.16 -35.35
N ARG A 178 -2.65 -7.07 -34.70
CA ARG A 178 -1.71 -6.03 -34.15
C ARG A 178 -1.87 -5.93 -32.62
N GLY A 179 -2.28 -7.03 -31.97
CA GLY A 179 -2.50 -7.07 -30.52
C GLY A 179 -3.68 -6.23 -30.05
N ASN A 180 -4.59 -5.90 -30.96
CA ASN A 180 -5.77 -5.08 -30.64
C ASN A 180 -6.81 -6.02 -30.03
N MET A 181 -7.27 -5.72 -28.82
CA MET A 181 -8.26 -6.55 -28.13
C MET A 181 -9.62 -6.40 -28.83
N LEU A 182 -10.25 -7.55 -29.12
CA LEU A 182 -11.48 -7.63 -29.92
C LEU A 182 -12.67 -8.07 -29.06
N PHE A 183 -12.47 -9.15 -28.27
CA PHE A 183 -13.51 -9.70 -27.40
C PHE A 183 -12.89 -10.19 -26.09
N SER A 184 -13.70 -10.23 -25.04
CA SER A 184 -13.40 -11.02 -23.84
C SER A 184 -14.61 -11.91 -23.52
N LEU A 185 -14.36 -13.17 -23.19
CA LEU A 185 -15.38 -14.10 -22.70
C LEU A 185 -15.00 -14.55 -21.29
N ILE A 186 -15.88 -14.22 -20.35
CA ILE A 186 -15.65 -14.45 -18.94
C ILE A 186 -16.26 -15.82 -18.63
N GLY A 187 -15.47 -16.69 -18.00
CA GLY A 187 -15.91 -17.96 -17.46
C GLY A 187 -16.01 -19.06 -18.52
N GLU A 188 -16.80 -20.07 -18.15
CA GLU A 188 -16.75 -21.43 -18.69
C GLU A 188 -17.95 -21.60 -19.64
N GLY A 189 -17.79 -22.46 -20.64
CA GLY A 189 -18.90 -22.95 -21.43
C GLY A 189 -19.48 -21.91 -22.38
N HIS A 190 -18.62 -21.04 -22.93
CA HIS A 190 -18.97 -20.11 -24.02
C HIS A 190 -18.31 -20.60 -25.32
N LYS A 191 -18.53 -21.89 -25.63
CA LYS A 191 -17.93 -22.54 -26.80
C LYS A 191 -18.57 -21.99 -28.07
N ASP A 192 -19.90 -21.81 -28.10
CA ASP A 192 -20.64 -21.19 -29.23
C ASP A 192 -19.99 -19.85 -29.63
N LYS A 193 -19.70 -19.02 -28.64
CA LYS A 193 -19.20 -17.65 -28.84
C LYS A 193 -17.71 -17.67 -29.16
N LEU A 194 -16.93 -18.53 -28.48
CA LEU A 194 -15.48 -18.71 -28.77
C LEU A 194 -15.26 -19.04 -30.25
N PHE A 195 -16.09 -19.92 -30.81
CA PHE A 195 -16.03 -20.30 -32.23
C PHE A 195 -16.56 -19.15 -33.12
N LEU A 196 -17.73 -18.59 -32.79
CA LEU A 196 -18.31 -17.49 -33.57
C LEU A 196 -17.33 -16.31 -33.66
N TYR A 197 -16.73 -15.93 -32.54
CA TYR A 197 -15.85 -14.76 -32.46
C TYR A 197 -14.52 -15.03 -33.18
N THR A 198 -13.86 -16.18 -32.93
CA THR A 198 -12.53 -16.45 -33.54
C THR A 198 -12.70 -16.76 -35.03
N SER A 199 -13.77 -17.46 -35.44
CA SER A 199 -13.98 -17.80 -36.87
C SER A 199 -14.23 -16.53 -37.68
N ILE A 200 -15.06 -15.63 -37.17
CA ILE A 200 -15.42 -14.37 -37.87
C ILE A 200 -14.28 -13.34 -37.71
N ALA A 201 -13.45 -13.43 -36.66
CA ALA A 201 -12.23 -12.61 -36.54
C ALA A 201 -11.20 -13.02 -37.60
N LEU A 202 -11.03 -14.33 -37.84
CA LEU A 202 -10.12 -14.85 -38.89
C LEU A 202 -10.64 -14.43 -40.26
N LYS A 203 -11.93 -14.64 -40.49
CA LYS A 203 -12.61 -14.30 -41.75
C LYS A 203 -12.35 -12.84 -42.09
N TYR A 204 -12.57 -11.94 -41.13
CA TYR A 204 -12.47 -10.48 -41.33
C TYR A 204 -11.04 -10.07 -41.73
N TYR A 205 -10.06 -10.42 -40.90
CA TYR A 205 -8.65 -9.99 -41.10
C TYR A 205 -8.00 -10.73 -42.29
N LYS A 206 -8.52 -11.88 -42.72
CA LYS A 206 -8.10 -12.53 -43.99
C LYS A 206 -8.66 -11.78 -45.20
N ASP A 207 -9.88 -11.23 -45.11
CA ASP A 207 -10.46 -10.38 -46.17
C ASP A 207 -9.69 -9.05 -46.30
N ARG A 208 -9.08 -8.56 -45.20
CA ARG A 208 -8.22 -7.36 -45.21
C ARG A 208 -6.77 -7.70 -45.62
N GLY A 209 -6.40 -8.99 -45.65
CA GLY A 209 -5.07 -9.45 -46.05
C GLY A 209 -4.02 -9.26 -44.96
N GLN A 210 -4.45 -9.39 -43.69
CA GLN A 210 -3.62 -9.06 -42.52
C GLN A 210 -3.31 -10.33 -41.71
N ILE A 211 -3.58 -11.54 -42.22
CA ILE A 211 -3.31 -12.81 -41.49
C ILE A 211 -2.26 -13.61 -42.25
N ARG A 212 -1.05 -13.66 -41.71
CA ARG A 212 0.09 -14.45 -42.23
C ARG A 212 -0.19 -15.93 -42.02
N ASP A 213 0.53 -16.75 -42.79
CA ASP A 213 0.41 -18.22 -42.78
C ASP A 213 1.69 -18.86 -42.21
N ASN A 214 2.55 -18.09 -41.51
CA ASN A 214 3.81 -18.59 -40.97
C ASN A 214 3.55 -19.50 -39.76
N LYS A 215 4.52 -20.39 -39.48
CA LYS A 215 4.46 -21.29 -38.31
C LYS A 215 4.93 -20.53 -37.06
N ILE A 216 4.58 -21.07 -35.90
CA ILE A 216 5.18 -20.72 -34.59
C ILE A 216 5.74 -22.05 -34.04
N GLY A 217 6.92 -22.00 -33.41
CA GLY A 217 7.58 -23.22 -32.89
C GLY A 217 6.94 -23.70 -31.58
N ILE A 218 6.54 -24.98 -31.53
CA ILE A 218 5.94 -25.57 -30.31
C ILE A 218 6.56 -26.96 -30.03
N LYS A 219 6.43 -27.38 -28.77
CA LYS A 219 7.05 -28.59 -28.19
C LYS A 219 6.12 -29.16 -27.10
N PRO A 226 8.72 -41.00 -19.44
CA PRO A 226 9.34 -42.22 -18.90
C PRO A 226 8.28 -43.24 -18.46
N PRO A 227 8.26 -44.46 -19.06
CA PRO A 227 7.40 -45.57 -18.56
C PRO A 227 7.69 -46.01 -17.11
N SER A 228 7.06 -45.30 -16.17
CA SER A 228 6.82 -45.76 -14.75
C SER A 228 5.54 -46.60 -14.69
N PRO A 229 5.33 -47.41 -13.61
CA PRO A 229 4.12 -48.26 -13.49
C PRO A 229 2.83 -47.46 -13.24
N LEU A 230 2.88 -46.46 -12.36
CA LEU A 230 1.80 -45.47 -12.18
C LEU A 230 2.19 -44.15 -12.85
N LEU A 231 1.17 -43.37 -13.21
CA LEU A 231 1.34 -42.04 -13.83
C LEU A 231 0.24 -41.12 -13.27
N PHE A 232 0.62 -40.21 -12.40
CA PHE A 232 -0.26 -39.23 -11.76
C PHE A 232 -1.48 -39.92 -11.12
N PRO A 233 -1.24 -40.90 -10.22
CA PRO A 233 -2.35 -41.58 -9.53
C PRO A 233 -3.13 -40.57 -8.66
N GLY A 234 -4.41 -40.41 -8.97
CA GLY A 234 -5.26 -39.43 -8.31
C GLY A 234 -5.68 -39.87 -6.92
N LYS A 235 -6.10 -41.12 -6.79
CA LYS A 235 -6.78 -41.60 -5.58
C LYS A 235 -6.44 -43.08 -5.33
N VAL A 236 -6.64 -43.46 -4.07
CA VAL A 236 -6.48 -44.85 -3.63
C VAL A 236 -7.51 -45.13 -2.53
N THR A 237 -7.93 -46.40 -2.42
CA THR A 237 -8.80 -46.90 -1.34
C THR A 237 -8.41 -48.34 -0.97
N VAL A 238 -8.94 -48.83 0.15
CA VAL A 238 -8.57 -50.17 0.72
C VAL A 238 -9.85 -50.97 1.01
N ASP A 239 -9.87 -52.22 0.53
CA ASP A 239 -10.97 -53.16 0.86
C ASP A 239 -10.84 -53.53 2.35
N GLN A 240 -11.93 -53.42 3.10
CA GLN A 240 -11.92 -53.66 4.57
C GLN A 240 -11.76 -55.16 4.88
N VAL A 241 -12.35 -56.03 4.05
CA VAL A 241 -12.38 -57.49 4.28
C VAL A 241 -11.04 -58.12 3.88
N THR A 242 -10.56 -57.82 2.67
CA THR A 242 -9.44 -58.56 2.00
C THR A 242 -8.16 -57.71 1.93
N ASP A 243 -8.19 -56.43 2.32
CA ASP A 243 -6.98 -55.55 2.47
C ASP A 243 -6.24 -55.37 1.13
N ARG A 244 -6.97 -55.45 0.01
CA ARG A 244 -6.45 -55.11 -1.33
C ARG A 244 -6.59 -53.60 -1.53
N LEU A 245 -5.77 -53.05 -2.40
CA LEU A 245 -5.87 -51.63 -2.79
C LEU A 245 -6.53 -51.53 -4.17
N VAL A 246 -7.41 -50.53 -4.30
CA VAL A 246 -7.88 -50.05 -5.60
C VAL A 246 -7.19 -48.69 -5.83
N ILE A 247 -6.39 -48.60 -6.89
CA ILE A 247 -5.66 -47.38 -7.25
C ILE A 247 -6.25 -46.86 -8.57
N ALA A 248 -6.69 -45.60 -8.55
CA ALA A 248 -7.00 -44.87 -9.78
C ALA A 248 -5.70 -44.31 -10.36
N ASP A 249 -5.20 -44.95 -11.42
CA ASP A 249 -3.98 -44.54 -12.12
C ASP A 249 -4.41 -43.58 -13.24
N THR A 250 -4.75 -42.35 -12.81
CA THR A 250 -5.44 -41.31 -13.59
C THR A 250 -4.72 -41.01 -14.92
N GLY A 251 -3.39 -40.92 -14.90
CA GLY A 251 -2.60 -40.59 -16.10
C GLY A 251 -2.56 -41.71 -17.13
N HIS A 252 -2.69 -42.97 -16.70
CA HIS A 252 -2.80 -44.12 -17.64
C HIS A 252 -4.28 -44.43 -17.97
N HIS A 253 -5.24 -43.67 -17.44
CA HIS A 253 -6.67 -43.81 -17.72
C HIS A 253 -7.11 -45.24 -17.41
N ARG A 254 -6.74 -45.74 -16.22
CA ARG A 254 -7.02 -47.12 -15.82
C ARG A 254 -7.16 -47.25 -14.29
N ILE A 255 -7.80 -48.35 -13.89
CA ILE A 255 -7.94 -48.78 -12.50
C ILE A 255 -7.04 -50.00 -12.29
N LEU A 256 -6.35 -50.04 -11.13
CA LEU A 256 -5.56 -51.21 -10.70
C LEU A 256 -6.17 -51.80 -9.43
N VAL A 257 -6.37 -53.11 -9.41
CA VAL A 257 -6.64 -53.87 -8.18
C VAL A 257 -5.36 -54.63 -7.81
N VAL A 258 -4.78 -54.30 -6.65
CA VAL A 258 -3.43 -54.77 -6.23
C VAL A 258 -3.56 -55.40 -4.84
N TRP A 259 -2.84 -56.52 -4.62
CA TRP A 259 -2.77 -57.18 -3.29
C TRP A 259 -1.95 -56.30 -2.33
N LYS A 260 -2.05 -56.59 -1.03
CA LYS A 260 -1.41 -55.77 0.03
C LYS A 260 0.11 -55.72 -0.13
N ASN A 261 0.73 -56.83 -0.57
CA ASN A 261 2.20 -56.91 -0.80
C ASN A 261 2.63 -56.16 -2.08
N GLY A 262 1.67 -55.82 -2.95
CA GLY A 262 1.91 -54.96 -4.11
C GLY A 262 1.77 -55.67 -5.46
N GLN A 263 1.41 -56.97 -5.48
CA GLN A 263 1.20 -57.72 -6.73
C GLN A 263 -0.12 -57.27 -7.35
N ILE A 264 -0.13 -57.04 -8.68
CA ILE A 264 -1.32 -56.56 -9.40
C ILE A 264 -2.21 -57.77 -9.70
N GLN A 265 -3.46 -57.71 -9.24
CA GLN A 265 -4.48 -58.73 -9.53
C GLN A 265 -5.13 -58.43 -10.89
N TYR A 266 -5.67 -57.22 -11.06
CA TYR A 266 -6.33 -56.78 -12.28
C TYR A 266 -5.82 -55.40 -12.71
N SER A 267 -5.56 -55.24 -14.01
CA SER A 267 -5.42 -53.93 -14.66
C SER A 267 -6.61 -53.72 -15.60
N ILE A 268 -7.35 -52.63 -15.39
CA ILE A 268 -8.62 -52.36 -16.10
C ILE A 268 -8.53 -50.96 -16.71
N GLY A 269 -8.31 -50.91 -18.01
CA GLY A 269 -8.33 -49.69 -18.80
C GLY A 269 -6.98 -49.32 -19.38
N GLY A 270 -7.00 -48.32 -20.24
CA GLY A 270 -5.79 -47.70 -20.74
C GLY A 270 -5.18 -48.45 -21.92
N PRO A 271 -4.08 -47.94 -22.48
CA PRO A 271 -3.43 -46.69 -22.06
C PRO A 271 -4.16 -45.41 -22.47
N ASN A 272 -5.16 -45.47 -23.37
CA ASN A 272 -5.82 -44.29 -23.94
C ASN A 272 -7.14 -44.01 -23.23
N PRO A 273 -7.63 -42.74 -23.32
CA PRO A 273 -8.97 -42.35 -22.85
C PRO A 273 -10.10 -43.16 -23.52
N GLY A 274 -11.25 -43.20 -22.85
CA GLY A 274 -12.44 -43.80 -23.45
C GLY A 274 -13.59 -43.92 -22.45
N ARG A 275 -14.67 -44.52 -22.95
CA ARG A 275 -15.94 -44.67 -22.24
C ARG A 275 -16.50 -46.10 -22.44
N LYS A 276 -15.66 -47.07 -22.84
CA LYS A 276 -16.10 -48.39 -23.32
C LYS A 276 -16.33 -49.32 -22.12
N ASP A 277 -17.47 -49.98 -22.11
CA ASP A 277 -17.88 -50.95 -21.07
C ASP A 277 -17.63 -52.37 -21.61
N GLY A 278 -17.86 -53.37 -20.75
CA GLY A 278 -17.70 -54.80 -21.08
C GLY A 278 -16.53 -55.43 -20.35
N ILE A 279 -15.80 -56.33 -21.02
CA ILE A 279 -14.67 -57.09 -20.40
C ILE A 279 -13.47 -56.14 -20.16
N PHE A 280 -12.48 -56.62 -19.40
CA PHE A 280 -11.41 -55.75 -18.86
C PHE A 280 -10.37 -55.37 -19.95
N SER A 281 -10.14 -56.25 -20.94
CA SER A 281 -9.34 -55.87 -22.13
C SER A 281 -10.06 -54.80 -23.00
N GLU A 282 -11.39 -54.80 -22.96
CA GLU A 282 -12.30 -53.91 -23.73
C GLU A 282 -12.42 -52.54 -23.06
N SER A 283 -12.43 -52.51 -21.71
CA SER A 283 -12.88 -51.34 -20.94
C SER A 283 -11.90 -50.17 -21.06
N THR A 284 -12.43 -48.95 -20.92
CA THR A 284 -11.63 -47.70 -20.99
C THR A 284 -12.26 -46.63 -20.09
N PHE A 285 -11.40 -45.82 -19.48
CA PHE A 285 -11.76 -44.73 -18.60
C PHE A 285 -11.17 -43.44 -19.15
N ASN A 286 -11.41 -42.32 -18.47
CA ASN A 286 -10.92 -41.02 -18.91
C ASN A 286 -10.57 -40.20 -17.66
N SER A 287 -9.34 -40.39 -17.17
CA SER A 287 -8.80 -39.69 -16.02
C SER A 287 -9.69 -39.95 -14.80
N PRO A 288 -9.79 -41.22 -14.38
CA PRO A 288 -10.57 -41.56 -13.20
C PRO A 288 -9.88 -41.07 -11.92
N GLN A 289 -10.68 -40.59 -10.95
CA GLN A 289 -10.22 -40.15 -9.62
C GLN A 289 -10.83 -41.09 -8.58
N GLY A 290 -11.96 -40.76 -7.97
CA GLY A 290 -12.52 -41.52 -6.84
C GLY A 290 -12.67 -43.01 -7.12
N VAL A 291 -12.27 -43.83 -6.15
CA VAL A 291 -12.54 -45.28 -6.16
C VAL A 291 -13.02 -45.70 -4.76
N ALA A 292 -14.04 -46.56 -4.73
CA ALA A 292 -14.60 -47.20 -3.53
C ALA A 292 -14.84 -48.69 -3.80
N ILE A 293 -14.82 -49.54 -2.77
CA ILE A 293 -14.97 -51.01 -2.95
C ILE A 293 -15.74 -51.61 -1.75
N MET A 294 -16.55 -52.63 -2.06
CA MET A 294 -17.32 -53.44 -1.08
C MET A 294 -17.92 -54.65 -1.80
N ASN A 295 -17.70 -55.86 -1.28
CA ASN A 295 -18.30 -57.13 -1.80
C ASN A 295 -17.91 -57.34 -3.28
N ASN A 296 -16.63 -57.11 -3.60
CA ASN A 296 -16.06 -57.29 -4.96
C ASN A 296 -16.67 -56.31 -6.00
N ILE A 297 -17.35 -55.23 -5.60
CA ILE A 297 -17.94 -54.22 -6.52
C ILE A 297 -17.20 -52.89 -6.28
N ILE A 298 -16.44 -52.44 -7.28
CA ILE A 298 -15.77 -51.12 -7.28
C ILE A 298 -16.69 -50.13 -8.01
N TYR A 299 -16.91 -48.96 -7.39
CA TYR A 299 -17.46 -47.80 -8.10
C TYR A 299 -16.33 -46.78 -8.33
N VAL A 300 -16.26 -46.27 -9.56
CA VAL A 300 -15.24 -45.35 -10.03
C VAL A 300 -15.93 -44.02 -10.38
N ALA A 301 -15.40 -42.91 -9.88
CA ALA A 301 -15.74 -41.56 -10.41
C ALA A 301 -14.86 -41.26 -11.63
N ASP A 302 -15.44 -41.49 -12.82
CA ASP A 302 -14.71 -41.40 -14.11
C ASP A 302 -14.80 -39.94 -14.59
N THR A 303 -13.87 -39.13 -14.08
CA THR A 303 -14.06 -37.67 -13.89
C THR A 303 -14.21 -36.93 -15.24
N GLU A 304 -13.29 -37.08 -16.17
CA GLU A 304 -13.36 -36.29 -17.43
C GLU A 304 -14.42 -36.87 -18.38
N ASN A 305 -14.87 -38.12 -18.16
CA ASN A 305 -16.06 -38.68 -18.84
C ASN A 305 -17.38 -38.16 -18.22
N HIS A 306 -17.35 -37.58 -17.02
CA HIS A 306 -18.55 -37.17 -16.30
C HIS A 306 -19.48 -38.38 -16.15
N LEU A 307 -18.88 -39.49 -15.70
CA LEU A 307 -19.57 -40.78 -15.48
C LEU A 307 -19.16 -41.36 -14.12
N ILE A 308 -20.10 -42.08 -13.50
CA ILE A 308 -19.78 -43.12 -12.50
C ILE A 308 -19.77 -44.46 -13.24
N ARG A 309 -18.68 -45.22 -13.09
CA ARG A 309 -18.56 -46.57 -13.64
C ARG A 309 -18.64 -47.58 -12.50
N LYS A 310 -18.95 -48.82 -12.87
CA LYS A 310 -19.02 -49.97 -11.95
C LYS A 310 -18.07 -51.04 -12.47
N ILE A 311 -17.15 -51.54 -11.63
CA ILE A 311 -16.37 -52.75 -11.93
C ILE A 311 -16.90 -53.88 -11.03
N ASP A 312 -17.42 -54.93 -11.66
CA ASP A 312 -17.81 -56.19 -11.00
C ASP A 312 -16.60 -57.14 -11.06
N LEU A 313 -15.95 -57.42 -9.93
CA LEU A 313 -14.71 -58.25 -9.91
C LEU A 313 -15.06 -59.75 -9.96
N GLU A 314 -16.23 -60.15 -9.44
CA GLU A 314 -16.73 -61.55 -9.58
C GLU A 314 -17.02 -61.85 -11.05
N ALA A 315 -17.90 -61.05 -11.66
CA ALA A 315 -18.32 -61.22 -13.09
C ALA A 315 -17.24 -60.75 -14.08
N GLU A 316 -16.28 -59.92 -13.66
CA GLU A 316 -15.20 -59.34 -14.50
C GLU A 316 -15.79 -58.56 -15.68
N LYS A 317 -16.65 -57.59 -15.37
CA LYS A 317 -17.30 -56.70 -16.36
C LYS A 317 -17.35 -55.27 -15.81
N VAL A 318 -17.18 -54.28 -16.69
CA VAL A 318 -17.39 -52.86 -16.36
C VAL A 318 -18.74 -52.41 -16.98
N SER A 319 -19.44 -51.53 -16.26
CA SER A 319 -20.69 -50.91 -16.71
C SER A 319 -20.73 -49.44 -16.26
N THR A 320 -21.68 -48.68 -16.81
CA THR A 320 -21.90 -47.27 -16.50
C THR A 320 -23.20 -47.16 -15.69
N VAL A 321 -23.15 -46.49 -14.54
CA VAL A 321 -24.30 -46.43 -13.62
C VAL A 321 -24.83 -44.99 -13.47
N ALA A 322 -24.04 -43.94 -13.78
CA ALA A 322 -24.52 -42.55 -13.70
C ALA A 322 -23.75 -41.67 -14.69
N GLY A 323 -24.40 -40.58 -15.11
CA GLY A 323 -23.85 -39.66 -16.10
C GLY A 323 -24.25 -40.08 -17.52
N ILE A 324 -24.30 -39.08 -18.40
CA ILE A 324 -24.63 -39.26 -19.84
C ILE A 324 -23.35 -39.19 -20.69
N GLY A 325 -22.20 -38.92 -20.09
CA GLY A 325 -20.92 -38.86 -20.79
C GLY A 325 -20.47 -37.45 -21.13
N ILE A 326 -21.20 -36.41 -20.68
CA ILE A 326 -20.83 -35.01 -20.93
C ILE A 326 -21.20 -34.16 -19.72
N GLN A 327 -20.59 -32.98 -19.68
CA GLN A 327 -20.55 -32.10 -18.53
C GLN A 327 -21.96 -31.56 -18.25
N GLY A 328 -22.53 -31.98 -17.13
CA GLY A 328 -23.81 -31.49 -16.65
C GLY A 328 -23.69 -30.06 -16.14
N THR A 329 -24.81 -29.32 -16.24
CA THR A 329 -25.03 -28.10 -15.45
C THR A 329 -26.29 -28.27 -14.57
N ASP A 330 -26.74 -29.51 -14.36
CA ASP A 330 -27.90 -29.80 -13.49
C ASP A 330 -27.46 -29.71 -12.02
N LYS A 331 -28.07 -28.81 -11.26
CA LYS A 331 -27.76 -28.52 -9.85
C LYS A 331 -28.75 -29.23 -8.90
N GLU A 332 -29.79 -29.88 -9.44
CA GLU A 332 -30.90 -30.44 -8.64
C GLU A 332 -30.88 -31.97 -8.76
N GLY A 333 -30.97 -32.46 -9.99
CA GLY A 333 -30.91 -33.87 -10.30
C GLY A 333 -32.26 -34.55 -10.12
N GLY A 334 -32.23 -35.86 -9.87
CA GLY A 334 -33.45 -36.64 -9.58
C GLY A 334 -33.77 -37.70 -10.61
N ALA A 335 -33.16 -37.68 -11.80
CA ALA A 335 -33.39 -38.71 -12.84
C ALA A 335 -32.63 -39.99 -12.47
N LYS A 336 -32.90 -41.09 -13.21
CA LYS A 336 -32.27 -42.37 -12.98
C LYS A 336 -30.89 -42.42 -13.67
N GLY A 337 -29.82 -42.50 -12.87
CA GLY A 337 -28.50 -42.95 -13.31
C GLY A 337 -28.09 -42.43 -14.68
N GLU A 338 -28.36 -43.24 -15.70
CA GLU A 338 -27.80 -43.03 -17.05
C GLU A 338 -28.59 -41.97 -17.83
N GLN A 339 -29.63 -41.37 -17.26
CA GLN A 339 -30.33 -40.20 -17.85
C GLN A 339 -30.07 -38.93 -17.04
N GLN A 340 -29.15 -38.97 -16.05
CA GLN A 340 -28.84 -37.85 -15.19
C GLN A 340 -27.45 -37.30 -15.56
N PRO A 341 -27.37 -36.07 -16.11
CA PRO A 341 -26.06 -35.42 -16.28
C PRO A 341 -25.41 -35.09 -14.93
N ILE A 342 -24.10 -35.31 -14.82
CA ILE A 342 -23.28 -35.00 -13.64
C ILE A 342 -22.04 -34.23 -14.13
N SER A 343 -21.30 -33.62 -13.21
CA SER A 343 -20.20 -32.68 -13.54
C SER A 343 -18.94 -32.98 -12.70
N SER A 344 -18.00 -33.71 -13.30
CA SER A 344 -16.65 -33.93 -12.76
C SER A 344 -16.75 -34.55 -11.36
N PRO A 345 -17.28 -35.79 -11.27
CA PRO A 345 -17.32 -36.49 -9.99
C PRO A 345 -15.87 -36.79 -9.60
N TRP A 346 -15.48 -36.44 -8.37
CA TRP A 346 -14.04 -36.49 -7.96
C TRP A 346 -13.79 -37.62 -6.92
N ASP A 347 -14.70 -37.84 -5.96
CA ASP A 347 -14.52 -38.95 -4.99
C ASP A 347 -15.86 -39.66 -4.80
N VAL A 348 -15.77 -40.94 -4.38
CA VAL A 348 -16.93 -41.77 -4.07
C VAL A 348 -16.64 -42.58 -2.80
N VAL A 349 -17.67 -42.80 -1.99
CA VAL A 349 -17.62 -43.72 -0.84
C VAL A 349 -18.99 -44.38 -0.66
N PHE A 350 -18.98 -45.63 -0.18
CA PHE A 350 -20.20 -46.37 0.14
C PHE A 350 -20.84 -45.85 1.43
N GLY A 351 -22.17 -45.95 1.47
CA GLY A 351 -23.01 -45.54 2.61
C GLY A 351 -24.11 -46.57 2.86
N ASP A 361 -28.72 -48.67 1.24
CA ASP A 361 -27.38 -48.69 0.65
C ASP A 361 -27.28 -47.68 -0.51
N ILE A 362 -26.25 -46.82 -0.47
CA ILE A 362 -26.11 -45.57 -1.28
C ILE A 362 -24.63 -45.42 -1.67
N LEU A 363 -24.37 -44.64 -2.73
CA LEU A 363 -23.01 -44.19 -3.14
C LEU A 363 -22.93 -42.67 -3.01
N TRP A 364 -22.14 -42.16 -2.06
CA TRP A 364 -21.93 -40.71 -1.88
C TRP A 364 -20.92 -40.22 -2.92
N ILE A 365 -21.15 -39.03 -3.48
CA ILE A 365 -20.33 -38.50 -4.61
C ILE A 365 -19.97 -37.04 -4.30
N ALA A 366 -18.68 -36.74 -4.35
CA ALA A 366 -18.18 -35.36 -4.30
C ALA A 366 -18.20 -34.79 -5.71
N MET A 367 -19.26 -34.04 -6.01
CA MET A 367 -19.47 -33.50 -7.36
C MET A 367 -18.73 -32.16 -7.46
N ALA A 368 -17.47 -32.25 -7.85
CA ALA A 368 -16.59 -31.08 -7.88
C ALA A 368 -17.11 -30.03 -8.88
N GLY A 369 -17.60 -30.47 -10.03
CA GLY A 369 -17.99 -29.58 -11.12
C GLY A 369 -19.12 -28.63 -10.78
N THR A 370 -20.09 -29.06 -9.97
CA THR A 370 -21.24 -28.20 -9.55
C THR A 370 -21.20 -27.91 -8.03
N HIS A 371 -20.06 -28.14 -7.35
CA HIS A 371 -19.80 -27.63 -5.98
C HIS A 371 -20.85 -28.17 -4.99
N GLN A 372 -21.06 -29.50 -5.07
CA GLN A 372 -22.17 -30.21 -4.43
C GLN A 372 -21.73 -31.62 -4.02
N ILE A 373 -22.46 -32.15 -3.03
CA ILE A 373 -22.42 -33.55 -2.64
C ILE A 373 -23.67 -34.22 -3.21
N TRP A 374 -23.47 -35.30 -3.97
CA TRP A 374 -24.57 -36.05 -4.63
C TRP A 374 -24.66 -37.48 -4.05
N ALA A 375 -25.78 -38.13 -4.36
CA ALA A 375 -26.02 -39.54 -4.01
C ALA A 375 -26.55 -40.27 -5.25
N LEU A 376 -25.99 -41.46 -5.49
CA LEU A 376 -26.60 -42.49 -6.34
C LEU A 376 -27.20 -43.55 -5.41
N LEU A 377 -28.49 -43.82 -5.55
CA LEU A 377 -29.20 -44.79 -4.70
C LEU A 377 -29.08 -46.17 -5.35
N LEU A 378 -28.19 -46.98 -4.80
CA LEU A 378 -27.81 -48.28 -5.35
C LEU A 378 -28.96 -49.27 -5.17
N ASP A 379 -29.56 -49.22 -3.97
CA ASP A 379 -30.86 -49.85 -3.68
C ASP A 379 -31.85 -48.73 -3.32
N SER A 380 -33.14 -49.03 -3.44
CA SER A 380 -34.18 -48.02 -3.18
C SER A 380 -34.19 -47.71 -1.68
N GLY A 381 -34.32 -46.43 -1.36
CA GLY A 381 -34.17 -45.95 -0.01
C GLY A 381 -34.58 -44.49 0.12
N LYS A 382 -34.17 -43.88 1.23
CA LYS A 382 -34.60 -42.54 1.64
C LYS A 382 -33.40 -41.83 2.29
N LEU A 383 -33.09 -40.60 1.82
CA LEU A 383 -32.01 -39.79 2.36
C LEU A 383 -32.59 -38.81 3.38
N PRO A 384 -31.80 -38.38 4.37
CA PRO A 384 -32.13 -37.26 5.31
C PRO A 384 -32.83 -36.06 4.63
N LYS A 385 -33.98 -35.64 5.15
CA LYS A 385 -34.76 -34.46 4.64
C LYS A 385 -35.13 -34.65 3.16
N LYS A 386 -35.52 -35.87 2.76
CA LYS A 386 -36.19 -36.13 1.46
C LYS A 386 -37.12 -37.36 1.58
N ASN A 387 -37.99 -37.56 0.58
CA ASN A 387 -38.95 -38.70 0.55
C ASN A 387 -38.21 -39.99 0.16
N GLU A 388 -38.93 -41.11 0.04
CA GLU A 388 -38.39 -42.34 -0.56
C GLU A 388 -38.10 -42.06 -2.04
N LEU A 389 -36.93 -42.56 -2.48
CA LEU A 389 -36.47 -42.45 -3.87
C LEU A 389 -36.26 -43.88 -4.42
N THR A 390 -36.57 -44.06 -5.70
CA THR A 390 -36.44 -45.36 -6.37
C THR A 390 -34.96 -45.66 -6.65
N LYS A 391 -34.70 -46.94 -6.93
CA LYS A 391 -33.38 -47.49 -7.24
C LYS A 391 -32.81 -46.82 -8.48
N GLY A 392 -31.54 -46.41 -8.42
CA GLY A 392 -30.81 -45.82 -9.54
C GLY A 392 -30.95 -44.30 -9.59
N THR A 393 -31.68 -43.67 -8.66
CA THR A 393 -31.93 -42.24 -8.68
C THR A 393 -30.64 -41.52 -8.28
N CYS A 394 -30.25 -40.53 -9.09
CA CYS A 394 -29.02 -39.76 -8.92
C CYS A 394 -29.41 -38.30 -8.72
N LEU A 395 -29.02 -37.70 -7.58
CA LEU A 395 -29.48 -36.34 -7.22
C LEU A 395 -28.46 -35.61 -6.32
N ARG A 396 -28.69 -34.31 -6.18
CA ARG A 396 -28.01 -33.48 -5.19
C ARG A 396 -28.51 -33.84 -3.79
N PHE A 397 -27.59 -33.93 -2.83
CA PHE A 397 -27.93 -34.02 -1.42
C PHE A 397 -27.69 -32.67 -0.74
N ALA A 398 -26.43 -32.24 -0.77
CA ALA A 398 -25.99 -30.98 -0.14
C ALA A 398 -25.32 -30.08 -1.20
N GLY A 399 -25.42 -28.77 -0.95
CA GLY A 399 -24.83 -27.73 -1.78
C GLY A 399 -25.86 -27.05 -2.65
N SER A 400 -25.88 -25.71 -2.63
CA SER A 400 -26.73 -24.92 -3.52
C SER A 400 -26.34 -25.09 -4.99
N GLY A 401 -25.05 -25.34 -5.26
CA GLY A 401 -24.50 -25.22 -6.61
C GLY A 401 -23.58 -24.01 -6.76
N ASN A 402 -23.68 -23.02 -5.86
CA ASN A 402 -22.78 -21.86 -5.83
C ASN A 402 -21.44 -22.28 -5.21
N GLU A 403 -20.35 -21.70 -5.75
CA GLU A 403 -18.98 -21.89 -5.23
C GLU A 403 -18.78 -20.98 -4.01
N GLU A 404 -18.85 -21.57 -2.82
CA GLU A 404 -18.92 -20.85 -1.54
C GLU A 404 -18.31 -21.71 -0.42
N ASN A 405 -17.82 -21.08 0.64
CA ASN A 405 -17.48 -21.74 1.90
C ASN A 405 -18.61 -21.47 2.91
N ARG A 406 -19.86 -21.82 2.55
CA ARG A 406 -21.05 -21.51 3.34
C ARG A 406 -21.51 -22.78 4.06
N ASN A 407 -21.61 -22.68 5.39
CA ASN A 407 -22.16 -23.72 6.27
C ASN A 407 -23.61 -23.36 6.60
N ASN A 408 -24.46 -24.37 6.73
CA ASN A 408 -25.90 -24.16 6.94
C ASN A 408 -26.49 -25.42 7.59
N ALA A 409 -27.56 -25.21 8.38
CA ALA A 409 -28.34 -26.32 8.95
C ALA A 409 -29.12 -27.03 7.83
N TYR A 410 -29.61 -26.27 6.85
CA TYR A 410 -30.36 -26.82 5.69
C TYR A 410 -29.38 -27.16 4.54
N PRO A 411 -29.36 -28.43 4.05
CA PRO A 411 -28.33 -28.88 3.09
C PRO A 411 -28.32 -28.10 1.77
N HIS A 412 -29.51 -27.81 1.22
CA HIS A 412 -29.66 -27.11 -0.06
C HIS A 412 -29.09 -25.69 0.01
N LYS A 413 -29.21 -25.02 1.17
CA LYS A 413 -28.79 -23.60 1.31
C LYS A 413 -27.30 -23.49 1.59
N ALA A 414 -26.66 -24.55 2.08
CA ALA A 414 -25.18 -24.62 2.21
C ALA A 414 -24.52 -24.60 0.83
N GLY A 415 -23.24 -24.22 0.82
CA GLY A 415 -22.41 -24.19 -0.38
C GLY A 415 -21.10 -24.92 -0.16
N PHE A 416 -20.58 -25.54 -1.21
CA PHE A 416 -19.25 -26.15 -1.25
C PHE A 416 -18.42 -25.41 -2.31
N ALA A 417 -17.17 -25.82 -2.48
CA ALA A 417 -16.19 -25.15 -3.33
C ALA A 417 -15.18 -26.21 -3.83
N GLN A 418 -15.63 -26.95 -4.84
CA GLN A 418 -14.86 -27.99 -5.54
C GLN A 418 -14.55 -29.13 -4.55
N PRO A 419 -15.60 -29.76 -3.95
CA PRO A 419 -15.41 -30.90 -3.06
C PRO A 419 -14.75 -32.05 -3.85
N SER A 420 -13.56 -32.47 -3.40
CA SER A 420 -12.71 -33.44 -4.07
C SER A 420 -12.46 -34.69 -3.21
N GLY A 421 -12.78 -34.70 -1.91
CA GLY A 421 -12.59 -35.89 -1.05
C GLY A 421 -13.80 -36.14 -0.15
N LEU A 422 -14.08 -37.43 0.08
CA LEU A 422 -15.09 -37.90 1.04
C LEU A 422 -14.50 -38.95 1.96
N SER A 423 -15.08 -39.05 3.16
CA SER A 423 -14.88 -40.22 4.04
C SER A 423 -16.08 -40.34 4.99
N LEU A 424 -16.60 -41.57 5.12
CA LEU A 424 -17.80 -41.83 5.93
C LEU A 424 -17.37 -42.20 7.37
N ALA A 425 -18.01 -41.53 8.34
CA ALA A 425 -18.02 -41.90 9.76
C ALA A 425 -19.48 -42.09 10.19
N SER A 426 -20.00 -43.31 9.98
CA SER A 426 -21.42 -43.64 10.18
C SER A 426 -21.75 -43.87 11.67
N GLU A 427 -20.79 -44.42 12.43
CA GLU A 427 -20.89 -44.65 13.92
C GLU A 427 -21.23 -43.34 14.66
N ASP A 428 -21.80 -43.49 15.87
CA ASP A 428 -22.03 -42.35 16.80
C ASP A 428 -20.72 -42.03 17.53
N PRO A 429 -20.51 -40.81 18.05
CA PRO A 429 -21.43 -39.63 17.97
C PRO A 429 -21.11 -38.65 16.82
N TRP A 430 -20.67 -39.18 15.68
CA TRP A 430 -20.28 -38.39 14.49
C TRP A 430 -21.45 -38.39 13.50
N SER A 431 -21.82 -39.60 13.03
CA SER A 431 -22.88 -39.82 12.03
C SER A 431 -22.79 -38.77 10.91
N CYS A 432 -21.60 -38.68 10.30
CA CYS A 432 -21.30 -37.60 9.35
C CYS A 432 -20.41 -38.11 8.22
N LEU A 433 -20.46 -37.35 7.14
CA LEU A 433 -19.61 -37.48 5.95
C LEU A 433 -18.57 -36.35 6.01
N PHE A 434 -17.28 -36.69 6.04
CA PHE A 434 -16.21 -35.68 6.05
C PHE A 434 -15.91 -35.28 4.60
N VAL A 435 -15.86 -33.97 4.34
CA VAL A 435 -15.71 -33.40 2.98
C VAL A 435 -14.46 -32.52 2.93
N ALA A 436 -13.46 -32.94 2.16
CA ALA A 436 -12.35 -32.06 1.74
C ALA A 436 -12.89 -31.07 0.70
N ASP A 437 -12.91 -29.79 1.06
CA ASP A 437 -13.47 -28.73 0.24
C ASP A 437 -12.32 -27.85 -0.27
N SER A 438 -11.89 -28.13 -1.51
CA SER A 438 -10.53 -27.83 -2.01
C SER A 438 -10.34 -26.33 -2.23
N GLU A 439 -11.26 -25.70 -2.97
CA GLU A 439 -11.12 -24.28 -3.33
C GLU A 439 -11.37 -23.36 -2.13
N SER A 440 -12.11 -23.81 -1.11
CA SER A 440 -12.26 -23.07 0.16
C SER A 440 -11.05 -23.26 1.09
N SER A 441 -10.36 -24.42 0.96
CA SER A 441 -9.23 -24.86 1.82
C SER A 441 -9.72 -25.15 3.25
N THR A 442 -10.88 -25.83 3.32
CA THR A 442 -11.54 -26.24 4.55
C THR A 442 -11.80 -27.76 4.52
N VAL A 443 -12.15 -28.30 5.68
CA VAL A 443 -12.78 -29.61 5.81
C VAL A 443 -14.17 -29.35 6.41
N ARG A 444 -15.16 -30.14 5.99
CA ARG A 444 -16.57 -29.95 6.37
C ARG A 444 -17.15 -31.30 6.81
N THR A 445 -18.00 -31.28 7.84
CA THR A 445 -18.93 -32.37 8.11
C THR A 445 -20.25 -32.09 7.38
N VAL A 446 -20.90 -33.17 6.96
CA VAL A 446 -22.30 -33.19 6.54
C VAL A 446 -23.00 -34.29 7.35
N SER A 447 -23.98 -33.93 8.17
CA SER A 447 -24.63 -34.89 9.07
C SER A 447 -25.47 -35.90 8.27
N LEU A 448 -25.36 -37.18 8.60
CA LEU A 448 -26.15 -38.26 7.97
C LEU A 448 -27.52 -38.42 8.68
N LYS A 449 -27.85 -37.54 9.66
CA LYS A 449 -29.14 -37.52 10.34
C LYS A 449 -30.06 -36.48 9.70
N ASP A 450 -29.62 -35.22 9.67
CA ASP A 450 -30.44 -34.08 9.21
C ASP A 450 -29.75 -33.29 8.08
N GLY A 451 -28.61 -33.72 7.56
CA GLY A 451 -27.99 -33.09 6.37
C GLY A 451 -27.32 -31.75 6.65
N ALA A 452 -27.09 -31.41 7.92
CA ALA A 452 -26.48 -30.14 8.30
C ALA A 452 -25.01 -30.14 7.89
N VAL A 453 -24.62 -29.12 7.12
CA VAL A 453 -23.24 -28.93 6.65
C VAL A 453 -22.53 -27.99 7.62
N LYS A 454 -21.58 -28.51 8.40
CA LYS A 454 -20.91 -27.72 9.45
C LYS A 454 -19.40 -27.65 9.17
N HIS A 455 -18.80 -26.53 9.61
CA HIS A 455 -17.36 -26.29 9.53
C HIS A 455 -16.61 -27.27 10.46
N LEU A 456 -15.40 -27.69 10.04
CA LEU A 456 -14.49 -28.47 10.89
C LEU A 456 -13.15 -27.73 11.08
N VAL A 457 -12.35 -27.58 10.05
CA VAL A 457 -11.07 -26.81 10.13
C VAL A 457 -10.89 -25.98 8.86
N GLY A 458 -9.97 -25.02 8.92
CA GLY A 458 -9.53 -24.26 7.74
C GLY A 458 -10.44 -23.08 7.42
N GLY A 459 -9.95 -22.21 6.56
CA GLY A 459 -10.76 -21.11 5.99
C GLY A 459 -11.05 -20.01 6.99
N GLU A 460 -11.93 -19.09 6.58
CA GLU A 460 -12.37 -17.93 7.38
C GLU A 460 -13.89 -18.00 7.57
N ARG A 461 -14.43 -17.09 8.36
CA ARG A 461 -15.89 -17.04 8.62
C ARG A 461 -16.65 -16.56 7.38
N ASP A 462 -16.07 -15.66 6.58
CA ASP A 462 -16.75 -15.10 5.40
C ASP A 462 -17.04 -16.23 4.39
N PRO A 463 -18.35 -16.50 4.12
CA PRO A 463 -18.69 -17.62 3.19
C PRO A 463 -18.33 -17.40 1.71
N MET A 464 -18.10 -16.14 1.29
CA MET A 464 -17.64 -15.83 -0.09
C MET A 464 -16.11 -15.80 -0.17
N ASN A 465 -15.39 -15.85 0.95
CA ASN A 465 -13.91 -15.86 0.96
C ASN A 465 -13.38 -17.26 0.60
N LEU A 466 -12.85 -17.39 -0.62
CA LEU A 466 -12.22 -18.62 -1.13
C LEU A 466 -10.69 -18.53 -1.10
N PHE A 467 -10.12 -17.45 -0.56
CA PHE A 467 -8.66 -17.21 -0.59
C PHE A 467 -8.04 -17.35 0.82
N ALA A 468 -8.75 -18.01 1.76
CA ALA A 468 -8.24 -18.22 3.13
C ALA A 468 -7.48 -19.56 3.16
N PHE A 469 -6.28 -19.51 2.60
CA PHE A 469 -5.37 -20.65 2.49
C PHE A 469 -4.06 -20.33 3.21
N GLY A 470 -3.28 -21.38 3.46
CA GLY A 470 -1.98 -21.26 4.12
C GLY A 470 -1.47 -22.60 4.60
N ASP A 471 -0.63 -22.57 5.64
CA ASP A 471 -0.08 -23.79 6.26
C ASP A 471 0.18 -23.52 7.75
N VAL A 472 -0.89 -23.58 8.54
CA VAL A 472 -0.86 -23.28 9.99
C VAL A 472 -1.60 -24.42 10.72
N ASP A 473 -0.95 -24.99 11.74
CA ASP A 473 -1.59 -25.94 12.65
C ASP A 473 -2.34 -25.13 13.72
N GLY A 474 -3.58 -25.53 14.02
CA GLY A 474 -4.37 -24.84 15.05
C GLY A 474 -5.78 -25.41 15.18
N VAL A 475 -6.62 -24.69 15.92
CA VAL A 475 -8.01 -25.12 16.26
C VAL A 475 -8.99 -24.35 15.36
N GLY A 476 -9.76 -25.07 14.54
CA GLY A 476 -10.88 -24.51 13.79
C GLY A 476 -10.40 -23.58 12.68
N ILE A 477 -11.00 -22.39 12.60
CA ILE A 477 -10.64 -21.32 11.62
C ILE A 477 -9.17 -20.89 11.78
N ASN A 478 -8.54 -21.07 12.94
CA ASN A 478 -7.11 -20.74 13.13
C ASN A 478 -6.22 -21.62 12.23
N ALA A 479 -6.61 -22.87 12.00
CA ALA A 479 -5.88 -23.77 11.09
C ALA A 479 -5.97 -23.26 9.65
N LYS A 480 -4.94 -23.52 8.84
CA LYS A 480 -4.93 -23.15 7.40
C LYS A 480 -4.43 -24.33 6.56
N LEU A 481 -5.16 -24.61 5.48
CA LEU A 481 -4.84 -25.66 4.49
C LEU A 481 -4.64 -24.98 3.13
N GLN A 482 -4.21 -25.75 2.12
CA GLN A 482 -3.99 -25.25 0.77
C GLN A 482 -4.45 -26.32 -0.23
N HIS A 483 -5.70 -26.17 -0.73
CA HIS A 483 -6.31 -27.03 -1.76
C HIS A 483 -6.27 -28.51 -1.34
N PRO A 484 -6.89 -28.87 -0.19
CA PRO A 484 -6.94 -30.28 0.26
C PRO A 484 -7.88 -31.12 -0.63
N LEU A 485 -7.39 -32.28 -1.09
CA LEU A 485 -8.11 -33.19 -2.04
C LEU A 485 -8.56 -34.49 -1.37
N GLY A 486 -8.00 -34.89 -0.22
CA GLY A 486 -8.31 -36.20 0.39
C GLY A 486 -8.62 -36.08 1.87
N VAL A 487 -9.60 -36.85 2.32
CA VAL A 487 -9.84 -37.12 3.77
C VAL A 487 -10.05 -38.62 3.93
N THR A 488 -9.56 -39.18 5.03
CA THR A 488 -9.89 -40.57 5.43
C THR A 488 -10.07 -40.63 6.95
N TRP A 489 -11.13 -41.31 7.37
CA TRP A 489 -11.58 -41.41 8.77
C TRP A 489 -11.01 -42.68 9.42
N ASP A 490 -10.45 -42.51 10.61
CA ASP A 490 -9.89 -43.57 11.45
C ASP A 490 -10.90 -43.90 12.57
N LYS A 491 -11.63 -45.01 12.43
CA LYS A 491 -12.63 -45.42 13.45
C LYS A 491 -11.95 -45.85 14.76
N LYS A 492 -10.71 -46.34 14.70
CA LYS A 492 -9.95 -46.80 15.89
C LYS A 492 -9.57 -45.61 16.79
N ARG A 493 -8.90 -44.60 16.22
CA ARG A 493 -8.33 -43.47 16.98
C ARG A 493 -9.28 -42.28 17.04
N ASN A 494 -10.40 -42.29 16.30
CA ASN A 494 -11.34 -41.14 16.20
C ASN A 494 -10.59 -39.89 15.70
N LEU A 495 -9.80 -40.08 14.64
CA LEU A 495 -9.02 -39.03 13.96
C LEU A 495 -9.39 -39.01 12.47
N LEU A 496 -9.20 -37.86 11.84
CA LEU A 496 -9.33 -37.66 10.40
C LEU A 496 -7.95 -37.30 9.84
N TYR A 497 -7.50 -38.03 8.82
CA TYR A 497 -6.25 -37.73 8.11
C TYR A 497 -6.59 -36.95 6.83
N VAL A 498 -6.16 -35.70 6.77
CA VAL A 498 -6.32 -34.81 5.61
C VAL A 498 -5.06 -34.90 4.75
N ALA A 499 -5.23 -35.22 3.46
CA ALA A 499 -4.19 -35.02 2.43
C ALA A 499 -4.20 -33.54 1.99
N ASP A 500 -3.41 -32.72 2.68
CA ASP A 500 -3.30 -31.28 2.42
C ASP A 500 -2.33 -31.08 1.24
N SER A 501 -2.88 -31.03 0.03
CA SER A 501 -2.18 -31.43 -1.20
C SER A 501 -1.11 -30.40 -1.58
N TYR A 502 -1.47 -29.12 -1.62
CA TYR A 502 -0.58 -28.06 -2.13
C TYR A 502 0.47 -27.66 -1.07
N ASN A 503 0.25 -28.00 0.20
CA ASN A 503 1.28 -27.91 1.26
C ASN A 503 2.15 -29.17 1.32
N HIS A 504 1.86 -30.20 0.52
CA HIS A 504 2.67 -31.43 0.39
C HIS A 504 2.80 -32.16 1.74
N LYS A 505 1.67 -32.30 2.42
CA LYS A 505 1.61 -32.70 3.82
C LYS A 505 0.34 -33.51 4.11
N ILE A 506 0.49 -34.60 4.87
CA ILE A 506 -0.62 -35.28 5.51
C ILE A 506 -0.82 -34.62 6.88
N LYS A 507 -2.04 -34.16 7.14
CA LYS A 507 -2.41 -33.54 8.42
C LYS A 507 -3.35 -34.47 9.18
N VAL A 508 -3.51 -34.20 10.47
CA VAL A 508 -4.35 -35.00 11.38
C VAL A 508 -5.30 -34.03 12.11
N VAL A 509 -6.61 -34.30 12.03
CA VAL A 509 -7.64 -33.50 12.68
C VAL A 509 -8.34 -34.37 13.72
N ASP A 510 -8.42 -33.84 14.95
CA ASP A 510 -9.27 -34.34 16.01
C ASP A 510 -10.62 -33.60 15.91
N PRO A 511 -11.71 -34.28 15.48
CA PRO A 511 -13.00 -33.59 15.28
C PRO A 511 -13.74 -33.15 16.55
N LYS A 512 -13.36 -33.70 17.72
CA LYS A 512 -13.91 -33.31 19.02
C LYS A 512 -13.40 -31.89 19.39
N THR A 513 -12.08 -31.72 19.37
CA THR A 513 -11.40 -30.44 19.71
C THR A 513 -11.34 -29.49 18.50
N LYS A 514 -11.46 -30.03 17.27
CA LYS A 514 -11.25 -29.33 15.99
C LYS A 514 -9.79 -28.87 15.83
N ASN A 515 -8.83 -29.55 16.47
CA ASN A 515 -7.40 -29.20 16.39
C ASN A 515 -6.76 -29.93 15.21
N CYS A 516 -6.06 -29.19 14.35
CA CYS A 516 -5.47 -29.71 13.09
C CYS A 516 -3.95 -29.52 13.17
N THR A 517 -3.21 -30.61 12.97
CA THR A 517 -1.74 -30.60 13.09
C THR A 517 -1.11 -31.47 11.99
N THR A 518 0.19 -31.24 11.76
CA THR A 518 0.94 -31.90 10.67
C THR A 518 1.39 -33.28 11.16
N LEU A 519 1.02 -34.34 10.43
CA LEU A 519 1.39 -35.74 10.76
C LEU A 519 2.71 -36.09 10.06
N ALA A 520 2.78 -35.89 8.74
CA ALA A 520 4.01 -36.11 7.97
C ALA A 520 4.17 -35.05 6.88
N GLY A 521 5.39 -34.96 6.35
CA GLY A 521 5.76 -34.09 5.23
C GLY A 521 6.56 -32.88 5.66
N THR A 522 7.73 -32.70 5.04
CA THR A 522 8.57 -31.49 5.26
C THR A 522 7.92 -30.27 4.60
N GLY A 523 7.24 -30.47 3.47
CA GLY A 523 6.65 -29.37 2.69
C GLY A 523 7.43 -29.04 1.42
N ASP A 524 8.59 -29.67 1.24
CA ASP A 524 9.30 -29.71 -0.05
C ASP A 524 8.84 -30.94 -0.82
N THR A 525 9.24 -31.01 -2.10
CA THR A 525 8.84 -32.04 -3.07
C THR A 525 10.01 -32.92 -3.54
N ASN A 526 11.25 -32.67 -3.07
CA ASN A 526 12.43 -33.53 -3.42
C ASN A 526 12.20 -34.95 -2.87
N ASN A 527 12.02 -35.93 -3.76
CA ASN A 527 11.38 -37.22 -3.42
C ASN A 527 12.27 -38.04 -2.47
N VAL A 528 11.63 -38.77 -1.54
CA VAL A 528 12.28 -39.62 -0.50
C VAL A 528 11.51 -40.93 -0.42
N THR A 529 12.23 -42.05 -0.53
CA THR A 529 11.65 -43.42 -0.52
C THR A 529 11.25 -43.77 0.92
N SER A 530 12.26 -43.97 1.76
CA SER A 530 12.13 -44.50 3.12
C SER A 530 12.65 -43.45 4.11
N SER A 531 11.83 -43.11 5.11
CA SER A 531 12.17 -42.12 6.16
C SER A 531 11.04 -42.04 7.19
N SER A 532 11.30 -41.31 8.28
CA SER A 532 10.28 -41.00 9.30
C SER A 532 9.24 -40.04 8.74
N PHE A 533 8.09 -39.97 9.42
CA PHE A 533 6.98 -39.05 9.09
C PHE A 533 7.46 -37.59 8.99
N THR A 534 8.15 -37.08 10.00
CA THR A 534 8.58 -35.66 10.04
C THR A 534 9.62 -35.32 8.96
N GLU A 535 10.38 -36.31 8.48
CA GLU A 535 11.46 -36.11 7.48
C GLU A 535 11.04 -36.63 6.08
N SER A 536 9.84 -37.23 5.95
CA SER A 536 9.31 -37.70 4.64
C SER A 536 8.84 -36.52 3.77
N THR A 537 8.53 -36.84 2.51
CA THR A 537 8.12 -35.85 1.51
C THR A 537 6.95 -36.39 0.68
N PHE A 538 6.10 -35.49 0.19
CA PHE A 538 5.00 -35.78 -0.75
C PHE A 538 5.07 -34.76 -1.91
N ASN A 539 4.16 -34.84 -2.86
CA ASN A 539 4.07 -33.89 -4.00
C ASN A 539 2.66 -33.94 -4.60
N GLU A 540 1.79 -33.05 -4.12
CA GLU A 540 0.40 -32.87 -4.59
C GLU A 540 -0.36 -34.19 -4.40
N PRO A 541 -0.40 -34.72 -3.15
CA PRO A 541 -1.13 -35.99 -2.90
C PRO A 541 -2.64 -35.79 -3.14
N GLY A 542 -3.17 -36.54 -4.11
CA GLY A 542 -4.54 -36.35 -4.61
C GLY A 542 -5.60 -37.01 -3.75
N GLY A 543 -5.23 -38.07 -3.02
CA GLY A 543 -6.12 -38.69 -2.04
C GLY A 543 -5.40 -39.66 -1.12
N LEU A 544 -6.15 -40.24 -0.18
CA LEU A 544 -5.57 -41.18 0.80
C LEU A 544 -6.68 -42.04 1.44
N CYS A 545 -6.27 -43.13 2.09
CA CYS A 545 -7.21 -44.09 2.73
C CYS A 545 -6.51 -44.92 3.82
N ILE A 546 -7.20 -45.11 4.95
CA ILE A 546 -6.74 -45.98 6.06
C ILE A 546 -7.10 -47.44 5.76
N GLY A 547 -6.20 -48.37 6.16
CA GLY A 547 -6.49 -49.81 6.17
C GLY A 547 -7.48 -50.19 7.26
N GLU A 548 -8.01 -51.42 7.19
CA GLU A 548 -9.03 -51.97 8.15
C GLU A 548 -8.48 -51.91 9.59
N ASN A 549 -7.28 -52.44 9.76
CA ASN A 549 -6.66 -52.58 11.10
C ASN A 549 -6.38 -51.21 11.71
N GLY A 550 -6.13 -50.18 10.90
CA GLY A 550 -5.77 -48.84 11.37
C GLY A 550 -4.26 -48.69 11.55
N GLU A 551 -3.47 -49.62 11.03
CA GLU A 551 -2.00 -49.62 11.17
C GLU A 551 -1.36 -48.94 9.95
N LEU A 552 -2.02 -48.96 8.78
CA LEU A 552 -1.46 -48.40 7.54
C LEU A 552 -2.40 -47.30 6.99
N LEU A 553 -1.79 -46.18 6.59
CA LEU A 553 -2.45 -45.07 5.89
C LEU A 553 -1.82 -44.96 4.50
N TYR A 554 -2.57 -45.36 3.46
CA TYR A 554 -2.10 -45.35 2.06
C TYR A 554 -2.41 -43.99 1.42
N VAL A 555 -1.43 -43.41 0.71
CA VAL A 555 -1.51 -42.06 0.14
C VAL A 555 -1.21 -42.14 -1.37
N ALA A 556 -2.10 -41.58 -2.18
CA ALA A 556 -1.86 -41.42 -3.62
C ALA A 556 -1.02 -40.15 -3.85
N ASP A 557 0.30 -40.33 -3.91
CA ASP A 557 1.25 -39.23 -4.00
C ASP A 557 1.43 -38.88 -5.49
N THR A 558 0.45 -38.14 -6.03
CA THR A 558 0.17 -37.99 -7.47
C THR A 558 1.43 -37.63 -8.27
N ASN A 559 2.06 -36.48 -8.01
CA ASN A 559 3.16 -35.97 -8.86
C ASN A 559 4.46 -36.76 -8.66
N ASN A 560 4.57 -37.64 -7.64
CA ASN A 560 5.72 -38.58 -7.49
C ASN A 560 5.43 -39.94 -8.16
N HIS A 561 4.21 -40.17 -8.67
CA HIS A 561 3.86 -41.36 -9.49
C HIS A 561 3.94 -42.64 -8.65
N GLN A 562 3.47 -42.57 -7.39
CA GLN A 562 3.77 -43.55 -6.35
C GLN A 562 2.65 -43.61 -5.30
N ILE A 563 2.46 -44.81 -4.73
CA ILE A 563 1.66 -44.99 -3.51
C ILE A 563 2.61 -44.99 -2.31
N LYS A 564 2.38 -44.07 -1.36
CA LYS A 564 3.13 -43.99 -0.10
C LYS A 564 2.33 -44.75 0.97
N VAL A 565 2.98 -45.72 1.63
CA VAL A 565 2.43 -46.45 2.77
C VAL A 565 3.01 -45.83 4.05
N MET A 566 2.14 -45.27 4.90
CA MET A 566 2.52 -44.69 6.18
C MET A 566 2.11 -45.66 7.30
N ASP A 567 3.10 -46.25 7.98
CA ASP A 567 2.88 -47.07 9.17
C ASP A 567 2.62 -46.13 10.35
N LEU A 568 1.39 -46.12 10.90
CA LEU A 568 1.02 -45.26 12.04
C LEU A 568 1.60 -45.79 13.36
N GLU A 569 2.10 -47.04 13.40
CA GLU A 569 2.74 -47.65 14.59
C GLU A 569 4.23 -47.25 14.67
N THR A 570 5.00 -47.49 13.60
CA THR A 570 6.46 -47.20 13.56
C THR A 570 6.74 -45.75 13.11
N LYS A 571 5.75 -45.00 12.64
CA LYS A 571 5.91 -43.62 12.08
C LYS A 571 6.96 -43.57 10.96
N MET A 572 6.92 -44.58 10.10
CA MET A 572 7.81 -44.70 8.93
C MET A 572 6.94 -44.70 7.66
N VAL A 573 7.40 -43.97 6.64
CA VAL A 573 6.80 -43.94 5.32
C VAL A 573 7.61 -44.88 4.43
N SER A 574 6.91 -45.67 3.62
CA SER A 574 7.51 -46.57 2.62
C SER A 574 6.78 -46.37 1.28
N VAL A 575 7.47 -46.64 0.17
CA VAL A 575 6.86 -46.69 -1.16
C VAL A 575 6.30 -48.10 -1.37
N LEU A 576 5.03 -48.21 -1.77
CA LEU A 576 4.46 -49.50 -2.16
C LEU A 576 5.09 -49.94 -3.48
N PRO A 577 5.81 -51.08 -3.51
CA PRO A 577 6.29 -51.62 -4.78
C PRO A 577 5.10 -52.17 -5.59
N ILE A 578 5.15 -52.04 -6.91
CA ILE A 578 4.09 -52.49 -7.81
C ILE A 578 4.75 -53.28 -8.96
N PHE A 579 4.30 -54.52 -9.18
CA PHE A 579 4.89 -55.44 -10.17
C PHE A 579 3.81 -56.36 -10.78
N ARG B 16 2.51 8.57 -20.75
CA ARG B 16 2.79 8.43 -19.28
C ARG B 16 4.09 7.65 -18.99
N SER B 17 4.34 6.53 -19.66
CA SER B 17 5.42 5.56 -19.34
C SER B 17 6.04 5.02 -20.63
N LEU B 18 7.12 4.25 -20.51
CA LEU B 18 7.82 3.62 -21.67
C LEU B 18 6.90 2.66 -22.44
N SER B 19 5.84 2.15 -21.78
CA SER B 19 4.71 1.43 -22.43
C SER B 19 4.23 2.13 -23.71
N GLY B 20 4.21 3.47 -23.72
CA GLY B 20 3.74 4.28 -24.86
C GLY B 20 4.50 4.03 -26.16
N LEU B 21 5.80 3.74 -26.09
CA LEU B 21 6.65 3.52 -27.28
C LEU B 21 6.52 2.10 -27.83
N LEU B 22 5.98 1.15 -27.06
CA LEU B 22 6.26 -0.29 -27.24
C LEU B 22 5.61 -0.84 -28.53
N PRO B 23 4.31 -0.52 -28.82
CA PRO B 23 3.72 -1.03 -30.08
C PRO B 23 4.40 -0.45 -31.33
N ALA B 24 4.77 0.83 -31.31
CA ALA B 24 5.39 1.51 -32.47
C ALA B 24 6.86 1.06 -32.64
N GLN B 25 7.65 1.04 -31.57
CA GLN B 25 9.10 0.74 -31.66
C GLN B 25 9.34 -0.74 -32.02
N THR B 26 8.51 -1.64 -31.51
CA THR B 26 8.59 -3.07 -31.88
C THR B 26 8.18 -3.26 -33.35
N SER B 27 7.27 -2.43 -33.85
CA SER B 27 6.90 -2.41 -35.28
C SER B 27 8.07 -1.93 -36.14
N LEU B 28 8.85 -0.94 -35.65
CA LEU B 28 10.11 -0.56 -36.33
C LEU B 28 11.13 -1.69 -36.26
N GLU B 29 11.33 -2.28 -35.07
CA GLU B 29 12.34 -3.37 -34.86
C GLU B 29 12.04 -4.62 -35.70
N TYR B 30 10.75 -4.89 -35.96
CA TYR B 30 10.36 -6.02 -36.80
C TYR B 30 10.76 -5.76 -38.26
N ALA B 31 10.57 -4.53 -38.71
CA ALA B 31 11.00 -4.10 -40.05
C ALA B 31 12.54 -4.12 -40.17
N LEU B 32 13.27 -3.66 -39.15
CA LEU B 32 14.77 -3.60 -39.21
C LEU B 32 15.39 -4.99 -39.35
N LEU B 33 14.73 -6.05 -38.86
CA LEU B 33 15.21 -7.45 -39.05
C LEU B 33 15.01 -7.93 -40.50
N ASP B 34 14.03 -7.42 -41.24
CA ASP B 34 13.83 -7.76 -42.67
C ASP B 34 14.54 -6.74 -43.59
N ALA B 35 15.37 -5.84 -43.04
CA ALA B 35 16.05 -4.80 -43.82
C ALA B 35 17.44 -5.30 -44.24
N VAL B 36 17.62 -5.49 -45.54
CA VAL B 36 18.84 -6.14 -46.09
C VAL B 36 20.00 -5.13 -46.16
N THR B 37 19.72 -3.85 -46.47
CA THR B 37 20.74 -2.78 -46.61
C THR B 37 20.76 -1.88 -45.37
N GLN B 38 21.92 -1.28 -45.07
CA GLN B 38 22.07 -0.23 -44.02
C GLN B 38 21.28 1.03 -44.39
N GLN B 39 21.04 1.30 -45.68
CA GLN B 39 20.24 2.49 -46.10
C GLN B 39 18.75 2.26 -45.78
N GLU B 40 18.23 1.06 -46.07
CA GLU B 40 16.84 0.66 -45.73
C GLU B 40 16.58 0.85 -44.23
N LYS B 41 17.54 0.44 -43.40
CA LYS B 41 17.43 0.57 -41.95
C LYS B 41 17.44 2.05 -41.55
N ASP B 42 18.27 2.87 -42.21
CA ASP B 42 18.36 4.31 -41.89
C ASP B 42 17.03 4.99 -42.26
N SER B 43 16.47 4.68 -43.44
CA SER B 43 15.24 5.34 -43.91
C SER B 43 14.03 4.97 -43.03
N LEU B 44 13.96 3.69 -42.61
CA LEU B 44 12.89 3.20 -41.71
C LEU B 44 12.92 3.95 -40.37
N VAL B 45 14.11 4.14 -39.79
CA VAL B 45 14.27 4.82 -38.50
C VAL B 45 13.88 6.30 -38.69
N TYR B 46 14.24 6.88 -39.83
CA TYR B 46 13.87 8.26 -40.17
C TYR B 46 12.35 8.38 -40.32
N GLN B 47 11.73 7.40 -40.97
CA GLN B 47 10.26 7.37 -41.13
C GLN B 47 9.59 7.15 -39.76
N TYR B 48 10.20 6.34 -38.88
CA TYR B 48 9.70 6.19 -37.49
C TYR B 48 9.71 7.55 -36.77
N LEU B 49 10.78 8.33 -36.93
CA LEU B 49 10.89 9.64 -36.24
C LEU B 49 9.91 10.67 -36.82
N GLN B 50 9.64 10.65 -38.12
CA GLN B 50 8.57 11.50 -38.73
C GLN B 50 7.21 11.22 -38.04
N LYS B 51 6.91 9.94 -37.82
CA LYS B 51 5.68 9.51 -37.17
C LYS B 51 5.66 10.00 -35.72
N VAL B 52 6.72 9.72 -34.96
CA VAL B 52 6.77 9.97 -33.49
C VAL B 52 6.95 11.47 -33.20
N ASP B 53 7.71 12.18 -34.02
CA ASP B 53 7.83 13.64 -33.90
C ASP B 53 6.48 14.33 -34.16
N GLY B 54 5.76 13.88 -35.18
CA GLY B 54 4.47 14.46 -35.57
C GLY B 54 3.26 13.90 -34.82
N TRP B 55 3.47 13.15 -33.72
CA TRP B 55 2.38 12.85 -32.76
C TRP B 55 1.83 14.16 -32.19
N GLU B 56 0.52 14.17 -31.95
CA GLU B 56 -0.16 15.31 -31.31
C GLU B 56 0.37 15.44 -29.87
N GLN B 57 0.26 14.35 -29.12
CA GLN B 57 0.61 14.31 -27.69
C GLN B 57 1.96 13.60 -27.54
N ASP B 58 3.01 14.35 -27.18
CA ASP B 58 4.33 13.78 -26.85
C ASP B 58 4.24 12.90 -25.59
N LEU B 59 5.08 11.87 -25.55
CA LEU B 59 5.44 11.17 -24.33
C LEU B 59 6.61 11.95 -23.74
N SER B 60 6.26 12.96 -22.95
CA SER B 60 7.25 13.81 -22.32
C SER B 60 7.88 13.06 -21.14
N VAL B 61 9.19 13.27 -20.94
CA VAL B 61 9.91 12.70 -19.80
C VAL B 61 9.56 13.53 -18.56
N PRO B 62 9.40 12.87 -17.39
CA PRO B 62 9.31 13.64 -16.14
C PRO B 62 10.62 14.40 -15.88
N GLU B 63 10.50 15.60 -15.29
CA GLU B 63 11.68 16.41 -14.95
C GLU B 63 12.45 15.71 -13.82
N PHE B 64 13.77 15.91 -13.80
CA PHE B 64 14.61 15.44 -12.69
C PHE B 64 14.11 16.07 -11.38
N PRO B 65 13.73 15.23 -10.37
CA PRO B 65 13.32 15.72 -9.05
C PRO B 65 14.27 16.79 -8.48
N GLU B 66 13.70 17.76 -7.77
CA GLU B 66 14.46 18.86 -7.16
C GLU B 66 15.33 18.33 -6.02
N GLY B 67 16.54 18.88 -5.90
CA GLY B 67 17.42 18.61 -4.75
C GLY B 67 18.19 17.29 -4.84
N LEU B 68 18.16 16.57 -5.97
CA LEU B 68 19.04 15.41 -6.17
C LEU B 68 20.47 15.91 -6.38
N GLU B 69 21.44 15.11 -5.94
CA GLU B 69 22.86 15.45 -6.04
C GLU B 69 23.38 15.02 -7.41
N TRP B 70 24.20 15.87 -8.04
CA TRP B 70 24.73 15.67 -9.42
C TRP B 70 26.26 15.57 -9.41
N LEU B 71 26.81 14.69 -10.25
CA LEU B 71 28.27 14.54 -10.45
C LEU B 71 28.63 14.78 -11.91
N ASN B 72 29.90 15.12 -12.13
CA ASN B 72 30.51 15.47 -13.43
C ASN B 72 29.83 16.70 -14.06
N THR B 73 29.29 17.63 -13.24
CA THR B 73 28.62 18.87 -13.75
C THR B 73 28.85 20.04 -12.78
N GLU B 74 28.64 21.25 -13.29
CA GLU B 74 28.82 22.50 -12.52
C GLU B 74 27.65 22.65 -11.53
N GLU B 75 26.43 22.76 -12.06
CA GLU B 75 25.18 22.80 -11.28
C GLU B 75 24.34 21.57 -11.66
N PRO B 76 23.16 21.40 -11.03
CA PRO B 76 22.16 20.43 -11.55
C PRO B 76 21.75 20.68 -13.00
N ILE B 77 21.28 19.61 -13.64
CA ILE B 77 20.73 19.64 -14.99
C ILE B 77 19.23 19.33 -14.89
N SER B 78 18.46 20.05 -15.69
CA SER B 78 17.04 19.88 -15.86
C SER B 78 16.77 19.73 -17.36
N VAL B 79 15.88 18.79 -17.70
CA VAL B 79 15.60 18.44 -19.10
C VAL B 79 15.06 19.67 -19.83
N TYR B 80 14.15 20.42 -19.19
CA TYR B 80 13.33 21.43 -19.87
C TYR B 80 13.94 22.84 -19.83
N LYS B 81 14.99 23.10 -19.05
CA LYS B 81 15.72 24.41 -19.03
C LYS B 81 17.10 24.27 -19.71
N ASP B 82 17.80 23.14 -19.51
CA ASP B 82 19.24 22.98 -19.88
C ASP B 82 19.44 22.01 -21.06
N LEU B 83 18.49 21.09 -21.38
CA LEU B 83 18.63 20.06 -22.46
C LEU B 83 17.65 20.27 -23.63
N CYS B 84 17.02 21.44 -23.75
CA CYS B 84 16.35 21.81 -25.00
C CYS B 84 17.39 21.93 -26.13
N GLY B 85 17.00 21.49 -27.32
CA GLY B 85 17.86 21.53 -28.51
C GLY B 85 18.91 20.43 -28.56
N LYS B 86 18.71 19.35 -27.80
CA LYS B 86 19.66 18.24 -27.65
C LYS B 86 18.94 16.90 -27.77
N ILE B 87 19.57 15.93 -28.42
CA ILE B 87 19.24 14.51 -28.21
C ILE B 87 19.87 14.09 -26.89
N VAL B 88 19.11 13.36 -26.08
CA VAL B 88 19.54 12.97 -24.71
C VAL B 88 19.38 11.45 -24.58
N VAL B 89 20.43 10.79 -24.08
CA VAL B 89 20.38 9.37 -23.71
C VAL B 89 20.40 9.31 -22.17
N LEU B 90 19.29 8.86 -21.58
CA LEU B 90 19.25 8.51 -20.15
C LEU B 90 19.73 7.06 -19.99
N ASP B 91 20.61 6.83 -19.02
CA ASP B 91 21.13 5.51 -18.67
C ASP B 91 20.68 5.23 -17.23
N PHE B 92 19.62 4.44 -17.09
CA PHE B 92 19.17 3.93 -15.80
C PHE B 92 20.09 2.79 -15.39
N PHE B 93 20.93 3.03 -14.39
CA PHE B 93 22.01 2.08 -14.06
C PHE B 93 22.30 2.08 -12.57
N THR B 94 23.16 1.15 -12.17
CA THR B 94 23.73 1.03 -10.83
C THR B 94 25.09 0.33 -10.95
N TYR B 95 26.09 0.78 -10.20
CA TYR B 95 27.50 0.38 -10.44
C TYR B 95 27.78 -1.05 -9.95
N CYS B 96 26.93 -1.62 -9.08
CA CYS B 96 27.10 -3.05 -8.64
C CYS B 96 26.89 -4.01 -9.81
N CYS B 97 25.94 -3.71 -10.70
CA CYS B 97 25.45 -4.65 -11.71
C CYS B 97 26.47 -4.79 -12.85
N ILE B 98 26.87 -6.02 -13.15
CA ILE B 98 27.84 -6.30 -14.24
C ILE B 98 27.21 -5.96 -15.60
N ASN B 99 25.88 -6.08 -15.74
CA ASN B 99 25.17 -5.75 -16.99
C ASN B 99 25.32 -4.25 -17.31
N CYS B 100 25.23 -3.39 -16.29
CA CYS B 100 25.48 -1.97 -16.43
C CYS B 100 26.96 -1.69 -16.74
N ILE B 101 27.87 -2.44 -16.10
CA ILE B 101 29.32 -2.27 -16.31
C ILE B 101 29.67 -2.55 -17.77
N HIS B 102 29.12 -3.63 -18.33
CA HIS B 102 29.34 -4.02 -19.74
C HIS B 102 28.86 -2.92 -20.73
N LEU B 103 27.78 -2.21 -20.40
CA LEU B 103 27.24 -1.12 -21.25
C LEU B 103 28.17 0.10 -21.30
N LEU B 104 28.99 0.34 -20.27
CA LEU B 104 29.74 1.62 -20.14
C LEU B 104 30.69 1.86 -21.32
N PRO B 105 31.42 0.83 -21.81
CA PRO B 105 32.23 1.00 -23.05
C PRO B 105 31.45 1.48 -24.29
N ASP B 106 30.18 1.08 -24.40
CA ASP B 106 29.31 1.46 -25.55
C ASP B 106 28.90 2.94 -25.42
N LEU B 107 28.62 3.40 -24.19
CA LEU B 107 28.30 4.84 -23.93
C LEU B 107 29.54 5.73 -24.12
N HIS B 108 30.70 5.22 -23.68
CA HIS B 108 32.02 5.89 -23.86
C HIS B 108 32.29 6.13 -25.35
N ALA B 109 32.12 5.09 -26.16
CA ALA B 109 32.32 5.15 -27.63
C ALA B 109 31.30 6.10 -28.29
N LEU B 110 30.08 6.18 -27.75
CA LEU B 110 29.08 7.12 -28.26
C LEU B 110 29.46 8.58 -27.94
N GLU B 111 29.87 8.85 -26.70
CA GLU B 111 30.32 10.19 -26.26
C GLU B 111 31.51 10.67 -27.12
N HIS B 112 32.48 9.79 -27.39
CA HIS B 112 33.62 10.09 -28.28
C HIS B 112 33.14 10.43 -29.70
N THR B 113 32.10 9.75 -30.18
CA THR B 113 31.53 10.01 -31.53
C THR B 113 30.76 11.34 -31.57
N TYR B 114 29.92 11.60 -30.58
CA TYR B 114 29.00 12.75 -30.57
C TYR B 114 29.13 13.51 -29.25
N SER B 115 29.73 14.71 -29.32
CA SER B 115 29.89 15.60 -28.17
C SER B 115 28.57 16.32 -27.86
N ASP B 116 28.60 17.09 -26.78
CA ASP B 116 27.59 18.13 -26.44
C ASP B 116 27.40 19.13 -27.60
N LYS B 117 28.49 19.49 -28.30
CA LYS B 117 28.41 20.43 -29.43
C LYS B 117 27.60 19.81 -30.59
N ASP B 118 27.79 18.52 -30.82
CA ASP B 118 27.12 17.82 -31.95
C ASP B 118 25.62 17.57 -31.64
N GLY B 119 25.18 17.71 -30.39
CA GLY B 119 23.76 17.70 -30.01
C GLY B 119 23.35 16.51 -29.15
N LEU B 120 24.32 15.75 -28.62
CA LEU B 120 24.05 14.60 -27.77
C LEU B 120 24.65 14.85 -26.38
N LEU B 121 23.83 14.62 -25.36
CA LEU B 121 24.32 14.43 -24.01
C LEU B 121 23.77 13.11 -23.46
N ILE B 122 24.64 12.41 -22.73
CA ILE B 122 24.30 11.18 -22.00
C ILE B 122 24.22 11.56 -20.52
N ILE B 123 23.14 11.17 -19.83
CA ILE B 123 22.97 11.37 -18.38
C ILE B 123 22.81 9.99 -17.74
N GLY B 124 23.66 9.69 -16.77
CA GLY B 124 23.50 8.53 -15.93
C GLY B 124 22.51 8.79 -14.82
N VAL B 125 21.35 8.17 -14.89
CA VAL B 125 20.35 8.24 -13.85
C VAL B 125 20.60 7.07 -12.90
N HIS B 126 21.56 7.27 -12.00
CA HIS B 126 21.94 6.24 -11.03
C HIS B 126 20.75 5.90 -10.13
N SER B 127 20.22 4.69 -10.30
CA SER B 127 19.02 4.20 -9.61
C SER B 127 19.42 2.96 -8.79
N ALA B 128 19.74 3.18 -7.52
CA ALA B 128 20.45 2.17 -6.72
C ALA B 128 19.60 0.90 -6.49
N LYS B 129 20.29 -0.24 -6.53
CA LYS B 129 19.76 -1.55 -6.06
C LYS B 129 19.93 -1.64 -4.54
N PHE B 130 21.19 -1.47 -4.09
CA PHE B 130 21.60 -1.65 -2.69
C PHE B 130 21.57 -0.31 -1.93
N PRO B 131 21.36 -0.32 -0.59
CA PRO B 131 21.44 0.86 0.31
C PRO B 131 22.77 1.65 0.25
N ASN B 132 23.89 0.91 0.20
CA ASN B 132 25.26 1.49 0.16
C ASN B 132 25.45 2.39 -1.07
N GLU B 133 24.83 2.05 -2.21
CA GLU B 133 25.03 2.78 -3.48
C GLU B 133 24.24 4.10 -3.49
N LYS B 134 23.30 4.31 -2.55
CA LYS B 134 22.58 5.60 -2.37
C LYS B 134 23.50 6.70 -1.81
N VAL B 135 24.64 6.35 -1.19
CA VAL B 135 25.59 7.33 -0.62
C VAL B 135 26.41 7.95 -1.77
N LEU B 136 26.39 9.28 -1.88
CA LEU B 136 27.01 10.04 -2.99
C LEU B 136 28.48 9.65 -3.14
N ASP B 137 29.22 9.56 -2.03
CA ASP B 137 30.68 9.39 -2.08
C ASP B 137 31.04 8.00 -2.62
N ASN B 138 30.17 7.02 -2.42
CA ASN B 138 30.33 5.66 -2.96
C ASN B 138 29.99 5.63 -4.47
N ILE B 139 29.09 6.51 -4.95
CA ILE B 139 28.86 6.71 -6.42
C ILE B 139 30.07 7.46 -7.02
N LYS B 140 30.60 8.46 -6.30
CA LYS B 140 31.76 9.27 -6.74
C LYS B 140 32.99 8.38 -6.95
N SER B 141 33.20 7.41 -6.06
CA SER B 141 34.30 6.41 -6.18
C SER B 141 34.09 5.53 -7.42
N ALA B 142 32.88 5.02 -7.60
CA ALA B 142 32.49 4.16 -8.74
C ALA B 142 32.67 4.87 -10.08
N VAL B 143 32.34 6.15 -10.12
CA VAL B 143 32.57 7.01 -11.29
C VAL B 143 34.06 7.00 -11.66
N LEU B 144 34.95 7.17 -10.67
CA LEU B 144 36.41 7.16 -10.93
C LEU B 144 36.89 5.74 -11.27
N ARG B 145 36.35 4.71 -10.61
CA ARG B 145 36.74 3.29 -10.86
C ARG B 145 36.42 2.89 -12.31
N TYR B 146 35.19 3.18 -12.74
CA TYR B 146 34.70 2.78 -14.06
C TYR B 146 34.89 3.90 -15.10
N ASN B 147 35.42 5.08 -14.71
CA ASN B 147 35.89 6.14 -15.63
C ASN B 147 34.70 6.69 -16.45
N ILE B 148 33.65 7.09 -15.74
CA ILE B 148 32.42 7.66 -16.30
C ILE B 148 32.63 9.18 -16.40
N THR B 149 32.73 9.66 -17.63
CA THR B 149 33.03 11.07 -17.95
C THR B 149 31.78 11.78 -18.51
N HIS B 150 30.57 11.33 -18.15
CA HIS B 150 29.30 11.99 -18.53
C HIS B 150 28.52 12.35 -17.26
N PRO B 151 27.59 13.32 -17.34
CA PRO B 151 26.75 13.74 -16.19
C PRO B 151 26.01 12.59 -15.48
N MET B 152 25.85 12.73 -14.16
CA MET B 152 25.42 11.67 -13.24
C MET B 152 24.46 12.25 -12.19
N VAL B 153 23.32 11.62 -11.96
CA VAL B 153 22.35 12.09 -10.95
C VAL B 153 22.06 10.93 -10.00
N ASN B 154 22.13 11.22 -8.70
CA ASN B 154 21.86 10.25 -7.64
C ASN B 154 20.36 10.25 -7.38
N ASP B 155 19.62 9.55 -8.23
CA ASP B 155 18.19 9.30 -8.07
C ASP B 155 18.04 8.06 -7.17
N ALA B 156 18.32 8.27 -5.88
CA ALA B 156 18.52 7.19 -4.89
C ALA B 156 17.20 6.49 -4.55
N ASP B 157 16.10 7.24 -4.49
CA ASP B 157 14.74 6.71 -4.26
C ASP B 157 14.20 6.06 -5.55
N ALA B 158 14.82 6.36 -6.71
CA ALA B 158 14.46 5.81 -8.02
C ALA B 158 13.05 6.28 -8.42
N SER B 159 12.88 7.61 -8.39
CA SER B 159 11.61 8.28 -8.73
C SER B 159 11.36 8.22 -10.24
N LEU B 160 12.37 8.58 -11.02
CA LEU B 160 12.29 8.64 -12.50
C LEU B 160 12.05 7.23 -13.06
N TRP B 161 12.78 6.25 -12.51
CA TRP B 161 12.62 4.80 -12.80
C TRP B 161 11.16 4.37 -12.60
N GLN B 162 10.61 4.64 -11.42
CA GLN B 162 9.25 4.19 -11.04
C GLN B 162 8.18 4.93 -11.87
N GLU B 163 8.37 6.22 -12.17
CA GLU B 163 7.42 6.97 -13.01
C GLU B 163 7.39 6.41 -14.44
N LEU B 164 8.56 6.05 -14.99
CA LEU B 164 8.67 5.51 -16.38
C LEU B 164 8.32 4.02 -16.44
N GLU B 165 8.26 3.32 -15.30
CA GLU B 165 8.08 1.86 -15.22
C GLU B 165 9.26 1.17 -15.95
N VAL B 166 10.47 1.56 -15.55
CA VAL B 166 11.70 0.85 -15.92
C VAL B 166 11.71 -0.44 -15.10
N SER B 167 12.18 -1.54 -15.69
CA SER B 167 12.13 -2.87 -15.04
C SER B 167 13.45 -3.65 -15.17
N CYS B 168 14.53 -3.01 -15.62
CA CYS B 168 15.74 -3.73 -16.03
C CYS B 168 16.96 -2.82 -15.91
N TRP B 169 18.03 -3.37 -15.31
CA TRP B 169 19.37 -2.76 -15.24
C TRP B 169 20.23 -3.33 -16.38
N PRO B 170 20.74 -2.53 -17.34
CA PRO B 170 20.44 -1.11 -17.60
C PRO B 170 19.26 -0.91 -18.56
N THR B 171 18.65 0.27 -18.52
CA THR B 171 17.68 0.73 -19.54
C THR B 171 18.19 2.06 -20.11
N LEU B 172 18.29 2.14 -21.45
CA LEU B 172 18.54 3.42 -22.16
C LEU B 172 17.20 3.99 -22.64
N VAL B 173 17.06 5.32 -22.55
CA VAL B 173 15.89 6.05 -23.02
C VAL B 173 16.41 7.27 -23.80
N ILE B 174 16.17 7.30 -25.12
CA ILE B 174 16.63 8.37 -26.00
C ILE B 174 15.51 9.40 -26.13
N LEU B 175 15.82 10.67 -25.84
CA LEU B 175 14.88 11.81 -25.90
C LEU B 175 15.22 12.67 -27.11
N GLY B 176 14.19 13.30 -27.67
CA GLY B 176 14.37 14.38 -28.65
C GLY B 176 14.62 15.72 -27.99
N PRO B 177 14.76 16.78 -28.79
CA PRO B 177 15.05 18.16 -28.31
C PRO B 177 14.00 18.83 -27.38
N ARG B 178 12.80 18.31 -27.21
CA ARG B 178 11.78 18.86 -26.24
C ARG B 178 11.44 17.82 -25.15
N GLY B 179 12.38 16.93 -24.85
CA GLY B 179 12.15 15.86 -23.85
C GLY B 179 11.14 14.79 -24.28
N ASN B 180 10.87 14.72 -25.58
CA ASN B 180 9.90 13.75 -26.12
C ASN B 180 10.63 12.42 -26.24
N MET B 181 10.10 11.38 -25.60
CA MET B 181 10.76 10.06 -25.60
C MET B 181 10.58 9.42 -26.98
N LEU B 182 11.68 8.92 -27.53
CA LEU B 182 11.78 8.43 -28.94
C LEU B 182 11.99 6.91 -28.99
N PHE B 183 12.93 6.41 -28.18
CA PHE B 183 13.24 4.97 -28.10
C PHE B 183 13.57 4.59 -26.65
N SER B 184 13.39 3.33 -26.32
CA SER B 184 14.02 2.71 -25.14
C SER B 184 14.73 1.42 -25.57
N LEU B 185 15.95 1.21 -25.07
CA LEU B 185 16.70 -0.04 -25.25
C LEU B 185 16.93 -0.67 -23.87
N ILE B 186 16.37 -1.87 -23.71
CA ILE B 186 16.45 -2.63 -22.47
C ILE B 186 17.73 -3.47 -22.55
N GLY B 187 18.55 -3.35 -21.50
CA GLY B 187 19.68 -4.23 -21.29
C GLY B 187 20.90 -3.82 -22.09
N GLU B 188 21.76 -4.83 -22.23
CA GLU B 188 23.18 -4.71 -22.54
C GLU B 188 23.38 -5.15 -23.99
N GLY B 189 24.40 -4.59 -24.64
CA GLY B 189 24.85 -5.07 -25.94
C GLY B 189 23.89 -4.78 -27.09
N HIS B 190 23.23 -3.63 -27.04
CA HIS B 190 22.50 -3.05 -28.17
C HIS B 190 23.30 -1.86 -28.73
N LYS B 191 24.58 -2.07 -29.01
CA LYS B 191 25.46 -1.02 -29.52
C LYS B 191 25.06 -0.62 -30.94
N ASP B 192 24.76 -1.59 -31.79
CA ASP B 192 24.24 -1.37 -33.18
C ASP B 192 23.05 -0.41 -33.16
N LYS B 193 22.09 -0.65 -32.26
CA LYS B 193 20.83 0.08 -32.18
C LYS B 193 21.04 1.45 -31.51
N LEU B 194 21.86 1.50 -30.45
CA LEU B 194 22.21 2.76 -29.76
C LEU B 194 22.78 3.78 -30.75
N PHE B 195 23.65 3.31 -31.64
CA PHE B 195 24.25 4.18 -32.69
C PHE B 195 23.22 4.50 -33.78
N LEU B 196 22.52 3.50 -34.29
CA LEU B 196 21.49 3.70 -35.35
C LEU B 196 20.44 4.72 -34.89
N TYR B 197 19.94 4.57 -33.66
CA TYR B 197 18.85 5.42 -33.15
C TYR B 197 19.36 6.84 -32.86
N THR B 198 20.51 7.00 -32.17
CA THR B 198 21.00 8.34 -31.79
C THR B 198 21.54 9.08 -33.02
N SER B 199 22.19 8.36 -33.95
CA SER B 199 22.73 9.00 -35.17
C SER B 199 21.60 9.54 -36.05
N ILE B 200 20.56 8.74 -36.25
CA ILE B 200 19.41 9.10 -37.11
C ILE B 200 18.48 10.06 -36.36
N ALA B 201 18.45 10.05 -35.01
CA ALA B 201 17.72 11.07 -34.24
C ALA B 201 18.38 12.44 -34.39
N LEU B 202 19.72 12.50 -34.35
CA LEU B 202 20.48 13.75 -34.58
C LEU B 202 20.25 14.26 -36.00
N LYS B 203 20.39 13.35 -36.96
CA LYS B 203 20.22 13.66 -38.39
C LYS B 203 18.85 14.30 -38.63
N TYR B 204 17.79 13.70 -38.08
CA TYR B 204 16.38 14.14 -38.28
C TYR B 204 16.17 15.56 -37.74
N TYR B 205 16.46 15.77 -36.46
CA TYR B 205 16.19 17.05 -35.76
C TYR B 205 17.16 18.15 -36.23
N LYS B 206 18.31 17.82 -36.81
CA LYS B 206 19.19 18.82 -37.48
C LYS B 206 18.60 19.25 -38.84
N ASP B 207 17.95 18.32 -39.57
CA ASP B 207 17.24 18.66 -40.82
C ASP B 207 16.01 19.55 -40.54
N ARG B 208 15.40 19.42 -39.35
CA ARG B 208 14.28 20.27 -38.90
C ARG B 208 14.78 21.60 -38.30
N GLY B 209 16.07 21.69 -37.98
CA GLY B 209 16.70 22.91 -37.43
C GLY B 209 16.42 23.07 -35.93
N GLN B 210 16.33 21.96 -35.21
CA GLN B 210 15.90 21.92 -33.80
C GLN B 210 17.07 21.46 -32.88
N ILE B 211 18.33 21.38 -33.36
CA ILE B 211 19.47 20.95 -32.53
C ILE B 211 20.47 22.10 -32.40
N ARG B 212 20.54 22.70 -31.21
CA ARG B 212 21.52 23.75 -30.84
C ARG B 212 22.93 23.14 -30.76
N ASP B 213 23.94 23.99 -30.87
CA ASP B 213 25.37 23.62 -30.85
C ASP B 213 26.05 24.16 -29.59
N ASN B 214 25.29 24.55 -28.57
CA ASN B 214 25.87 25.13 -27.32
C ASN B 214 26.51 24.02 -26.49
N LYS B 215 27.44 24.41 -25.61
CA LYS B 215 28.11 23.51 -24.66
C LYS B 215 27.21 23.33 -23.42
N ILE B 216 27.59 22.38 -22.57
CA ILE B 216 26.84 22.10 -21.33
C ILE B 216 27.80 21.50 -20.30
N PRO B 227 46.29 11.12 -4.11
CA PRO B 227 47.27 10.86 -5.17
C PRO B 227 48.36 9.87 -4.70
N SER B 228 47.95 8.60 -4.62
CA SER B 228 48.54 7.55 -3.74
C SER B 228 49.34 6.52 -4.57
N PRO B 229 50.05 5.57 -3.90
CA PRO B 229 50.76 4.47 -4.60
C PRO B 229 49.81 3.43 -5.24
N LEU B 230 48.74 3.06 -4.53
CA LEU B 230 47.64 2.23 -5.06
C LEU B 230 46.44 3.11 -5.41
N LEU B 231 45.60 2.63 -6.32
CA LEU B 231 44.37 3.31 -6.79
C LEU B 231 43.29 2.26 -7.04
N PHE B 232 42.32 2.18 -6.14
CA PHE B 232 41.19 1.25 -6.19
C PHE B 232 41.69 -0.20 -6.38
N PRO B 233 42.56 -0.70 -5.48
CA PRO B 233 43.04 -2.09 -5.54
C PRO B 233 41.86 -3.06 -5.35
N GLY B 234 41.61 -3.88 -6.37
CA GLY B 234 40.48 -4.77 -6.36
C GLY B 234 40.69 -6.00 -5.48
N LYS B 235 41.88 -6.60 -5.59
CA LYS B 235 42.14 -7.91 -4.98
C LYS B 235 43.60 -8.00 -4.54
N VAL B 236 43.82 -8.93 -3.62
CA VAL B 236 45.15 -9.27 -3.12
C VAL B 236 45.18 -10.78 -2.81
N THR B 237 46.37 -11.37 -2.93
CA THR B 237 46.64 -12.77 -2.55
C THR B 237 48.04 -12.89 -1.94
N VAL B 238 48.34 -14.05 -1.33
CA VAL B 238 49.60 -14.30 -0.59
C VAL B 238 50.19 -15.64 -1.08
N ASP B 239 51.49 -15.62 -1.40
CA ASP B 239 52.23 -16.84 -1.73
C ASP B 239 52.38 -17.68 -0.45
N GLN B 240 52.04 -18.97 -0.53
CA GLN B 240 52.05 -19.86 0.65
C GLN B 240 53.49 -20.21 1.06
N VAL B 241 54.41 -20.32 0.10
CA VAL B 241 55.81 -20.71 0.35
C VAL B 241 56.60 -19.50 0.88
N THR B 242 56.53 -18.36 0.17
CA THR B 242 57.49 -17.21 0.36
C THR B 242 56.82 -15.99 1.02
N ASP B 243 55.50 -16.01 1.25
CA ASP B 243 54.76 -14.98 2.04
C ASP B 243 54.84 -13.59 1.37
N ARG B 244 55.01 -13.53 0.04
CA ARG B 244 54.95 -12.27 -0.73
C ARG B 244 53.48 -12.02 -1.09
N LEU B 245 53.14 -10.76 -1.33
CA LEU B 245 51.79 -10.38 -1.75
C LEU B 245 51.79 -10.09 -3.25
N VAL B 246 50.73 -10.54 -3.93
CA VAL B 246 50.38 -10.09 -5.28
C VAL B 246 49.14 -9.21 -5.13
N ILE B 247 49.27 -7.93 -5.50
CA ILE B 247 48.18 -6.93 -5.42
C ILE B 247 47.78 -6.57 -6.85
N ALA B 248 46.50 -6.74 -7.17
CA ALA B 248 45.90 -6.15 -8.36
C ALA B 248 45.54 -4.68 -8.07
N ASP B 249 46.37 -3.76 -8.56
CA ASP B 249 46.15 -2.31 -8.43
C ASP B 249 45.30 -1.86 -9.63
N THR B 250 44.01 -2.21 -9.55
CA THR B 250 43.01 -2.15 -10.64
C THR B 250 42.95 -0.77 -11.30
N GLY B 251 42.97 0.30 -10.50
CA GLY B 251 42.86 1.67 -11.03
C GLY B 251 44.10 2.15 -11.78
N HIS B 252 45.28 1.63 -11.46
CA HIS B 252 46.53 1.91 -12.22
C HIS B 252 46.77 0.86 -13.33
N HIS B 253 45.87 -0.11 -13.49
CA HIS B 253 45.91 -1.13 -14.57
C HIS B 253 47.25 -1.88 -14.49
N ARG B 254 47.61 -2.34 -13.28
CA ARG B 254 48.90 -3.02 -13.05
C ARG B 254 48.79 -4.06 -11.92
N ILE B 255 49.77 -4.97 -11.92
CA ILE B 255 50.00 -5.96 -10.87
C ILE B 255 51.29 -5.56 -10.12
N LEU B 256 51.27 -5.68 -8.78
CA LEU B 256 52.44 -5.50 -7.91
C LEU B 256 52.79 -6.82 -7.23
N VAL B 257 54.07 -7.21 -7.27
CA VAL B 257 54.62 -8.24 -6.38
C VAL B 257 55.45 -7.52 -5.31
N VAL B 258 55.01 -7.64 -4.04
CA VAL B 258 55.62 -6.94 -2.90
C VAL B 258 56.01 -7.96 -1.84
N TRP B 259 57.16 -7.73 -1.18
CA TRP B 259 57.62 -8.56 -0.05
C TRP B 259 56.71 -8.32 1.17
N LYS B 260 56.81 -9.20 2.17
CA LYS B 260 55.93 -9.17 3.36
C LYS B 260 56.05 -7.84 4.13
N ASN B 261 57.27 -7.29 4.20
CA ASN B 261 57.55 -6.01 4.89
C ASN B 261 57.06 -4.81 4.07
N GLY B 262 56.72 -4.99 2.79
CA GLY B 262 56.08 -3.98 1.94
C GLY B 262 56.96 -3.45 0.82
N GLN B 263 58.20 -3.94 0.66
CA GLN B 263 59.10 -3.50 -0.45
C GLN B 263 58.60 -4.11 -1.76
N ILE B 264 58.57 -3.31 -2.83
CA ILE B 264 58.06 -3.75 -4.15
C ILE B 264 59.18 -4.51 -4.87
N GLN B 265 58.90 -5.76 -5.25
CA GLN B 265 59.83 -6.60 -6.01
C GLN B 265 59.65 -6.28 -7.51
N TYR B 266 58.41 -6.40 -8.00
CA TYR B 266 58.07 -6.18 -9.42
C TYR B 266 56.83 -5.29 -9.52
N SER B 267 56.86 -4.32 -10.43
CA SER B 267 55.68 -3.60 -10.90
C SER B 267 55.46 -3.95 -12.38
N ILE B 268 54.27 -4.46 -12.69
CA ILE B 268 53.93 -5.02 -14.01
C ILE B 268 52.64 -4.36 -14.50
N GLY B 269 52.79 -3.42 -15.43
CA GLY B 269 51.68 -2.79 -16.13
C GLY B 269 51.55 -1.31 -15.83
N GLY B 270 50.65 -0.66 -16.56
CA GLY B 270 50.22 0.69 -16.27
C GLY B 270 51.18 1.74 -16.85
N PRO B 271 50.88 3.03 -16.67
CA PRO B 271 49.64 3.50 -16.03
C PRO B 271 48.36 3.34 -16.87
N ASN B 272 48.47 3.05 -18.18
CA ASN B 272 47.30 3.04 -19.09
C ASN B 272 46.78 1.61 -19.30
N PRO B 273 45.49 1.48 -19.70
CA PRO B 273 44.91 0.19 -20.13
C PRO B 273 45.64 -0.45 -21.31
N GLY B 274 45.50 -1.76 -21.44
CA GLY B 274 46.08 -2.46 -22.58
C GLY B 274 45.97 -3.97 -22.44
N ARG B 275 46.52 -4.65 -23.44
CA ARG B 275 46.45 -6.09 -23.62
C ARG B 275 47.83 -6.64 -24.06
N LYS B 276 48.92 -5.89 -23.81
CA LYS B 276 50.24 -6.17 -24.41
C LYS B 276 50.96 -7.20 -23.53
N ASP B 277 51.51 -8.23 -24.18
CA ASP B 277 52.29 -9.30 -23.56
C ASP B 277 53.78 -9.00 -23.75
N GLY B 278 54.63 -9.84 -23.14
CA GLY B 278 56.10 -9.73 -23.25
C GLY B 278 56.73 -9.31 -21.92
N ILE B 279 57.79 -8.49 -21.99
CA ILE B 279 58.57 -8.06 -20.78
C ILE B 279 57.73 -7.09 -19.95
N PHE B 280 58.18 -6.81 -18.72
CA PHE B 280 57.34 -6.14 -17.71
C PHE B 280 57.22 -4.62 -17.96
N SER B 281 58.21 -3.98 -18.58
CA SER B 281 58.07 -2.56 -19.05
C SER B 281 57.10 -2.49 -20.25
N GLU B 282 56.99 -3.57 -21.02
CA GLU B 282 56.12 -3.72 -22.22
C GLU B 282 54.67 -4.00 -21.82
N SER B 283 54.46 -4.79 -20.75
CA SER B 283 53.16 -5.42 -20.46
C SER B 283 52.12 -4.39 -20.04
N THR B 284 50.85 -4.70 -20.28
CA THR B 284 49.71 -3.84 -19.93
C THR B 284 48.47 -4.71 -19.62
N PHE B 285 47.68 -4.23 -18.66
CA PHE B 285 46.44 -4.87 -18.22
C PHE B 285 45.30 -3.86 -18.38
N ASN B 286 44.08 -4.27 -18.03
CA ASN B 286 42.89 -3.43 -18.15
C ASN B 286 41.96 -3.73 -16.99
N SER B 287 42.20 -3.07 -15.87
CA SER B 287 41.40 -3.19 -14.65
C SER B 287 41.41 -4.65 -14.18
N PRO B 288 42.61 -5.17 -13.85
CA PRO B 288 42.71 -6.54 -13.37
C PRO B 288 42.13 -6.66 -11.94
N GLN B 289 41.46 -7.78 -11.68
CA GLN B 289 40.90 -8.13 -10.37
C GLN B 289 41.63 -9.37 -9.82
N GLY B 290 41.10 -10.57 -10.03
CA GLY B 290 41.64 -11.79 -9.40
C GLY B 290 43.11 -12.00 -9.66
N VAL B 291 43.86 -12.38 -8.62
CA VAL B 291 45.26 -12.81 -8.71
C VAL B 291 45.45 -14.05 -7.84
N ALA B 292 46.19 -15.02 -8.37
CA ALA B 292 46.58 -16.27 -7.68
C ALA B 292 48.04 -16.58 -8.01
N ILE B 293 48.76 -17.28 -7.11
CA ILE B 293 50.22 -17.55 -7.28
C ILE B 293 50.56 -18.95 -6.75
N MET B 294 51.52 -19.59 -7.43
CA MET B 294 52.11 -20.91 -7.06
C MET B 294 53.34 -21.17 -7.94
N ASN B 295 54.49 -21.49 -7.34
CA ASN B 295 55.74 -21.86 -8.05
C ASN B 295 56.19 -20.73 -9.00
N ASN B 296 56.14 -19.49 -8.52
CA ASN B 296 56.56 -18.27 -9.28
C ASN B 296 55.67 -18.00 -10.52
N ILE B 297 54.48 -18.60 -10.64
CA ILE B 297 53.54 -18.37 -11.77
C ILE B 297 52.28 -17.69 -11.20
N ILE B 298 52.05 -16.42 -11.56
CA ILE B 298 50.81 -15.69 -11.23
C ILE B 298 49.84 -15.84 -12.41
N TYR B 299 48.58 -16.16 -12.10
CA TYR B 299 47.48 -16.00 -13.05
C TYR B 299 46.62 -14.81 -12.62
N VAL B 300 46.29 -13.96 -13.59
CA VAL B 300 45.54 -12.73 -13.40
C VAL B 300 44.21 -12.86 -14.15
N ALA B 301 43.10 -12.56 -13.49
CA ALA B 301 41.80 -12.30 -14.17
C ALA B 301 41.77 -10.83 -14.66
N ASP B 302 42.09 -10.62 -15.92
CA ASP B 302 42.24 -9.29 -16.54
C ASP B 302 40.86 -8.83 -17.04
N THR B 303 40.07 -8.27 -16.12
CA THR B 303 38.59 -8.31 -16.16
C THR B 303 38.03 -7.53 -17.35
N GLU B 304 38.40 -6.27 -17.55
CA GLU B 304 37.79 -5.44 -18.64
C GLU B 304 38.39 -5.83 -20.01
N ASN B 305 39.54 -6.53 -20.04
CA ASN B 305 40.05 -7.18 -21.27
C ASN B 305 39.31 -8.50 -21.57
N HIS B 306 38.59 -9.07 -20.62
CA HIS B 306 37.97 -10.38 -20.77
C HIS B 306 39.04 -11.41 -21.13
N LEU B 307 40.14 -11.38 -20.37
CA LEU B 307 41.30 -12.26 -20.54
C LEU B 307 41.75 -12.82 -19.18
N ILE B 308 42.28 -14.06 -19.20
CA ILE B 308 43.21 -14.55 -18.17
C ILE B 308 44.64 -14.32 -18.69
N ARG B 309 45.47 -13.68 -17.89
CA ARG B 309 46.89 -13.48 -18.21
C ARG B 309 47.73 -14.36 -17.30
N LYS B 310 48.97 -14.58 -17.71
CA LYS B 310 49.96 -15.37 -16.97
C LYS B 310 51.20 -14.48 -16.77
N ILE B 311 51.66 -14.32 -15.53
CA ILE B 311 52.97 -13.70 -15.24
C ILE B 311 53.91 -14.82 -14.78
N ASP B 312 54.99 -15.03 -15.54
CA ASP B 312 56.09 -15.93 -15.20
C ASP B 312 57.16 -15.09 -14.49
N LEU B 313 57.37 -15.29 -13.19
CA LEU B 313 58.31 -14.46 -12.41
C LEU B 313 59.76 -14.95 -12.59
N GLU B 314 59.96 -16.25 -12.86
CA GLU B 314 61.29 -16.80 -13.21
C GLU B 314 61.76 -16.20 -14.55
N ALA B 315 60.95 -16.41 -15.59
CA ALA B 315 61.26 -15.94 -16.96
C ALA B 315 61.06 -14.42 -17.13
N GLU B 316 60.28 -13.77 -16.25
CA GLU B 316 59.95 -12.31 -16.29
C GLU B 316 59.27 -11.96 -17.64
N LYS B 317 58.19 -12.68 -17.94
CA LYS B 317 57.37 -12.51 -19.17
C LYS B 317 55.88 -12.64 -18.82
N VAL B 318 55.05 -11.83 -19.46
CA VAL B 318 53.58 -11.96 -19.41
C VAL B 318 53.09 -12.60 -20.71
N SER B 319 52.06 -13.44 -20.61
CA SER B 319 51.38 -14.06 -21.75
C SER B 319 49.87 -14.12 -21.47
N THR B 320 49.09 -14.45 -22.52
CA THR B 320 47.64 -14.59 -22.44
C THR B 320 47.29 -16.08 -22.55
N VAL B 321 46.48 -16.60 -21.63
CA VAL B 321 46.16 -18.04 -21.58
C VAL B 321 44.67 -18.30 -21.86
N ALA B 322 43.77 -17.32 -21.69
CA ALA B 322 42.33 -17.54 -21.98
C ALA B 322 41.66 -16.21 -22.34
N GLY B 323 40.58 -16.30 -23.13
CA GLY B 323 39.86 -15.16 -23.64
C GLY B 323 40.40 -14.70 -24.98
N ILE B 324 39.54 -14.07 -25.77
CA ILE B 324 39.89 -13.52 -27.10
C ILE B 324 40.10 -12.00 -27.03
N GLY B 325 39.86 -11.37 -25.88
CA GLY B 325 40.04 -9.93 -25.70
C GLY B 325 38.74 -9.14 -25.80
N ILE B 326 37.58 -9.81 -25.94
CA ILE B 326 36.27 -9.13 -25.96
C ILE B 326 35.23 -9.98 -25.24
N GLN B 327 34.12 -9.33 -24.91
CA GLN B 327 33.09 -9.85 -24.00
C GLN B 327 32.41 -11.06 -24.65
N GLY B 328 32.65 -12.24 -24.08
CA GLY B 328 31.99 -13.46 -24.51
C GLY B 328 30.55 -13.51 -24.05
N THR B 329 29.73 -14.21 -24.82
CA THR B 329 28.38 -14.63 -24.41
C THR B 329 28.27 -16.17 -24.46
N ASP B 330 29.39 -16.89 -24.53
CA ASP B 330 29.40 -18.37 -24.51
C ASP B 330 29.18 -18.84 -23.07
N LYS B 331 28.11 -19.61 -22.83
CA LYS B 331 27.70 -20.12 -21.49
C LYS B 331 28.15 -21.58 -21.30
N GLU B 332 28.75 -22.20 -22.31
CA GLU B 332 29.08 -23.66 -22.31
C GLU B 332 30.59 -23.82 -22.32
N GLY B 333 31.24 -23.25 -23.33
CA GLY B 333 32.69 -23.23 -23.47
C GLY B 333 33.20 -24.51 -24.11
N GLY B 334 34.46 -24.85 -23.83
CA GLY B 334 35.06 -26.12 -24.29
C GLY B 334 36.23 -25.94 -25.26
N ALA B 335 36.40 -24.76 -25.87
CA ALA B 335 37.54 -24.49 -26.78
C ALA B 335 38.83 -24.27 -25.98
N LYS B 336 39.95 -24.21 -26.69
CA LYS B 336 41.29 -24.09 -26.07
C LYS B 336 41.58 -22.61 -25.79
N GLY B 337 41.65 -22.25 -24.50
CA GLY B 337 42.26 -21.01 -24.02
C GLY B 337 41.99 -19.79 -24.88
N GLU B 338 42.91 -19.51 -25.80
CA GLU B 338 42.92 -18.26 -26.56
C GLU B 338 41.91 -18.24 -27.73
N GLN B 339 41.14 -19.32 -27.93
CA GLN B 339 40.02 -19.37 -28.89
C GLN B 339 38.67 -19.44 -28.15
N GLN B 340 38.67 -19.31 -26.82
CA GLN B 340 37.47 -19.38 -25.99
C GLN B 340 37.13 -17.97 -25.48
N PRO B 341 36.00 -17.38 -25.93
CA PRO B 341 35.52 -16.14 -25.31
C PRO B 341 35.06 -16.35 -23.86
N ILE B 342 35.39 -15.38 -22.99
CA ILE B 342 35.00 -15.35 -21.57
C ILE B 342 34.45 -13.96 -21.25
N SER B 343 33.78 -13.79 -20.11
CA SER B 343 33.02 -12.57 -19.77
C SER B 343 33.32 -12.11 -18.33
N SER B 344 34.22 -11.12 -18.21
CA SER B 344 34.49 -10.40 -16.96
C SER B 344 34.91 -11.39 -15.87
N PRO B 345 36.05 -12.09 -16.06
CA PRO B 345 36.55 -12.98 -15.01
C PRO B 345 36.96 -12.08 -13.82
N TRP B 346 36.51 -12.41 -12.61
CA TRP B 346 36.68 -11.56 -11.43
C TRP B 346 37.67 -12.14 -10.40
N ASP B 347 37.67 -13.45 -10.16
CA ASP B 347 38.67 -14.07 -9.23
C ASP B 347 39.22 -15.37 -9.85
N VAL B 348 40.42 -15.74 -9.41
CA VAL B 348 41.07 -16.98 -9.81
C VAL B 348 41.74 -17.61 -8.58
N VAL B 349 41.73 -18.94 -8.53
CA VAL B 349 42.44 -19.73 -7.52
C VAL B 349 42.93 -21.04 -8.15
N PHE B 350 44.09 -21.52 -7.70
CA PHE B 350 44.65 -22.81 -8.14
C PHE B 350 43.84 -23.98 -7.55
N GLY B 351 43.78 -25.08 -8.30
CA GLY B 351 43.12 -26.33 -7.87
C GLY B 351 43.87 -27.55 -8.35
N THR B 352 43.26 -28.72 -8.15
CA THR B 352 44.02 -29.99 -8.05
C THR B 352 43.04 -31.17 -8.13
N ASP B 361 46.08 -30.59 -12.35
CA ASP B 361 46.30 -29.20 -11.90
C ASP B 361 45.55 -28.22 -12.82
N ILE B 362 44.71 -27.34 -12.23
CA ILE B 362 43.72 -26.48 -12.96
C ILE B 362 43.58 -25.11 -12.30
N LEU B 363 42.97 -24.16 -13.03
CA LEU B 363 42.71 -22.77 -12.54
C LEU B 363 41.18 -22.56 -12.48
N TRP B 364 40.63 -22.41 -11.27
CA TRP B 364 39.21 -22.09 -11.09
C TRP B 364 38.98 -20.59 -11.33
N ILE B 365 37.86 -20.26 -11.96
CA ILE B 365 37.57 -18.87 -12.39
C ILE B 365 36.14 -18.53 -11.99
N ALA B 366 35.97 -17.41 -11.28
CA ALA B 366 34.66 -16.82 -11.01
C ALA B 366 34.29 -15.91 -12.17
N MET B 367 33.51 -16.46 -13.11
CA MET B 367 33.13 -15.75 -14.33
C MET B 367 31.89 -14.89 -14.03
N ALA B 368 32.14 -13.67 -13.58
CA ALA B 368 31.07 -12.78 -13.12
C ALA B 368 30.11 -12.45 -14.28
N GLY B 369 30.63 -12.23 -15.48
CA GLY B 369 29.85 -11.77 -16.63
C GLY B 369 28.76 -12.73 -17.07
N THR B 370 29.00 -14.04 -16.99
CA THR B 370 27.99 -15.09 -17.36
C THR B 370 27.53 -15.89 -16.14
N HIS B 371 27.78 -15.42 -14.90
CA HIS B 371 27.11 -15.94 -13.67
C HIS B 371 27.42 -17.43 -13.47
N GLN B 372 28.71 -17.75 -13.61
CA GLN B 372 29.23 -19.13 -13.72
C GLN B 372 30.61 -19.23 -13.09
N ILE B 373 30.93 -20.46 -12.70
CA ILE B 373 32.26 -20.87 -12.30
C ILE B 373 32.87 -21.67 -13.46
N TRP B 374 34.05 -21.24 -13.92
CA TRP B 374 34.76 -21.84 -15.06
C TRP B 374 36.08 -22.48 -14.59
N ALA B 375 36.65 -23.29 -15.48
CA ALA B 375 37.96 -23.92 -15.30
C ALA B 375 38.81 -23.72 -16.57
N LEU B 376 40.06 -23.33 -16.37
CA LEU B 376 41.13 -23.47 -17.36
C LEU B 376 42.01 -24.65 -16.93
N LEU B 377 42.18 -25.64 -17.81
CA LEU B 377 42.97 -26.84 -17.51
C LEU B 377 44.43 -26.57 -17.88
N LEU B 378 45.24 -26.30 -16.86
CA LEU B 378 46.63 -25.85 -17.06
C LEU B 378 47.48 -27.02 -17.55
N ASP B 379 47.26 -28.18 -16.92
CA ASP B 379 47.73 -29.49 -17.40
C ASP B 379 46.48 -30.33 -17.72
N SER B 380 46.67 -31.34 -18.58
CA SER B 380 45.53 -32.17 -19.01
C SER B 380 45.06 -33.01 -17.82
N GLY B 381 43.75 -33.11 -17.68
CA GLY B 381 43.13 -33.85 -16.59
C GLY B 381 41.62 -33.92 -16.76
N LYS B 382 40.90 -34.06 -15.66
CA LYS B 382 39.43 -34.07 -15.67
C LYS B 382 38.88 -33.25 -14.49
N LEU B 383 37.66 -32.74 -14.72
CA LEU B 383 36.85 -32.11 -13.70
C LEU B 383 35.89 -33.14 -13.11
N PRO B 384 35.47 -32.93 -11.85
CA PRO B 384 34.55 -33.79 -11.09
C PRO B 384 33.39 -34.42 -11.89
N LYS B 385 33.35 -35.77 -11.90
CA LYS B 385 32.36 -36.63 -12.60
C LYS B 385 32.10 -36.16 -14.04
N LYS B 386 33.18 -35.95 -14.79
CA LYS B 386 33.15 -35.68 -16.27
C LYS B 386 34.47 -36.16 -16.91
N ASN B 387 34.50 -36.16 -18.24
CA ASN B 387 35.52 -36.86 -19.08
C ASN B 387 36.88 -36.19 -18.97
N GLU B 388 37.93 -36.90 -19.40
CA GLU B 388 39.28 -36.31 -19.52
C GLU B 388 39.24 -35.22 -20.63
N LEU B 389 39.86 -34.07 -20.32
CA LEU B 389 39.91 -32.89 -21.20
C LEU B 389 41.38 -32.55 -21.45
N THR B 390 41.67 -32.07 -22.66
CA THR B 390 43.06 -31.77 -23.07
C THR B 390 43.53 -30.47 -22.41
N LYS B 391 44.85 -30.29 -22.43
CA LYS B 391 45.56 -29.13 -21.85
C LYS B 391 45.11 -27.85 -22.57
N GLY B 392 44.83 -26.81 -21.79
CA GLY B 392 44.43 -25.50 -22.30
C GLY B 392 42.93 -25.35 -22.50
N THR B 393 42.13 -26.39 -22.20
CA THR B 393 40.69 -26.33 -22.43
C THR B 393 40.04 -25.41 -21.38
N CYS B 394 39.21 -24.48 -21.84
CA CYS B 394 38.53 -23.49 -21.01
C CYS B 394 37.02 -23.68 -21.14
N LEU B 395 36.32 -23.93 -20.02
CA LEU B 395 34.88 -24.30 -20.07
C LEU B 395 34.16 -23.89 -18.78
N ARG B 396 32.83 -23.94 -18.84
CA ARG B 396 31.96 -23.83 -17.67
C ARG B 396 32.09 -25.11 -16.84
N PHE B 397 32.13 -24.95 -15.52
CA PHE B 397 32.01 -26.09 -14.59
C PHE B 397 30.61 -26.06 -13.97
N ALA B 398 30.31 -24.97 -13.26
CA ALA B 398 29.05 -24.79 -12.54
C ALA B 398 28.37 -23.50 -13.03
N GLY B 399 27.04 -23.52 -12.94
CA GLY B 399 26.18 -22.40 -13.29
C GLY B 399 25.51 -22.63 -14.64
N SER B 400 24.19 -22.46 -14.68
CA SER B 400 23.43 -22.48 -15.93
C SER B 400 23.81 -21.32 -16.85
N GLY B 401 24.22 -20.18 -16.30
CA GLY B 401 24.35 -18.94 -17.04
C GLY B 401 23.26 -17.92 -16.67
N ASN B 402 22.19 -18.38 -16.03
CA ASN B 402 21.12 -17.50 -15.54
C ASN B 402 21.57 -16.86 -14.23
N GLU B 403 21.18 -15.59 -14.04
CA GLU B 403 21.45 -14.82 -12.81
C GLU B 403 20.41 -15.22 -11.75
N GLU B 404 20.84 -16.07 -10.81
CA GLU B 404 19.95 -16.75 -9.86
C GLU B 404 20.73 -17.05 -8.57
N ASN B 405 20.01 -17.22 -7.45
CA ASN B 405 20.56 -17.77 -6.21
C ASN B 405 20.04 -19.21 -6.08
N ARG B 406 20.29 -20.04 -7.11
CA ARG B 406 19.76 -21.42 -7.19
C ARG B 406 20.89 -22.41 -6.84
N ASN B 407 20.61 -23.23 -5.82
CA ASN B 407 21.47 -24.34 -5.39
C ASN B 407 20.94 -25.65 -5.99
N ASN B 408 21.84 -26.56 -6.34
CA ASN B 408 21.49 -27.79 -7.05
C ASN B 408 22.57 -28.85 -6.82
N ALA B 409 22.16 -30.12 -6.84
CA ALA B 409 23.08 -31.25 -6.80
C ALA B 409 23.87 -31.34 -8.13
N TYR B 410 23.20 -31.03 -9.25
CA TYR B 410 23.84 -31.03 -10.58
C TYR B 410 24.41 -29.64 -10.90
N PRO B 411 25.73 -29.53 -11.23
CA PRO B 411 26.39 -28.22 -11.39
C PRO B 411 25.78 -27.34 -12.49
N HIS B 412 25.46 -27.92 -13.64
CA HIS B 412 24.91 -27.18 -14.80
C HIS B 412 23.54 -26.58 -14.47
N LYS B 413 22.73 -27.25 -13.63
CA LYS B 413 21.36 -26.79 -13.33
C LYS B 413 21.37 -25.71 -12.23
N ALA B 414 22.43 -25.66 -11.42
CA ALA B 414 22.61 -24.56 -10.43
C ALA B 414 22.81 -23.21 -11.13
N GLY B 415 22.57 -22.14 -10.40
CA GLY B 415 22.77 -20.76 -10.87
C GLY B 415 23.59 -19.96 -9.88
N PHE B 416 24.38 -19.03 -10.40
CA PHE B 416 25.12 -18.03 -9.60
C PHE B 416 24.61 -16.64 -9.98
N ALA B 417 25.16 -15.61 -9.34
CA ALA B 417 24.69 -14.22 -9.48
C ALA B 417 25.89 -13.29 -9.24
N GLN B 418 26.71 -13.17 -10.28
CA GLN B 418 27.89 -12.31 -10.34
C GLN B 418 28.93 -12.79 -9.31
N PRO B 419 29.37 -14.08 -9.44
CA PRO B 419 30.41 -14.61 -8.56
C PRO B 419 31.71 -13.80 -8.74
N SER B 420 32.18 -13.19 -7.66
CA SER B 420 33.32 -12.27 -7.65
C SER B 420 34.47 -12.77 -6.76
N GLY B 421 34.28 -13.78 -5.90
CA GLY B 421 35.36 -14.34 -5.04
C GLY B 421 35.39 -15.87 -5.04
N LEU B 422 36.58 -16.43 -4.96
CA LEU B 422 36.80 -17.87 -4.77
C LEU B 422 37.81 -18.10 -3.63
N SER B 423 37.71 -19.26 -3.00
CA SER B 423 38.76 -19.79 -2.13
C SER B 423 38.64 -21.32 -2.03
N LEU B 424 39.78 -22.01 -2.16
CA LEU B 424 39.84 -23.48 -2.20
C LEU B 424 40.03 -24.00 -0.78
N ALA B 425 39.18 -24.98 -0.42
CA ALA B 425 39.35 -25.84 0.76
C ALA B 425 39.31 -27.30 0.29
N SER B 426 40.49 -27.80 -0.13
CA SER B 426 40.62 -29.11 -0.81
C SER B 426 40.59 -30.27 0.20
N GLU B 427 41.13 -30.05 1.40
CA GLU B 427 41.14 -31.01 2.55
C GLU B 427 39.71 -31.51 2.89
N ASP B 428 39.64 -32.68 3.52
CA ASP B 428 38.38 -33.24 4.07
C ASP B 428 38.10 -32.57 5.44
N PRO B 429 36.84 -32.52 5.92
CA PRO B 429 35.61 -33.00 5.26
C PRO B 429 34.83 -31.93 4.46
N TRP B 430 35.55 -30.98 3.84
CA TRP B 430 34.96 -29.86 3.10
C TRP B 430 34.98 -30.20 1.59
N SER B 431 36.19 -30.42 1.06
CA SER B 431 36.44 -30.73 -0.36
C SER B 431 35.60 -29.84 -1.27
N CYS B 432 35.73 -28.53 -1.08
CA CYS B 432 34.84 -27.56 -1.72
C CYS B 432 35.58 -26.28 -2.10
N LEU B 433 34.96 -25.58 -3.04
CA LEU B 433 35.31 -24.24 -3.48
C LEU B 433 34.30 -23.27 -2.86
N PHE B 434 34.77 -22.31 -2.07
CA PHE B 434 33.90 -21.28 -1.48
C PHE B 434 33.72 -20.15 -2.50
N VAL B 435 32.47 -19.74 -2.73
CA VAL B 435 32.10 -18.76 -3.76
C VAL B 435 31.36 -17.59 -3.09
N ALA B 436 31.98 -16.40 -3.10
CA ALA B 436 31.27 -15.14 -2.83
C ALA B 436 30.37 -14.82 -4.03
N ASP B 437 29.05 -14.84 -3.80
CA ASP B 437 28.05 -14.66 -4.84
C ASP B 437 27.36 -13.31 -4.62
N SER B 438 27.83 -12.29 -5.33
CA SER B 438 27.73 -10.87 -4.94
C SER B 438 26.29 -10.35 -5.07
N GLU B 439 25.67 -10.57 -6.22
CA GLU B 439 24.32 -10.04 -6.51
C GLU B 439 23.23 -10.80 -5.72
N SER B 440 23.48 -12.05 -5.33
CA SER B 440 22.58 -12.79 -4.42
C SER B 440 22.79 -12.39 -2.94
N SER B 441 24.00 -11.94 -2.58
CA SER B 441 24.44 -11.60 -1.19
C SER B 441 24.51 -12.87 -0.33
N THR B 442 25.06 -13.94 -0.93
CA THR B 442 25.26 -15.25 -0.33
C THR B 442 26.73 -15.66 -0.44
N VAL B 443 27.09 -16.69 0.31
CA VAL B 443 28.30 -17.48 0.09
C VAL B 443 27.83 -18.90 -0.25
N ARG B 444 28.57 -19.56 -1.15
CA ARG B 444 28.18 -20.88 -1.70
C ARG B 444 29.39 -21.82 -1.65
N THR B 445 29.13 -23.09 -1.33
CA THR B 445 30.09 -24.17 -1.60
C THR B 445 29.77 -24.77 -2.97
N VAL B 446 30.83 -25.21 -3.65
CA VAL B 446 30.77 -26.09 -4.81
C VAL B 446 31.68 -27.29 -4.52
N SER B 447 31.11 -28.50 -4.47
CA SER B 447 31.87 -29.69 -4.09
C SER B 447 32.89 -30.05 -5.17
N LEU B 448 34.12 -30.36 -4.74
CA LEU B 448 35.19 -30.80 -5.65
C LEU B 448 35.12 -32.32 -5.88
N LYS B 449 34.08 -33.01 -5.37
CA LYS B 449 33.85 -34.45 -5.63
C LYS B 449 32.84 -34.62 -6.78
N ASP B 450 31.64 -34.06 -6.61
CA ASP B 450 30.51 -34.25 -7.55
C ASP B 450 29.95 -32.93 -8.06
N GLY B 451 30.56 -31.77 -7.75
CA GLY B 451 30.12 -30.48 -8.32
C GLY B 451 28.82 -29.92 -7.76
N ALA B 452 28.35 -30.44 -6.63
CA ALA B 452 27.11 -29.98 -6.01
C ALA B 452 27.31 -28.56 -5.45
N VAL B 453 26.45 -27.64 -5.89
CA VAL B 453 26.48 -26.24 -5.47
C VAL B 453 25.48 -26.09 -4.32
N LYS B 454 25.97 -25.85 -3.10
CA LYS B 454 25.12 -25.80 -1.90
C LYS B 454 25.25 -24.41 -1.24
N HIS B 455 24.16 -24.00 -0.59
CA HIS B 455 24.08 -22.76 0.20
C HIS B 455 25.00 -22.86 1.44
N LEU B 456 25.60 -21.74 1.86
CA LEU B 456 26.36 -21.65 3.13
C LEU B 456 25.73 -20.58 4.04
N VAL B 457 25.80 -19.30 3.68
CA VAL B 457 25.17 -18.21 4.49
C VAL B 457 24.54 -17.19 3.54
N GLY B 458 23.68 -16.33 4.09
CA GLY B 458 23.12 -15.17 3.39
C GLY B 458 21.92 -15.52 2.52
N GLY B 459 21.22 -14.48 2.08
CA GLY B 459 20.13 -14.59 1.10
C GLY B 459 18.89 -15.27 1.66
N GLU B 460 17.97 -15.59 0.75
CA GLU B 460 16.70 -16.25 1.05
C GLU B 460 16.64 -17.60 0.32
N ARG B 461 15.59 -18.37 0.61
CA ARG B 461 15.36 -19.67 -0.05
C ARG B 461 14.97 -19.46 -1.53
N ASP B 462 14.21 -18.39 -1.84
CA ASP B 462 13.69 -18.19 -3.20
C ASP B 462 14.88 -17.98 -4.15
N PRO B 463 15.07 -18.89 -5.14
CA PRO B 463 16.20 -18.77 -6.08
C PRO B 463 16.20 -17.57 -7.03
N MET B 464 15.04 -16.95 -7.27
CA MET B 464 14.93 -15.71 -8.09
C MET B 464 15.05 -14.45 -7.22
N ASN B 465 15.01 -14.57 -5.88
CA ASN B 465 15.13 -13.40 -4.98
C ASN B 465 16.62 -13.01 -4.86
N LEU B 466 16.98 -11.89 -5.52
CA LEU B 466 18.33 -11.31 -5.53
C LEU B 466 18.38 -10.06 -4.65
N PHE B 467 17.31 -9.73 -3.93
CA PHE B 467 17.24 -8.52 -3.09
C PHE B 467 17.27 -8.89 -1.59
N ALA B 468 17.73 -10.10 -1.24
CA ALA B 468 17.84 -10.52 0.18
C ALA B 468 19.23 -10.14 0.71
N PHE B 469 19.37 -8.85 0.99
CA PHE B 469 20.61 -8.23 1.49
C PHE B 469 20.32 -7.53 2.82
N GLY B 470 21.41 -7.22 3.53
CA GLY B 470 21.34 -6.56 4.84
C GLY B 470 22.67 -6.64 5.57
N ASP B 471 22.61 -6.57 6.90
CA ASP B 471 23.79 -6.68 7.77
C ASP B 471 23.37 -7.30 9.12
N VAL B 472 23.20 -8.62 9.11
CA VAL B 472 22.74 -9.39 10.28
C VAL B 472 23.69 -10.58 10.47
N ASP B 473 24.20 -10.73 11.70
CA ASP B 473 24.96 -11.91 12.10
C ASP B 473 23.96 -13.01 12.50
N GLY B 474 24.19 -14.23 12.02
CA GLY B 474 23.27 -15.34 12.30
C GLY B 474 23.68 -16.64 11.63
N VAL B 475 22.79 -17.63 11.69
CA VAL B 475 23.03 -19.00 11.17
C VAL B 475 22.30 -19.14 9.82
N GLY B 476 23.06 -19.40 8.75
CA GLY B 476 22.48 -19.77 7.45
C GLY B 476 21.74 -18.61 6.79
N ILE B 477 20.51 -18.86 6.32
CA ILE B 477 19.63 -17.82 5.70
C ILE B 477 19.33 -16.67 6.68
N ASN B 478 19.42 -16.89 7.99
CA ASN B 478 19.21 -15.81 8.98
C ASN B 478 20.26 -14.71 8.83
N ALA B 479 21.50 -15.07 8.48
CA ALA B 479 22.56 -14.09 8.23
C ALA B 479 22.23 -13.26 6.98
N LYS B 480 22.68 -12.01 6.96
CA LYS B 480 22.50 -11.11 5.79
C LYS B 480 23.83 -10.41 5.46
N LEU B 481 24.17 -10.42 4.18
CA LEU B 481 25.35 -9.77 3.61
C LEU B 481 24.87 -8.72 2.60
N GLN B 482 25.79 -7.93 2.08
CA GLN B 482 25.49 -6.87 1.10
C GLN B 482 26.63 -6.82 0.06
N HIS B 483 26.41 -7.50 -1.07
CA HIS B 483 27.34 -7.52 -2.22
C HIS B 483 28.75 -7.97 -1.81
N PRO B 484 28.90 -9.18 -1.24
CA PRO B 484 30.23 -9.70 -0.85
C PRO B 484 31.07 -10.06 -2.09
N LEU B 485 32.33 -9.57 -2.11
CA LEU B 485 33.26 -9.74 -3.26
C LEU B 485 34.42 -10.70 -2.95
N GLY B 486 34.73 -10.98 -1.68
CA GLY B 486 35.91 -11.77 -1.31
C GLY B 486 35.59 -12.87 -0.30
N VAL B 487 36.20 -14.04 -0.50
CA VAL B 487 36.26 -15.10 0.51
C VAL B 487 37.70 -15.58 0.58
N THR B 488 38.17 -15.93 1.79
CA THR B 488 39.43 -16.64 1.97
C THR B 488 39.28 -17.66 3.09
N TRP B 489 39.80 -18.86 2.82
CA TRP B 489 39.67 -20.03 3.71
C TRP B 489 40.90 -20.13 4.61
N ASP B 490 40.64 -20.35 5.91
CA ASP B 490 41.66 -20.54 6.96
C ASP B 490 41.75 -22.03 7.28
N LYS B 491 42.80 -22.68 6.77
CA LYS B 491 43.10 -24.11 6.95
C LYS B 491 43.36 -24.44 8.43
N LYS B 492 43.94 -23.48 9.18
CA LYS B 492 44.32 -23.68 10.59
C LYS B 492 43.07 -23.73 11.49
N ARG B 493 42.23 -22.71 11.42
CA ARG B 493 41.08 -22.51 12.32
C ARG B 493 39.79 -23.13 11.75
N ASN B 494 39.77 -23.61 10.50
CA ASN B 494 38.55 -24.10 9.82
C ASN B 494 37.44 -23.03 9.84
N LEU B 495 37.84 -21.82 9.45
CA LEU B 495 36.97 -20.64 9.33
C LEU B 495 37.08 -20.07 7.90
N LEU B 496 36.03 -19.38 7.47
CA LEU B 496 36.00 -18.60 6.23
C LEU B 496 35.87 -17.12 6.58
N TYR B 497 36.77 -16.30 6.06
CA TYR B 497 36.68 -14.84 6.20
C TYR B 497 36.01 -14.27 4.93
N VAL B 498 34.81 -13.71 5.10
CA VAL B 498 34.07 -13.01 4.02
C VAL B 498 34.41 -11.52 4.08
N ALA B 499 34.87 -10.95 2.95
CA ALA B 499 34.91 -9.49 2.73
C ALA B 499 33.51 -9.01 2.32
N ASP B 500 32.70 -8.65 3.31
CA ASP B 500 31.32 -8.20 3.08
C ASP B 500 31.37 -6.70 2.71
N SER B 501 31.40 -6.43 1.40
CA SER B 501 32.00 -5.22 0.85
C SER B 501 31.15 -3.98 1.13
N TYR B 502 29.84 -4.06 0.83
CA TYR B 502 28.94 -2.88 0.92
C TYR B 502 28.53 -2.59 2.37
N ASN B 503 28.70 -3.56 3.28
CA ASN B 503 28.57 -3.33 4.74
C ASN B 503 29.90 -2.86 5.35
N HIS B 504 30.99 -2.79 4.56
CA HIS B 504 32.29 -2.25 4.99
C HIS B 504 32.86 -3.05 6.17
N LYS B 505 32.78 -4.38 6.07
CA LYS B 505 33.02 -5.28 7.20
C LYS B 505 33.66 -6.59 6.70
N ILE B 506 34.67 -7.06 7.44
CA ILE B 506 35.17 -8.44 7.33
C ILE B 506 34.32 -9.29 8.29
N LYS B 507 33.72 -10.35 7.77
CA LYS B 507 32.91 -11.27 8.55
C LYS B 507 33.64 -12.62 8.65
N VAL B 508 33.15 -13.45 9.56
CA VAL B 508 33.73 -14.78 9.88
C VAL B 508 32.59 -15.81 9.81
N VAL B 509 32.75 -16.85 8.99
CA VAL B 509 31.79 -17.94 8.90
C VAL B 509 32.46 -19.23 9.39
N ASP B 510 31.79 -19.89 10.34
CA ASP B 510 32.09 -21.26 10.74
C ASP B 510 31.22 -22.19 9.89
N PRO B 511 31.81 -22.95 8.93
CA PRO B 511 31.01 -23.79 8.01
C PRO B 511 30.38 -25.05 8.65
N LYS B 512 30.84 -25.45 9.84
CA LYS B 512 30.27 -26.56 10.62
C LYS B 512 28.88 -26.15 11.15
N THR B 513 28.81 -25.01 11.85
CA THR B 513 27.56 -24.46 12.44
C THR B 513 26.77 -23.62 11.43
N LYS B 514 27.44 -23.12 10.38
CA LYS B 514 26.91 -22.15 9.39
C LYS B 514 26.62 -20.78 10.05
N ASN B 515 27.30 -20.46 11.16
CA ASN B 515 27.11 -19.20 11.90
C ASN B 515 28.04 -18.14 11.32
N CYS B 516 27.50 -16.96 10.99
CA CYS B 516 28.21 -15.85 10.36
C CYS B 516 28.19 -14.65 11.32
N THR B 517 29.36 -14.10 11.64
CA THR B 517 29.48 -13.00 12.61
C THR B 517 30.56 -12.00 12.16
N THR B 518 30.50 -10.79 12.71
CA THR B 518 31.38 -9.67 12.31
C THR B 518 32.74 -9.79 13.00
N LEU B 519 33.82 -9.83 12.22
CA LEU B 519 35.21 -9.92 12.75
C LEU B 519 35.77 -8.51 12.99
N ALA B 520 35.73 -7.67 11.95
CA ALA B 520 36.19 -6.26 12.06
C ALA B 520 35.29 -5.34 11.23
N GLY B 521 35.40 -4.04 11.52
CA GLY B 521 34.67 -2.96 10.84
C GLY B 521 33.54 -2.41 11.69
N THR B 522 33.54 -1.09 11.88
CA THR B 522 32.40 -0.36 12.48
C THR B 522 31.22 -0.31 11.51
N GLY B 523 31.48 -0.24 10.21
CA GLY B 523 30.43 -0.14 9.17
C GLY B 523 30.32 1.26 8.58
N ASP B 524 31.06 2.22 9.13
CA ASP B 524 31.28 3.54 8.53
C ASP B 524 32.54 3.48 7.67
N THR B 525 32.80 4.55 6.89
CA THR B 525 33.91 4.63 5.89
C THR B 525 34.95 5.70 6.23
N ASN B 526 34.77 6.47 7.33
CA ASN B 526 35.78 7.48 7.80
C ASN B 526 37.11 6.78 8.16
N ASN B 527 38.16 6.99 7.36
CA ASN B 527 39.34 6.09 7.33
C ASN B 527 40.11 6.14 8.67
N VAL B 528 40.63 4.97 9.08
CA VAL B 528 41.39 4.77 10.34
C VAL B 528 42.58 3.85 10.00
N THR B 529 43.79 4.32 10.33
CA THR B 529 45.06 3.63 9.98
C THR B 529 45.24 2.43 10.90
N SER B 530 45.49 2.73 12.18
CA SER B 530 45.84 1.77 13.21
C SER B 530 44.75 1.79 14.30
N SER B 531 44.21 0.62 14.62
CA SER B 531 43.16 0.43 15.63
C SER B 531 42.82 -1.06 15.78
N SER B 532 42.01 -1.37 16.80
CA SER B 532 41.48 -2.71 17.02
C SER B 532 40.48 -3.08 15.92
N PHE B 533 40.24 -4.39 15.77
CA PHE B 533 39.28 -4.96 14.81
C PHE B 533 37.89 -4.30 14.93
N THR B 534 37.32 -4.28 16.15
CA THR B 534 35.93 -3.77 16.37
C THR B 534 35.80 -2.26 16.11
N GLU B 535 36.90 -1.50 16.23
CA GLU B 535 36.90 -0.02 16.08
C GLU B 535 37.58 0.39 14.75
N SER B 536 38.10 -0.55 13.96
CA SER B 536 38.66 -0.28 12.60
C SER B 536 37.55 0.01 11.60
N THR B 537 37.97 0.45 10.42
CA THR B 537 37.07 0.85 9.33
C THR B 537 37.60 0.28 8.00
N PHE B 538 36.66 0.02 7.08
CA PHE B 538 36.97 -0.34 5.67
C PHE B 538 36.12 0.54 4.75
N ASN B 539 36.23 0.33 3.43
CA ASN B 539 35.41 1.05 2.43
C ASN B 539 35.40 0.24 1.12
N GLU B 540 34.37 -0.59 0.97
CA GLU B 540 34.11 -1.41 -0.24
C GLU B 540 35.31 -2.35 -0.49
N PRO B 541 35.68 -3.19 0.50
CA PRO B 541 36.81 -4.11 0.33
C PRO B 541 36.50 -5.15 -0.76
N GLY B 542 37.30 -5.12 -1.85
CA GLY B 542 37.05 -5.89 -3.07
C GLY B 542 37.49 -7.34 -2.98
N GLY B 543 38.48 -7.63 -2.15
CA GLY B 543 38.89 -9.02 -1.86
C GLY B 543 39.82 -9.11 -0.65
N LEU B 544 40.19 -10.35 -0.32
CA LEU B 544 41.05 -10.62 0.84
C LEU B 544 41.71 -12.00 0.73
N CYS B 545 42.76 -12.20 1.54
CA CYS B 545 43.53 -13.46 1.55
C CYS B 545 44.28 -13.65 2.87
N ILE B 546 44.25 -14.89 3.39
CA ILE B 546 45.01 -15.29 4.61
C ILE B 546 46.45 -15.66 4.21
N GLY B 547 47.43 -15.34 5.08
CA GLY B 547 48.81 -15.88 5.00
C GLY B 547 48.87 -17.37 5.33
N GLU B 548 49.99 -18.02 4.99
CA GLU B 548 50.18 -19.51 5.19
C GLU B 548 50.03 -19.87 6.68
N ASN B 549 50.79 -19.16 7.50
CA ASN B 549 50.84 -19.26 8.97
C ASN B 549 49.45 -19.17 9.61
N GLY B 550 48.58 -18.33 9.06
CA GLY B 550 47.26 -18.05 9.62
C GLY B 550 47.29 -16.89 10.62
N GLU B 551 48.38 -16.12 10.67
CA GLU B 551 48.58 -15.01 11.61
C GLU B 551 48.07 -13.68 11.00
N LEU B 552 48.16 -13.54 9.67
CA LEU B 552 47.83 -12.29 8.97
C LEU B 552 46.73 -12.55 7.93
N LEU B 553 45.73 -11.65 7.92
CA LEU B 553 44.64 -11.62 6.94
C LEU B 553 44.75 -10.30 6.17
N TYR B 554 45.17 -10.35 4.90
CA TYR B 554 45.37 -9.17 4.05
C TYR B 554 44.06 -8.85 3.31
N VAL B 555 43.67 -7.57 3.31
CA VAL B 555 42.39 -7.10 2.76
C VAL B 555 42.69 -5.99 1.74
N ALA B 556 42.15 -6.14 0.53
CA ALA B 556 42.18 -5.09 -0.49
C ALA B 556 41.03 -4.10 -0.21
N ASP B 557 41.35 -3.04 0.53
CA ASP B 557 40.37 -2.04 0.98
C ASP B 557 40.22 -0.98 -0.12
N THR B 558 39.47 -1.35 -1.16
CA THR B 558 39.48 -0.71 -2.51
C THR B 558 39.36 0.81 -2.41
N ASN B 559 38.25 1.34 -1.88
CA ASN B 559 37.98 2.80 -1.94
C ASN B 559 38.87 3.61 -0.97
N ASN B 560 39.61 2.97 -0.05
CA ASN B 560 40.65 3.66 0.78
C ASN B 560 42.05 3.60 0.13
N HIS B 561 42.20 2.88 -0.99
CA HIS B 561 43.43 2.88 -1.82
C HIS B 561 44.61 2.27 -1.06
N GLN B 562 44.32 1.18 -0.33
CA GLN B 562 45.21 0.65 0.74
C GLN B 562 45.00 -0.86 0.87
N ILE B 563 46.08 -1.56 1.24
CA ILE B 563 46.03 -2.92 1.76
C ILE B 563 46.02 -2.83 3.30
N LYS B 564 44.97 -3.40 3.91
CA LYS B 564 44.84 -3.52 5.36
C LYS B 564 45.37 -4.90 5.78
N VAL B 565 46.34 -4.91 6.71
CA VAL B 565 46.89 -6.12 7.33
C VAL B 565 46.20 -6.29 8.68
N MET B 566 45.48 -7.41 8.85
CA MET B 566 44.78 -7.75 10.08
C MET B 566 45.57 -8.86 10.78
N ASP B 567 46.17 -8.54 11.94
CA ASP B 567 46.81 -9.54 12.81
C ASP B 567 45.70 -10.27 13.59
N LEU B 568 45.50 -11.57 13.32
CA LEU B 568 44.44 -12.35 13.99
C LEU B 568 44.83 -12.70 15.45
N GLU B 569 46.11 -12.54 15.84
CA GLU B 569 46.50 -12.81 17.24
C GLU B 569 46.41 -11.55 18.11
N THR B 570 46.90 -10.39 17.66
CA THR B 570 46.78 -9.11 18.43
C THR B 570 45.44 -8.39 18.19
N LYS B 571 44.63 -8.81 17.21
CA LYS B 571 43.30 -8.19 16.84
C LYS B 571 43.52 -6.69 16.50
N MET B 572 44.62 -6.38 15.81
CA MET B 572 44.96 -5.02 15.38
C MET B 572 45.03 -5.03 13.85
N VAL B 573 44.45 -3.97 13.28
CA VAL B 573 44.51 -3.70 11.86
C VAL B 573 45.61 -2.66 11.65
N SER B 574 46.42 -2.86 10.62
CA SER B 574 47.48 -1.94 10.21
C SER B 574 47.40 -1.74 8.68
N VAL B 575 47.88 -0.61 8.20
CA VAL B 575 48.03 -0.34 6.75
C VAL B 575 49.39 -0.91 6.32
N LEU B 576 49.41 -1.69 5.24
CA LEU B 576 50.67 -2.14 4.64
C LEU B 576 51.38 -0.93 4.01
N PRO B 577 52.59 -0.59 4.51
CA PRO B 577 53.36 0.45 3.84
C PRO B 577 53.92 -0.09 2.51
N ILE B 578 54.01 0.76 1.50
CA ILE B 578 54.49 0.37 0.16
C ILE B 578 55.53 1.42 -0.28
N PHE B 579 56.73 0.97 -0.66
CA PHE B 579 57.86 1.84 -1.07
C PHE B 579 58.71 1.18 -2.17
N GLY C 15 -9.09 9.65 -14.37
CA GLY C 15 -9.60 8.33 -14.87
C GLY C 15 -11.04 8.41 -15.35
N ARG C 16 -11.79 7.32 -15.17
CA ARG C 16 -13.22 7.23 -15.47
C ARG C 16 -13.95 7.10 -14.12
N SER C 17 -14.23 8.27 -13.58
CA SER C 17 -14.70 8.50 -12.20
C SER C 17 -15.72 9.65 -12.20
N LEU C 18 -16.36 9.88 -11.06
CA LEU C 18 -17.39 10.95 -10.90
C LEU C 18 -16.76 12.35 -11.10
N SER C 19 -15.43 12.48 -10.93
CA SER C 19 -14.63 13.66 -11.38
C SER C 19 -15.05 14.16 -12.77
N GLY C 20 -15.34 13.24 -13.69
CA GLY C 20 -15.66 13.56 -15.09
C GLY C 20 -16.89 14.44 -15.26
N LEU C 21 -17.89 14.29 -14.37
CA LEU C 21 -19.15 15.07 -14.46
C LEU C 21 -19.02 16.46 -13.84
N LEU C 22 -17.99 16.72 -13.03
CA LEU C 22 -18.02 17.81 -12.03
C LEU C 22 -17.98 19.21 -12.67
N PRO C 23 -17.07 19.46 -13.65
CA PRO C 23 -17.07 20.82 -14.28
C PRO C 23 -18.37 21.11 -15.06
N ALA C 24 -18.95 20.10 -15.75
CA ALA C 24 -20.17 20.29 -16.54
C ALA C 24 -21.41 20.41 -15.64
N GLN C 25 -21.55 19.52 -14.66
CA GLN C 25 -22.77 19.47 -13.81
C GLN C 25 -22.86 20.69 -12.89
N THR C 26 -21.71 21.15 -12.38
CA THR C 26 -21.67 22.39 -11.56
C THR C 26 -22.00 23.61 -12.43
N SER C 27 -21.63 23.57 -13.71
CA SER C 27 -22.02 24.61 -14.68
C SER C 27 -23.53 24.61 -14.92
N LEU C 28 -24.16 23.42 -14.96
CA LEU C 28 -25.64 23.34 -14.99
C LEU C 28 -26.23 23.87 -13.68
N GLU C 29 -25.71 23.43 -12.53
CA GLU C 29 -26.23 23.82 -11.19
C GLU C 29 -26.12 25.33 -10.94
N TYR C 30 -25.10 25.98 -11.52
CA TYR C 30 -24.92 27.44 -11.40
C TYR C 30 -26.04 28.16 -12.16
N ALA C 31 -26.36 27.64 -13.35
CA ALA C 31 -27.46 28.18 -14.16
C ALA C 31 -28.81 27.94 -13.47
N LEU C 32 -29.04 26.74 -12.90
CA LEU C 32 -30.34 26.41 -12.24
C LEU C 32 -30.65 27.34 -11.06
N LEU C 33 -29.63 27.90 -10.39
CA LEU C 33 -29.85 28.89 -9.30
C LEU C 33 -30.28 30.27 -9.85
N ASP C 34 -29.92 30.64 -11.08
CA ASP C 34 -30.40 31.90 -11.71
C ASP C 34 -31.66 31.66 -12.56
N ALA C 35 -32.26 30.47 -12.51
CA ALA C 35 -33.43 30.12 -13.35
C ALA C 35 -34.71 30.41 -12.55
N VAL C 36 -35.49 31.39 -13.01
CA VAL C 36 -36.65 31.91 -12.25
C VAL C 36 -37.87 31.00 -12.42
N THR C 37 -38.07 30.40 -13.62
CA THR C 37 -39.22 29.52 -13.92
C THR C 37 -38.81 28.03 -13.87
N GLN C 38 -39.76 27.15 -13.55
CA GLN C 38 -39.57 25.67 -13.62
C GLN C 38 -39.34 25.22 -15.08
N GLN C 39 -39.83 25.96 -16.09
CA GLN C 39 -39.61 25.61 -17.51
C GLN C 39 -38.14 25.88 -17.90
N GLU C 40 -37.61 27.04 -17.49
CA GLU C 40 -36.19 27.40 -17.70
C GLU C 40 -35.26 26.31 -17.13
N LYS C 41 -35.57 25.81 -15.93
CA LYS C 41 -34.81 24.76 -15.28
C LYS C 41 -34.92 23.44 -16.06
N ASP C 42 -36.11 23.13 -16.58
CA ASP C 42 -36.34 21.88 -17.35
C ASP C 42 -35.53 21.96 -18.66
N SER C 43 -35.56 23.09 -19.36
CA SER C 43 -34.88 23.22 -20.66
C SER C 43 -33.36 23.15 -20.50
N LEU C 44 -32.82 23.77 -19.43
CA LEU C 44 -31.39 23.73 -19.11
C LEU C 44 -30.91 22.29 -18.87
N VAL C 45 -31.69 21.51 -18.11
CA VAL C 45 -31.35 20.10 -17.81
C VAL C 45 -31.40 19.30 -19.11
N TYR C 46 -32.38 19.59 -19.96
CA TYR C 46 -32.51 18.94 -21.28
C TYR C 46 -31.31 19.31 -22.17
N GLN C 47 -30.89 20.58 -22.15
CA GLN C 47 -29.71 21.05 -22.90
C GLN C 47 -28.44 20.42 -22.33
N TYR C 48 -28.36 20.23 -21.01
CA TYR C 48 -27.23 19.50 -20.38
C TYR C 48 -27.18 18.06 -20.93
N LEU C 49 -28.32 17.39 -21.05
CA LEU C 49 -28.36 15.98 -21.51
C LEU C 49 -28.02 15.88 -23.01
N GLN C 50 -28.44 16.85 -23.83
CA GLN C 50 -27.99 16.91 -25.26
C GLN C 50 -26.47 16.93 -25.36
N LYS C 51 -25.82 17.73 -24.50
CA LYS C 51 -24.37 17.86 -24.45
C LYS C 51 -23.74 16.53 -24.01
N VAL C 52 -24.22 15.95 -22.90
CA VAL C 52 -23.62 14.77 -22.25
C VAL C 52 -23.94 13.50 -23.04
N ASP C 53 -25.14 13.40 -23.62
CA ASP C 53 -25.49 12.28 -24.48
C ASP C 53 -24.61 12.27 -25.75
N GLY C 54 -24.41 13.43 -26.34
CA GLY C 54 -23.63 13.59 -27.58
C GLY C 54 -22.13 13.73 -27.35
N TRP C 55 -21.60 13.46 -26.14
CA TRP C 55 -20.15 13.23 -25.93
C TRP C 55 -19.70 12.03 -26.79
N GLU C 56 -18.48 12.13 -27.32
CA GLU C 56 -17.90 11.04 -28.12
C GLU C 56 -17.64 9.85 -27.18
N GLN C 57 -16.90 10.10 -26.10
CA GLN C 57 -16.54 9.08 -25.10
C GLN C 57 -17.44 9.25 -23.87
N ASP C 58 -18.36 8.29 -23.66
CA ASP C 58 -19.16 8.19 -22.42
C ASP C 58 -18.27 7.96 -21.19
N LEU C 59 -18.73 8.47 -20.05
CA LEU C 59 -18.30 8.01 -18.74
C LEU C 59 -19.16 6.80 -18.39
N SER C 60 -18.68 5.64 -18.82
CA SER C 60 -19.37 4.39 -18.57
C SER C 60 -19.16 3.97 -17.12
N VAL C 61 -20.20 3.39 -16.52
CA VAL C 61 -20.14 2.89 -15.14
C VAL C 61 -19.41 1.52 -15.19
N PRO C 62 -18.57 1.21 -14.19
CA PRO C 62 -18.06 -0.15 -14.06
C PRO C 62 -19.21 -1.14 -13.80
N GLU C 63 -19.08 -2.35 -14.34
CA GLU C 63 -20.04 -3.43 -14.12
C GLU C 63 -20.00 -3.85 -12.63
N PHE C 64 -21.14 -4.29 -12.12
CA PHE C 64 -21.22 -4.90 -10.78
C PHE C 64 -20.27 -6.11 -10.72
N PRO C 65 -19.30 -6.11 -9.77
CA PRO C 65 -18.38 -7.25 -9.58
C PRO C 65 -19.12 -8.60 -9.52
N GLU C 66 -18.51 -9.64 -10.09
CA GLU C 66 -19.13 -10.98 -10.15
C GLU C 66 -19.18 -11.61 -8.76
N GLY C 67 -20.27 -12.32 -8.50
CA GLY C 67 -20.42 -13.15 -7.29
C GLY C 67 -20.74 -12.37 -6.01
N LEU C 68 -21.12 -11.08 -6.11
CA LEU C 68 -21.69 -10.34 -4.97
C LEU C 68 -23.10 -10.89 -4.71
N GLU C 69 -23.51 -10.85 -3.43
CA GLU C 69 -24.84 -11.27 -3.03
C GLU C 69 -25.85 -10.13 -3.28
N TRP C 70 -27.04 -10.49 -3.80
CA TRP C 70 -28.10 -9.56 -4.17
C TRP C 70 -29.37 -9.84 -3.34
N LEU C 71 -30.09 -8.77 -2.94
CA LEU C 71 -31.40 -8.88 -2.27
C LEU C 71 -32.46 -8.14 -3.09
N ASN C 72 -33.72 -8.53 -2.86
CA ASN C 72 -34.94 -8.01 -3.51
C ASN C 72 -34.92 -8.29 -5.02
N THR C 73 -34.24 -9.37 -5.45
CA THR C 73 -34.16 -9.77 -6.88
C THR C 73 -34.10 -11.29 -7.00
N GLU C 74 -34.46 -11.77 -8.20
CA GLU C 74 -34.48 -13.21 -8.54
C GLU C 74 -33.04 -13.71 -8.70
N GLU C 75 -32.32 -13.14 -9.67
CA GLU C 75 -30.90 -13.41 -9.93
C GLU C 75 -30.11 -12.11 -9.71
N PRO C 76 -28.76 -12.15 -9.83
CA PRO C 76 -27.98 -10.90 -9.91
C PRO C 76 -28.41 -9.98 -11.07
N ILE C 77 -28.13 -8.70 -10.91
CA ILE C 77 -28.36 -7.67 -11.92
C ILE C 77 -26.99 -7.17 -12.40
N SER C 78 -26.91 -6.98 -13.71
CA SER C 78 -25.75 -6.42 -14.37
C SER C 78 -26.23 -5.23 -15.24
N VAL C 79 -25.46 -4.15 -15.21
CA VAL C 79 -25.82 -2.89 -15.89
C VAL C 79 -25.99 -3.15 -17.39
N TYR C 80 -25.06 -3.91 -17.99
CA TYR C 80 -24.92 -3.98 -19.46
C TYR C 80 -25.71 -5.13 -20.10
N LYS C 81 -26.26 -6.08 -19.32
CA LYS C 81 -27.14 -7.16 -19.84
C LYS C 81 -28.61 -6.91 -19.46
N ASP C 82 -28.87 -6.41 -18.23
CA ASP C 82 -30.24 -6.36 -17.63
C ASP C 82 -30.80 -4.92 -17.54
N LEU C 83 -29.95 -3.86 -17.54
CA LEU C 83 -30.38 -2.44 -17.37
C LEU C 83 -30.16 -1.57 -18.62
N CYS C 84 -29.93 -2.18 -19.80
CA CYS C 84 -30.04 -1.44 -21.07
C CYS C 84 -31.49 -0.96 -21.25
N GLY C 85 -31.64 0.23 -21.81
CA GLY C 85 -32.97 0.83 -22.08
C GLY C 85 -33.65 1.41 -20.85
N LYS C 86 -32.87 1.70 -19.80
CA LYS C 86 -33.38 2.17 -18.51
C LYS C 86 -32.54 3.34 -18.00
N ILE C 87 -33.20 4.31 -17.37
CA ILE C 87 -32.51 5.23 -16.43
C ILE C 87 -32.31 4.46 -15.12
N VAL C 88 -31.12 4.58 -14.53
CA VAL C 88 -30.74 3.83 -13.31
C VAL C 88 -30.23 4.84 -12.27
N VAL C 89 -30.73 4.73 -11.03
CA VAL C 89 -30.21 5.50 -9.88
C VAL C 89 -29.45 4.51 -8.98
N LEU C 90 -28.13 4.67 -8.89
CA LEU C 90 -27.32 3.97 -7.90
C LEU C 90 -27.35 4.75 -6.58
N ASP C 91 -27.57 4.05 -5.46
CA ASP C 91 -27.58 4.62 -4.12
C ASP C 91 -26.44 3.96 -3.34
N PHE C 92 -25.32 4.66 -3.24
CA PHE C 92 -24.20 4.23 -2.39
C PHE C 92 -24.54 4.56 -0.94
N PHE C 93 -24.82 3.54 -0.14
CA PHE C 93 -25.40 3.74 1.20
C PHE C 93 -24.91 2.65 2.16
N THR C 94 -25.26 2.86 3.42
CA THR C 94 -25.05 1.90 4.50
C THR C 94 -26.13 2.15 5.57
N TYR C 95 -26.68 1.09 6.16
CA TYR C 95 -27.92 1.19 6.98
C TYR C 95 -27.63 1.82 8.35
N CYS C 96 -26.37 1.84 8.82
CA CYS C 96 -26.02 2.48 10.10
C CYS C 96 -26.25 4.00 10.03
N CYS C 97 -25.95 4.62 8.88
CA CYS C 97 -25.88 6.06 8.75
C CYS C 97 -27.29 6.67 8.72
N ILE C 98 -27.55 7.63 9.61
CA ILE C 98 -28.83 8.35 9.65
C ILE C 98 -29.03 9.20 8.38
N ASN C 99 -27.94 9.69 7.75
CA ASN C 99 -28.00 10.44 6.49
C ASN C 99 -28.57 9.58 5.35
N CYS C 100 -28.15 8.31 5.30
CA CYS C 100 -28.71 7.35 4.36
C CYS C 100 -30.16 7.01 4.71
N ILE C 101 -30.49 6.89 6.01
CA ILE C 101 -31.86 6.57 6.46
C ILE C 101 -32.82 7.67 6.00
N HIS C 102 -32.43 8.94 6.17
CA HIS C 102 -33.24 10.11 5.77
C HIS C 102 -33.52 10.11 4.26
N LEU C 103 -32.57 9.64 3.43
CA LEU C 103 -32.73 9.58 1.96
C LEU C 103 -33.77 8.53 1.54
N LEU C 104 -34.01 7.49 2.33
CA LEU C 104 -34.84 6.34 1.87
C LEU C 104 -36.27 6.75 1.52
N PRO C 105 -36.94 7.62 2.30
CA PRO C 105 -38.26 8.16 1.91
C PRO C 105 -38.30 8.86 0.54
N ASP C 106 -37.21 9.52 0.14
CA ASP C 106 -37.12 10.23 -1.16
C ASP C 106 -37.00 9.21 -2.30
N LEU C 107 -36.24 8.13 -2.10
CA LEU C 107 -36.13 7.03 -3.10
C LEU C 107 -37.43 6.24 -3.20
N HIS C 108 -38.09 6.02 -2.06
CA HIS C 108 -39.43 5.35 -1.98
C HIS C 108 -40.45 6.12 -2.82
N ALA C 109 -40.52 7.44 -2.64
CA ALA C 109 -41.41 8.34 -3.41
C ALA C 109 -41.05 8.35 -4.89
N LEU C 110 -39.77 8.22 -5.24
CA LEU C 110 -39.34 8.14 -6.64
C LEU C 110 -39.79 6.82 -7.28
N GLU C 111 -39.58 5.70 -6.58
CA GLU C 111 -39.98 4.33 -7.03
C GLU C 111 -41.49 4.29 -7.28
N HIS C 112 -42.28 4.87 -6.38
CA HIS C 112 -43.75 4.97 -6.53
C HIS C 112 -44.11 5.80 -7.77
N THR C 113 -43.36 6.86 -8.06
CA THR C 113 -43.61 7.73 -9.23
C THR C 113 -43.24 7.02 -10.54
N TYR C 114 -42.08 6.36 -10.58
CA TYR C 114 -41.53 5.78 -11.80
C TYR C 114 -41.14 4.31 -11.53
N SER C 115 -41.91 3.38 -12.10
CA SER C 115 -41.64 1.93 -12.00
C SER C 115 -40.53 1.54 -12.98
N ASP C 116 -40.18 0.25 -12.91
CA ASP C 116 -39.38 -0.46 -13.93
C ASP C 116 -40.00 -0.32 -15.34
N LYS C 117 -41.34 -0.35 -15.43
CA LYS C 117 -42.06 -0.23 -16.73
C LYS C 117 -41.81 1.17 -17.32
N ASP C 118 -41.83 2.19 -16.47
CA ASP C 118 -41.70 3.61 -16.92
C ASP C 118 -40.25 3.94 -17.32
N GLY C 119 -39.27 3.10 -16.94
CA GLY C 119 -37.88 3.21 -17.42
C GLY C 119 -36.87 3.55 -16.32
N LEU C 120 -37.26 3.48 -15.05
CA LEU C 120 -36.37 3.75 -13.93
C LEU C 120 -36.23 2.49 -13.07
N LEU C 121 -34.99 2.14 -12.73
CA LEU C 121 -34.72 1.24 -11.62
C LEU C 121 -33.72 1.92 -10.67
N ILE C 122 -33.94 1.72 -9.37
CA ILE C 122 -33.03 2.16 -8.31
C ILE C 122 -32.31 0.92 -7.80
N ILE C 123 -30.97 0.97 -7.68
CA ILE C 123 -30.18 -0.11 -7.08
C ILE C 123 -29.44 0.46 -5.87
N GLY C 124 -29.65 -0.15 -4.71
CA GLY C 124 -28.86 0.17 -3.55
C GLY C 124 -27.53 -0.58 -3.58
N VAL C 125 -26.45 0.18 -3.74
CA VAL C 125 -25.11 -0.36 -3.70
C VAL C 125 -24.63 -0.23 -2.25
N HIS C 126 -25.03 -1.19 -1.43
CA HIS C 126 -24.66 -1.22 -0.01
C HIS C 126 -23.12 -1.32 0.12
N SER C 127 -22.52 -0.22 0.60
CA SER C 127 -21.07 -0.07 0.74
C SER C 127 -20.75 0.14 2.22
N ALA C 128 -20.43 -0.95 2.91
CA ALA C 128 -20.44 -0.97 4.40
C ALA C 128 -19.38 -0.03 4.99
N LYS C 129 -19.75 0.64 6.07
CA LYS C 129 -18.84 1.42 6.94
C LYS C 129 -18.18 0.47 7.95
N PHE C 130 -19.04 -0.22 8.70
CA PHE C 130 -18.65 -1.14 9.78
C PHE C 130 -18.50 -2.58 9.26
N PRO C 131 -17.62 -3.40 9.89
CA PRO C 131 -17.49 -4.87 9.64
C PRO C 131 -18.79 -5.69 9.71
N ASN C 132 -19.62 -5.40 10.71
CA ASN C 132 -20.90 -6.12 10.97
C ASN C 132 -21.86 -5.99 9.78
N GLU C 133 -21.86 -4.85 9.08
CA GLU C 133 -22.82 -4.57 7.98
C GLU C 133 -22.40 -5.34 6.70
N LYS C 134 -21.17 -5.87 6.63
CA LYS C 134 -20.71 -6.72 5.49
C LYS C 134 -21.41 -8.11 5.50
N VAL C 135 -21.98 -8.54 6.63
CA VAL C 135 -22.69 -9.83 6.74
C VAL C 135 -24.09 -9.67 6.08
N LEU C 136 -24.39 -10.52 5.10
CA LEU C 136 -25.60 -10.38 4.27
C LEU C 136 -26.87 -10.40 5.14
N ASP C 137 -26.91 -11.26 6.15
CA ASP C 137 -28.14 -11.46 6.96
C ASP C 137 -28.44 -10.23 7.82
N ASN C 138 -27.40 -9.46 8.18
CA ASN C 138 -27.56 -8.18 8.89
C ASN C 138 -28.04 -7.07 7.94
N ILE C 139 -27.70 -7.14 6.64
CA ILE C 139 -28.30 -6.24 5.61
C ILE C 139 -29.75 -6.66 5.35
N LYS C 140 -30.02 -7.96 5.30
CA LYS C 140 -31.38 -8.53 5.05
C LYS C 140 -32.36 -8.09 6.14
N SER C 141 -31.91 -8.04 7.40
CA SER C 141 -32.70 -7.53 8.55
C SER C 141 -33.00 -6.03 8.37
N ALA C 142 -31.96 -5.26 8.05
CA ALA C 142 -32.03 -3.80 7.83
C ALA C 142 -32.99 -3.43 6.70
N VAL C 143 -32.99 -4.23 5.64
CA VAL C 143 -33.93 -4.08 4.52
C VAL C 143 -35.37 -4.18 5.03
N LEU C 144 -35.66 -5.17 5.88
CA LEU C 144 -37.02 -5.32 6.45
C LEU C 144 -37.31 -4.20 7.46
N ARG C 145 -36.33 -3.80 8.27
CA ARG C 145 -36.49 -2.73 9.29
C ARG C 145 -36.85 -1.40 8.62
N TYR C 146 -36.10 -1.03 7.59
CA TYR C 146 -36.26 0.27 6.89
C TYR C 146 -37.15 0.12 5.65
N ASN C 147 -37.65 -1.08 5.32
CA ASN C 147 -38.72 -1.30 4.29
C ASN C 147 -38.22 -0.85 2.91
N ILE C 148 -37.06 -1.39 2.52
CA ILE C 148 -36.41 -1.08 1.22
C ILE C 148 -36.94 -2.10 0.19
N THR C 149 -37.74 -1.62 -0.76
CA THR C 149 -38.42 -2.47 -1.76
C THR C 149 -37.78 -2.33 -3.15
N HIS C 150 -36.50 -1.93 -3.24
CA HIS C 150 -35.75 -1.85 -4.49
C HIS C 150 -34.53 -2.79 -4.41
N PRO C 151 -33.97 -3.20 -5.56
CA PRO C 151 -32.79 -4.10 -5.61
C PRO C 151 -31.58 -3.61 -4.80
N MET C 152 -30.81 -4.57 -4.26
CA MET C 152 -29.77 -4.33 -3.23
C MET C 152 -28.56 -5.23 -3.53
N VAL C 153 -27.35 -4.68 -3.52
CA VAL C 153 -26.13 -5.48 -3.76
C VAL C 153 -25.17 -5.23 -2.59
N ASN C 154 -24.64 -6.32 -2.02
CA ASN C 154 -23.69 -6.29 -0.91
C ASN C 154 -22.29 -6.14 -1.50
N ASP C 155 -21.96 -4.91 -1.85
CA ASP C 155 -20.61 -4.51 -2.30
C ASP C 155 -19.80 -4.20 -1.04
N ALA C 156 -19.45 -5.26 -0.31
CA ALA C 156 -18.91 -5.18 1.07
C ALA C 156 -17.50 -4.59 1.12
N ASP C 157 -16.68 -4.93 0.11
CA ASP C 157 -15.31 -4.41 -0.04
C ASP C 157 -15.35 -3.00 -0.64
N ALA C 158 -16.51 -2.58 -1.20
CA ALA C 158 -16.76 -1.24 -1.74
C ALA C 158 -15.86 -1.00 -2.96
N SER C 159 -15.97 -1.92 -3.92
CA SER C 159 -15.21 -1.89 -5.19
C SER C 159 -15.73 -0.76 -6.10
N LEU C 160 -17.05 -0.71 -6.28
CA LEU C 160 -17.72 0.26 -7.17
C LEU C 160 -17.50 1.69 -6.65
N TRP C 161 -17.63 1.85 -5.33
CA TRP C 161 -17.34 3.09 -4.57
C TRP C 161 -15.92 3.59 -4.88
N GLN C 162 -14.93 2.71 -4.68
CA GLN C 162 -13.50 3.06 -4.83
C GLN C 162 -13.15 3.33 -6.31
N GLU C 163 -13.73 2.59 -7.26
CA GLU C 163 -13.50 2.85 -8.70
C GLU C 163 -14.06 4.22 -9.10
N LEU C 164 -15.25 4.59 -8.59
CA LEU C 164 -15.90 5.89 -8.93
C LEU C 164 -15.33 7.04 -8.11
N GLU C 165 -14.55 6.77 -7.04
CA GLU C 165 -14.05 7.79 -6.09
C GLU C 165 -15.24 8.52 -5.44
N VAL C 166 -16.17 7.71 -4.89
CA VAL C 166 -17.23 8.21 -4.01
C VAL C 166 -16.56 8.54 -2.67
N SER C 167 -17.02 9.59 -2.00
CA SER C 167 -16.42 10.02 -0.70
C SER C 167 -17.47 10.36 0.37
N CYS C 168 -18.75 10.03 0.17
CA CYS C 168 -19.82 10.52 1.05
C CYS C 168 -21.01 9.55 1.08
N TRP C 169 -21.49 9.28 2.28
CA TRP C 169 -22.71 8.50 2.55
C TRP C 169 -23.90 9.48 2.76
N PRO C 170 -24.97 9.45 1.94
CA PRO C 170 -25.14 8.70 0.68
C PRO C 170 -24.65 9.48 -0.55
N THR C 171 -24.36 8.76 -1.65
CA THR C 171 -24.12 9.35 -2.99
C THR C 171 -25.10 8.69 -3.96
N LEU C 172 -25.85 9.51 -4.72
CA LEU C 172 -26.65 9.04 -5.87
C LEU C 172 -25.87 9.25 -7.17
N VAL C 173 -25.97 8.29 -8.09
CA VAL C 173 -25.38 8.36 -9.42
C VAL C 173 -26.44 7.93 -10.43
N ILE C 174 -26.91 8.84 -11.28
CA ILE C 174 -27.96 8.58 -12.27
C ILE C 174 -27.30 8.21 -13.60
N LEU C 175 -27.69 7.05 -14.15
CA LEU C 175 -27.16 6.49 -15.42
C LEU C 175 -28.21 6.64 -16.50
N GLY C 176 -27.76 6.83 -17.74
CA GLY C 176 -28.61 6.70 -18.92
C GLY C 176 -28.77 5.24 -19.37
N PRO C 177 -29.49 5.02 -20.48
CA PRO C 177 -29.78 3.68 -21.03
C PRO C 177 -28.59 2.81 -21.48
N ARG C 178 -27.37 3.34 -21.62
CA ARG C 178 -26.15 2.53 -21.98
C ARG C 178 -25.11 2.59 -20.85
N GLY C 179 -25.56 2.78 -19.61
CA GLY C 179 -24.66 2.88 -18.43
C GLY C 179 -23.82 4.15 -18.41
N ASN C 180 -24.22 5.16 -19.18
CA ASN C 180 -23.48 6.42 -19.28
C ASN C 180 -23.88 7.26 -18.07
N MET C 181 -22.89 7.67 -17.27
CA MET C 181 -23.17 8.46 -16.06
C MET C 181 -23.57 9.88 -16.49
N LEU C 182 -24.68 10.35 -15.91
CA LEU C 182 -25.34 11.63 -16.29
C LEU C 182 -25.20 12.66 -15.16
N PHE C 183 -25.50 12.27 -13.92
CA PHE C 183 -25.43 13.16 -12.75
C PHE C 183 -24.93 12.38 -11.54
N SER C 184 -24.34 13.07 -10.58
CA SER C 184 -24.18 12.57 -9.20
C SER C 184 -24.71 13.61 -8.21
N LEU C 185 -25.45 13.14 -7.20
CA LEU C 185 -25.93 13.97 -6.10
C LEU C 185 -25.34 13.43 -4.79
N ILE C 186 -24.61 14.31 -4.12
CA ILE C 186 -23.92 14.01 -2.87
C ILE C 186 -24.90 14.31 -1.73
N GLY C 187 -25.08 13.32 -0.86
CA GLY C 187 -25.72 13.52 0.44
C GLY C 187 -27.24 13.48 0.36
N GLU C 188 -27.80 14.08 1.41
CA GLU C 188 -29.20 13.91 1.84
C GLU C 188 -30.00 15.15 1.40
N GLY C 189 -31.27 14.95 1.11
CA GLY C 189 -32.21 16.04 0.94
C GLY C 189 -32.01 16.84 -0.34
N HIS C 190 -31.60 16.17 -1.43
CA HIS C 190 -31.68 16.74 -2.79
C HIS C 190 -32.84 16.08 -3.55
N LYS C 191 -34.04 16.10 -2.94
CA LYS C 191 -35.24 15.49 -3.52
C LYS C 191 -35.69 16.28 -4.76
N ASP C 192 -35.68 17.61 -4.68
CA ASP C 192 -35.98 18.51 -5.84
C ASP C 192 -35.15 18.12 -7.07
N LYS C 193 -33.86 17.90 -6.87
CA LYS C 193 -32.88 17.65 -7.95
C LYS C 193 -32.99 16.20 -8.42
N LEU C 194 -33.16 15.25 -7.49
CA LEU C 194 -33.37 13.82 -7.82
C LEU C 194 -34.56 13.65 -8.77
N PHE C 195 -35.65 14.38 -8.53
CA PHE C 195 -36.84 14.35 -9.40
C PHE C 195 -36.58 15.10 -10.71
N LEU C 196 -36.03 16.32 -10.63
CA LEU C 196 -35.72 17.13 -11.83
C LEU C 196 -34.81 16.35 -12.79
N TYR C 197 -33.76 15.73 -12.26
CA TYR C 197 -32.76 15.04 -13.08
C TYR C 197 -33.34 13.73 -13.66
N THR C 198 -34.01 12.90 -12.85
CA THR C 198 -34.51 11.58 -13.32
C THR C 198 -35.71 11.80 -14.24
N SER C 199 -36.59 12.78 -13.95
CA SER C 199 -37.76 13.04 -14.79
C SER C 199 -37.34 13.52 -16.19
N ILE C 200 -36.39 14.45 -16.25
CA ILE C 200 -35.91 15.04 -17.52
C ILE C 200 -34.94 14.06 -18.20
N ALA C 201 -34.27 13.17 -17.47
CA ALA C 201 -33.47 12.07 -18.09
C ALA C 201 -34.39 11.07 -18.81
N LEU C 202 -35.52 10.72 -18.18
CA LEU C 202 -36.53 9.82 -18.80
C LEU C 202 -37.14 10.51 -20.04
N LYS C 203 -37.53 11.77 -19.88
CA LYS C 203 -38.13 12.58 -20.95
C LYS C 203 -37.20 12.58 -22.17
N TYR C 204 -35.91 12.85 -21.97
CA TYR C 204 -34.92 12.99 -23.05
C TYR C 204 -34.79 11.67 -23.83
N TYR C 205 -34.44 10.59 -23.13
CA TYR C 205 -34.15 9.29 -23.77
C TYR C 205 -35.42 8.62 -24.31
N LYS C 206 -36.62 8.99 -23.83
CA LYS C 206 -37.90 8.56 -24.45
C LYS C 206 -38.15 9.31 -25.76
N ASP C 207 -37.77 10.59 -25.85
CA ASP C 207 -37.85 11.37 -27.12
C ASP C 207 -36.87 10.82 -28.17
N ARG C 208 -35.75 10.24 -27.73
CA ARG C 208 -34.76 9.58 -28.63
C ARG C 208 -35.17 8.14 -28.95
N GLY C 209 -36.13 7.57 -28.21
CA GLY C 209 -36.66 6.21 -28.44
C GLY C 209 -35.74 5.14 -27.88
N GLN C 210 -35.05 5.43 -26.75
CA GLN C 210 -34.00 4.58 -26.19
C GLN C 210 -34.43 4.03 -24.82
N ILE C 211 -35.71 4.16 -24.41
CA ILE C 211 -36.17 3.64 -23.09
C ILE C 211 -37.20 2.51 -23.32
N ARG C 212 -36.79 1.27 -23.08
CA ARG C 212 -37.66 0.08 -23.14
C ARG C 212 -38.67 0.09 -21.98
N ASP C 213 -39.74 -0.68 -22.15
CA ASP C 213 -40.84 -0.81 -21.16
C ASP C 213 -40.85 -2.22 -20.53
N ASN C 214 -39.76 -2.98 -20.64
CA ASN C 214 -39.69 -4.36 -20.10
C ASN C 214 -39.58 -4.31 -18.56
N LYS C 215 -39.95 -5.42 -17.91
CA LYS C 215 -39.82 -5.59 -16.45
C LYS C 215 -38.37 -5.97 -16.08
N ILE C 216 -38.11 -5.89 -14.78
CA ILE C 216 -36.92 -6.39 -14.10
C ILE C 216 -37.41 -7.44 -13.07
N GLY C 217 -36.57 -8.42 -12.74
CA GLY C 217 -36.87 -9.44 -11.71
C GLY C 217 -36.80 -8.87 -10.29
N ILE C 218 -37.87 -9.02 -9.52
CA ILE C 218 -38.00 -8.46 -8.15
C ILE C 218 -38.60 -9.54 -7.23
N LYS C 219 -38.24 -9.49 -5.94
CA LYS C 219 -38.70 -10.47 -4.91
C LYS C 219 -38.36 -9.92 -3.52
N PRO C 227 -42.90 -14.86 12.20
CA PRO C 227 -44.17 -14.19 12.48
C PRO C 227 -44.51 -14.19 13.98
N SER C 228 -43.83 -13.30 14.69
CA SER C 228 -43.61 -13.33 16.17
C SER C 228 -44.46 -12.24 16.87
N PRO C 229 -44.47 -12.19 18.24
CA PRO C 229 -45.20 -11.13 18.96
C PRO C 229 -44.55 -9.74 18.86
N LEU C 230 -43.21 -9.68 18.94
CA LEU C 230 -42.41 -8.47 18.65
C LEU C 230 -41.78 -8.60 17.26
N LEU C 231 -41.47 -7.44 16.66
CA LEU C 231 -40.81 -7.35 15.35
C LEU C 231 -39.81 -6.18 15.39
N PHE C 232 -38.53 -6.51 15.46
CA PHE C 232 -37.43 -5.57 15.50
C PHE C 232 -37.64 -4.53 16.61
N PRO C 233 -37.82 -4.97 17.87
CA PRO C 233 -38.00 -4.06 19.01
C PRO C 233 -36.73 -3.21 19.20
N GLY C 234 -36.87 -1.90 19.07
CA GLY C 234 -35.75 -0.98 19.12
C GLY C 234 -35.25 -0.77 20.54
N LYS C 235 -36.17 -0.56 21.49
CA LYS C 235 -35.84 -0.09 22.81
C LYS C 235 -36.82 -0.66 23.84
N VAL C 236 -36.35 -0.64 25.09
CA VAL C 236 -37.13 -1.05 26.25
C VAL C 236 -36.72 -0.19 27.45
N THR C 237 -37.67 0.02 28.37
CA THR C 237 -37.42 0.70 29.66
C THR C 237 -38.27 0.03 30.76
N VAL C 238 -37.99 0.38 32.02
CA VAL C 238 -38.66 -0.24 33.21
C VAL C 238 -39.16 0.89 34.13
N ASP C 239 -40.42 0.78 34.55
CA ASP C 239 -41.01 1.70 35.56
C ASP C 239 -40.35 1.39 36.90
N GLN C 240 -39.85 2.42 37.59
CA GLN C 240 -39.10 2.24 38.85
C GLN C 240 -40.07 1.88 40.00
N VAL C 241 -41.29 2.41 39.98
CA VAL C 241 -42.28 2.23 41.05
C VAL C 241 -42.95 0.85 40.91
N THR C 242 -43.46 0.52 39.72
CA THR C 242 -44.39 -0.64 39.50
C THR C 242 -43.72 -1.80 38.73
N ASP C 243 -42.48 -1.63 38.24
CA ASP C 243 -41.66 -2.72 37.65
C ASP C 243 -42.31 -3.29 36.37
N ARG C 244 -43.12 -2.49 35.66
CA ARG C 244 -43.65 -2.83 34.33
C ARG C 244 -42.61 -2.45 33.27
N LEU C 245 -42.68 -3.10 32.11
CA LEU C 245 -41.83 -2.75 30.98
C LEU C 245 -42.65 -1.94 29.95
N VAL C 246 -42.01 -0.93 29.37
CA VAL C 246 -42.48 -0.28 28.15
C VAL C 246 -41.54 -0.74 27.03
N ILE C 247 -42.09 -1.40 26.01
CA ILE C 247 -41.34 -1.90 24.86
C ILE C 247 -41.78 -1.09 23.63
N ALA C 248 -40.82 -0.47 22.94
CA ALA C 248 -41.03 0.06 21.61
C ALA C 248 -40.86 -1.08 20.59
N ASP C 249 -41.98 -1.59 20.08
CA ASP C 249 -42.02 -2.65 19.07
C ASP C 249 -41.99 -1.98 17.70
N THR C 250 -40.80 -1.51 17.35
CA THR C 250 -40.51 -0.58 16.20
C THR C 250 -41.07 -1.13 14.87
N GLY C 251 -40.90 -2.44 14.62
CA GLY C 251 -41.34 -3.06 13.36
C GLY C 251 -42.85 -3.18 13.23
N HIS C 252 -43.58 -3.28 14.36
CA HIS C 252 -45.07 -3.26 14.36
C HIS C 252 -45.61 -1.83 14.53
N HIS C 253 -44.74 -0.81 14.64
CA HIS C 253 -45.12 0.61 14.75
C HIS C 253 -46.07 0.79 15.95
N ARG C 254 -45.68 0.24 17.11
CA ARG C 254 -46.53 0.27 18.31
C ARG C 254 -45.69 0.25 19.59
N ILE C 255 -46.34 0.66 20.68
CA ILE C 255 -45.81 0.61 22.05
C ILE C 255 -46.58 -0.48 22.81
N LEU C 256 -45.86 -1.27 23.63
CA LEU C 256 -46.44 -2.25 24.54
C LEU C 256 -46.15 -1.85 25.99
N VAL C 257 -47.17 -1.87 26.85
CA VAL C 257 -46.99 -1.84 28.31
C VAL C 257 -47.27 -3.26 28.82
N VAL C 258 -46.24 -3.91 29.41
CA VAL C 258 -46.30 -5.32 29.83
C VAL C 258 -45.89 -5.40 31.32
N TRP C 259 -46.56 -6.29 32.07
CA TRP C 259 -46.20 -6.58 33.49
C TRP C 259 -44.86 -7.31 33.54
N LYS C 260 -44.28 -7.40 34.73
CA LYS C 260 -42.92 -7.97 34.95
C LYS C 260 -42.83 -9.44 34.48
N ASN C 261 -43.90 -10.21 34.68
CA ASN C 261 -43.97 -11.64 34.28
C ASN C 261 -44.17 -11.78 32.76
N GLY C 262 -44.55 -10.70 32.06
CA GLY C 262 -44.61 -10.65 30.59
C GLY C 262 -46.03 -10.52 30.04
N GLN C 263 -47.06 -10.43 30.89
CA GLN C 263 -48.47 -10.26 30.45
C GLN C 263 -48.67 -8.83 29.95
N ILE C 264 -49.37 -8.68 28.83
CA ILE C 264 -49.56 -7.37 28.17
C ILE C 264 -50.72 -6.64 28.86
N GLN C 265 -50.45 -5.43 29.34
CA GLN C 265 -51.49 -4.54 29.90
C GLN C 265 -52.14 -3.76 28.75
N TYR C 266 -51.33 -3.05 27.97
CA TYR C 266 -51.81 -2.20 26.85
C TYR C 266 -50.97 -2.47 25.60
N SER C 267 -51.64 -2.57 24.45
CA SER C 267 -51.01 -2.47 23.13
C SER C 267 -51.53 -1.19 22.46
N ILE C 268 -50.59 -0.30 22.07
CA ILE C 268 -50.90 1.04 21.55
C ILE C 268 -50.18 1.19 20.21
N GLY C 269 -50.94 1.09 19.12
CA GLY C 269 -50.48 1.40 17.77
C GLY C 269 -50.47 0.19 16.87
N GLY C 270 -50.22 0.46 15.59
CA GLY C 270 -49.95 -0.57 14.61
C GLY C 270 -51.22 -1.18 14.04
N PRO C 271 -51.10 -2.14 13.12
CA PRO C 271 -49.82 -2.63 12.59
C PRO C 271 -49.11 -1.67 11.60
N ASN C 272 -49.80 -0.63 11.10
CA ASN C 272 -49.28 0.25 10.03
C ASN C 272 -48.70 1.55 10.63
N PRO C 273 -47.81 2.23 9.88
CA PRO C 273 -47.31 3.58 10.25
C PRO C 273 -48.41 4.62 10.42
N GLY C 274 -48.12 5.68 11.16
CA GLY C 274 -49.05 6.80 11.29
C GLY C 274 -48.61 7.80 12.33
N ARG C 275 -49.45 8.82 12.51
CA ARG C 275 -49.22 9.96 13.38
C ARG C 275 -50.51 10.32 14.16
N LYS C 276 -51.44 9.36 14.31
CA LYS C 276 -52.81 9.64 14.80
C LYS C 276 -52.78 9.63 16.33
N ASP C 277 -53.38 10.68 16.93
CA ASP C 277 -53.51 10.84 18.38
C ASP C 277 -54.91 10.36 18.80
N GLY C 278 -55.16 10.34 20.11
CA GLY C 278 -56.47 9.99 20.70
C GLY C 278 -56.43 8.67 21.44
N ILE C 279 -57.50 7.88 21.34
CA ILE C 279 -57.66 6.60 22.09
C ILE C 279 -56.71 5.55 21.49
N PHE C 280 -56.52 4.43 22.20
CA PHE C 280 -55.43 3.47 21.92
C PHE C 280 -55.73 2.61 20.68
N SER C 281 -56.99 2.31 20.37
CA SER C 281 -57.34 1.68 19.07
C SER C 281 -57.13 2.64 17.89
N GLU C 282 -57.24 3.95 18.15
CA GLU C 282 -57.10 5.05 17.16
C GLU C 282 -55.61 5.35 16.88
N SER C 283 -54.76 5.26 17.92
CA SER C 283 -53.39 5.81 17.89
C SER C 283 -52.49 5.03 16.92
N THR C 284 -51.49 5.73 16.39
CA THR C 284 -50.50 5.16 15.45
C THR C 284 -49.15 5.87 15.62
N PHE C 285 -48.08 5.09 15.45
CA PHE C 285 -46.69 5.54 15.53
C PHE C 285 -46.01 5.20 14.20
N ASN C 286 -44.73 5.56 14.09
CA ASN C 286 -43.96 5.32 12.87
C ASN C 286 -42.51 5.00 13.27
N SER C 287 -42.28 3.71 13.56
CA SER C 287 -40.97 3.18 13.92
C SER C 287 -40.47 3.91 15.17
N PRO C 288 -41.22 3.76 16.29
CA PRO C 288 -40.80 4.39 17.54
C PRO C 288 -39.57 3.66 18.13
N GLN C 289 -38.66 4.44 18.72
CA GLN C 289 -37.46 3.94 19.39
C GLN C 289 -37.57 4.28 20.88
N GLY C 290 -37.01 5.39 21.34
CA GLY C 290 -36.93 5.72 22.77
C GLY C 290 -38.28 5.67 23.47
N VAL C 291 -38.29 5.06 24.67
CA VAL C 291 -39.44 5.09 25.58
C VAL C 291 -38.91 5.36 27.00
N ALA C 292 -39.61 6.23 27.73
CA ALA C 292 -39.37 6.55 29.14
C ALA C 292 -40.72 6.61 29.86
N ILE C 293 -40.75 6.34 31.19
CA ILE C 293 -42.01 6.29 31.97
C ILE C 293 -41.79 6.84 33.40
N MET C 294 -42.82 7.52 33.92
CA MET C 294 -42.87 8.05 35.30
C MET C 294 -44.30 8.55 35.59
N ASN C 295 -44.90 8.10 36.70
CA ASN C 295 -46.25 8.57 37.16
C ASN C 295 -47.31 8.29 36.08
N ASN C 296 -47.27 7.09 35.47
CA ASN C 296 -48.23 6.63 34.43
C ASN C 296 -48.18 7.48 33.14
N ILE C 297 -47.10 8.26 32.91
CA ILE C 297 -46.93 9.06 31.67
C ILE C 297 -45.71 8.50 30.92
N ILE C 298 -45.95 7.91 29.74
CA ILE C 298 -44.87 7.47 28.82
C ILE C 298 -44.61 8.59 27.82
N TYR C 299 -43.33 8.92 27.61
CA TYR C 299 -42.89 9.71 26.44
C TYR C 299 -42.18 8.78 25.46
N VAL C 300 -42.55 8.91 24.18
CA VAL C 300 -42.07 8.11 23.07
C VAL C 300 -41.29 9.02 22.12
N ALA C 301 -40.07 8.63 21.74
CA ALA C 301 -39.37 9.22 20.57
C ALA C 301 -39.86 8.51 19.29
N ASP C 302 -40.80 9.15 18.61
CA ASP C 302 -41.50 8.59 17.43
C ASP C 302 -40.67 8.93 16.19
N THR C 303 -39.66 8.11 15.92
CA THR C 303 -38.42 8.51 15.21
C THR C 303 -38.69 8.88 13.75
N GLU C 304 -39.34 8.03 12.95
CA GLU C 304 -39.53 8.33 11.52
C GLU C 304 -40.66 9.36 11.31
N ASN C 305 -41.50 9.59 12.32
CA ASN C 305 -42.44 10.75 12.34
C ASN C 305 -41.73 12.05 12.72
N HIS C 306 -40.52 12.00 13.29
CA HIS C 306 -39.83 13.18 13.79
C HIS C 306 -40.72 13.89 14.81
N LEU C 307 -41.27 13.10 15.74
CA LEU C 307 -42.16 13.55 16.82
C LEU C 307 -41.74 12.94 18.15
N ILE C 308 -41.97 13.69 19.24
CA ILE C 308 -42.15 13.14 20.59
C ILE C 308 -43.66 12.98 20.83
N ARG C 309 -44.09 11.80 21.24
CA ARG C 309 -45.48 11.53 21.61
C ARG C 309 -45.57 11.33 23.12
N LYS C 310 -46.78 11.48 23.64
CA LYS C 310 -47.10 11.31 25.07
C LYS C 310 -48.21 10.25 25.18
N ILE C 311 -48.02 9.21 25.98
CA ILE C 311 -49.10 8.27 26.34
C ILE C 311 -49.45 8.52 27.82
N ASP C 312 -50.70 8.92 28.05
CA ASP C 312 -51.31 9.06 29.39
C ASP C 312 -52.01 7.73 29.71
N LEU C 313 -51.48 6.96 30.66
CA LEU C 313 -52.03 5.61 30.96
C LEU C 313 -53.27 5.69 31.87
N GLU C 314 -53.36 6.73 32.72
CA GLU C 314 -54.54 7.00 33.54
C GLU C 314 -55.73 7.36 32.64
N ALA C 315 -55.56 8.41 31.83
CA ALA C 315 -56.63 8.92 30.93
C ALA C 315 -56.78 8.05 29.67
N GLU C 316 -55.79 7.22 29.32
CA GLU C 316 -55.79 6.31 28.14
C GLU C 316 -55.95 7.11 26.85
N LYS C 317 -55.05 8.09 26.65
CA LYS C 317 -55.01 8.96 25.46
C LYS C 317 -53.56 9.18 25.03
N VAL C 318 -53.32 9.23 23.71
CA VAL C 318 -52.02 9.63 23.14
C VAL C 318 -52.14 11.07 22.61
N SER C 319 -51.06 11.84 22.74
CA SER C 319 -50.94 13.20 22.21
C SER C 319 -49.52 13.43 21.67
N THR C 320 -49.32 14.53 20.96
CA THR C 320 -48.02 14.93 20.39
C THR C 320 -47.51 16.14 21.20
N VAL C 321 -46.27 16.07 21.67
CA VAL C 321 -45.68 17.15 22.52
C VAL C 321 -44.51 17.86 21.82
N ALA C 322 -43.86 17.28 20.82
CA ALA C 322 -42.75 17.96 20.11
C ALA C 322 -42.62 17.44 18.67
N GLY C 323 -42.09 18.30 17.79
CA GLY C 323 -41.97 18.00 16.37
C GLY C 323 -43.18 18.46 15.58
N ILE C 324 -42.97 18.74 14.30
CA ILE C 324 -44.04 19.16 13.35
C ILE C 324 -44.44 17.99 12.45
N GLY C 325 -43.78 16.83 12.55
CA GLY C 325 -44.13 15.65 11.75
C GLY C 325 -43.23 15.45 10.53
N ILE C 326 -42.21 16.29 10.35
CA ILE C 326 -41.24 16.15 9.24
C ILE C 326 -39.84 16.53 9.73
N GLN C 327 -38.87 16.12 8.93
CA GLN C 327 -37.45 16.12 9.30
C GLN C 327 -36.96 17.57 9.43
N GLY C 328 -36.64 17.96 10.66
CA GLY C 328 -36.05 19.25 10.94
C GLY C 328 -34.59 19.31 10.52
N THR C 329 -34.13 20.51 10.18
CA THR C 329 -32.70 20.83 10.03
C THR C 329 -32.33 21.97 11.01
N ASP C 330 -33.17 22.26 12.01
CA ASP C 330 -32.89 23.28 13.03
C ASP C 330 -31.89 22.70 14.04
N LYS C 331 -30.73 23.37 14.18
CA LYS C 331 -29.61 22.95 15.07
C LYS C 331 -29.64 23.72 16.40
N GLU C 332 -30.54 24.71 16.56
CA GLU C 332 -30.55 25.62 17.72
C GLU C 332 -31.81 25.35 18.55
N GLY C 333 -32.97 25.47 17.91
CA GLY C 333 -34.26 25.23 18.53
C GLY C 333 -34.75 26.45 19.30
N GLY C 334 -35.61 26.19 20.31
CA GLY C 334 -36.10 27.24 21.21
C GLY C 334 -37.59 27.50 21.12
N ALA C 335 -38.28 27.03 20.07
CA ALA C 335 -39.76 27.19 19.93
C ALA C 335 -40.48 26.20 20.85
N LYS C 336 -41.80 26.38 20.98
CA LYS C 336 -42.62 25.53 21.87
C LYS C 336 -43.01 24.25 21.14
N GLY C 337 -42.51 23.11 21.64
CA GLY C 337 -43.02 21.77 21.33
C GLY C 337 -43.45 21.59 19.89
N GLU C 338 -44.74 21.80 19.64
CA GLU C 338 -45.39 21.42 18.37
C GLU C 338 -45.12 22.44 17.25
N GLN C 339 -44.36 23.51 17.51
CA GLN C 339 -43.88 24.46 16.47
C GLN C 339 -42.37 24.32 16.26
N GLN C 340 -41.72 23.33 16.90
CA GLN C 340 -40.28 23.11 16.81
C GLN C 340 -40.02 21.86 15.95
N PRO C 341 -39.41 22.02 14.76
CA PRO C 341 -38.94 20.84 14.00
C PRO C 341 -37.78 20.13 14.73
N ILE C 342 -37.82 18.79 14.71
CA ILE C 342 -36.79 17.92 15.29
C ILE C 342 -36.43 16.86 14.25
N SER C 343 -35.31 16.15 14.46
CA SER C 343 -34.72 15.24 13.44
C SER C 343 -34.35 13.89 14.07
N SER C 344 -35.23 12.89 13.90
CA SER C 344 -34.97 11.49 14.21
C SER C 344 -34.58 11.35 15.69
N PRO C 345 -35.51 11.70 16.61
CA PRO C 345 -35.23 11.51 18.03
C PRO C 345 -35.16 9.99 18.28
N TRP C 346 -34.11 9.52 18.95
CA TRP C 346 -33.82 8.08 19.09
C TRP C 346 -34.02 7.56 20.53
N ASP C 347 -33.65 8.31 21.57
CA ASP C 347 -33.88 7.89 22.99
C ASP C 347 -34.42 9.07 23.79
N VAL C 348 -35.13 8.76 24.86
CA VAL C 348 -35.65 9.74 25.81
C VAL C 348 -35.47 9.19 27.24
N VAL C 349 -35.16 10.10 28.17
CA VAL C 349 -35.10 9.79 29.62
C VAL C 349 -35.58 11.02 30.41
N PHE C 350 -36.26 10.77 31.54
CA PHE C 350 -36.71 11.82 32.46
C PHE C 350 -35.51 12.41 33.22
N GLY C 351 -35.62 13.71 33.52
CA GLY C 351 -34.58 14.45 34.26
C GLY C 351 -35.21 15.48 35.18
N THR C 352 -34.38 16.42 35.63
CA THR C 352 -34.74 17.39 36.68
C THR C 352 -34.03 18.76 36.43
N SER C 353 -34.28 19.71 37.33
CA SER C 353 -33.65 21.04 37.30
C SER C 353 -33.69 21.68 38.69
N ASP C 361 -38.62 19.59 36.23
CA ASP C 361 -38.88 18.34 35.51
C ASP C 361 -38.74 18.56 33.99
N ILE C 362 -37.91 17.73 33.33
CA ILE C 362 -37.59 17.86 31.87
C ILE C 362 -37.44 16.47 31.22
N LEU C 363 -37.48 16.44 29.88
CA LEU C 363 -37.28 15.22 29.07
C LEU C 363 -36.02 15.38 28.22
N TRP C 364 -34.96 14.61 28.52
CA TRP C 364 -33.72 14.60 27.71
C TRP C 364 -33.95 13.77 26.43
N ILE C 365 -33.40 14.23 25.31
CA ILE C 365 -33.64 13.62 23.98
C ILE C 365 -32.29 13.45 23.25
N ALA C 366 -32.02 12.22 22.80
CA ALA C 366 -30.87 11.93 21.93
C ALA C 366 -31.30 12.18 20.47
N MET C 367 -31.00 13.36 19.96
CA MET C 367 -31.46 13.78 18.64
C MET C 367 -30.44 13.30 17.60
N ALA C 368 -30.66 12.07 17.14
CA ALA C 368 -29.70 11.40 16.26
C ALA C 368 -29.54 12.16 14.94
N GLY C 369 -30.63 12.70 14.39
CA GLY C 369 -30.65 13.32 13.07
C GLY C 369 -29.77 14.56 12.95
N THR C 370 -29.66 15.37 14.01
CA THR C 370 -28.81 16.60 14.03
C THR C 370 -27.62 16.45 15.01
N HIS C 371 -27.30 15.23 15.48
CA HIS C 371 -26.04 14.92 16.19
C HIS C 371 -25.91 15.77 17.47
N GLN C 372 -27.00 15.78 18.24
CA GLN C 372 -27.21 16.68 19.38
C GLN C 372 -28.04 16.00 20.47
N ILE C 373 -27.87 16.53 21.69
CA ILE C 373 -28.71 16.23 22.83
C ILE C 373 -29.65 17.43 23.03
N TRP C 374 -30.96 17.14 23.06
CA TRP C 374 -32.03 18.15 23.19
C TRP C 374 -32.78 17.97 24.51
N ALA C 375 -33.55 19.00 24.88
CA ALA C 375 -34.46 18.99 26.03
C ALA C 375 -35.84 19.49 25.61
N LEU C 376 -36.88 18.80 26.07
CA LEU C 376 -38.25 19.32 26.14
C LEU C 376 -38.52 19.64 27.62
N LEU C 377 -38.90 20.90 27.89
CA LEU C 377 -39.15 21.35 29.26
C LEU C 377 -40.61 21.09 29.61
N LEU C 378 -40.84 20.03 30.37
CA LEU C 378 -42.20 19.52 30.64
C LEU C 378 -42.91 20.46 31.61
N ASP C 379 -42.17 20.93 32.62
CA ASP C 379 -42.53 22.10 33.45
C ASP C 379 -41.48 23.20 33.22
N SER C 380 -41.84 24.44 33.51
CA SER C 380 -40.93 25.58 33.24
C SER C 380 -39.76 25.50 34.23
N GLY C 381 -38.57 25.77 33.72
CA GLY C 381 -37.34 25.67 34.50
C GLY C 381 -36.15 26.24 33.74
N LYS C 382 -34.94 25.85 34.13
CA LYS C 382 -33.73 26.16 33.34
C LYS C 382 -32.78 24.97 33.34
N LEU C 383 -32.01 24.91 32.26
CA LEU C 383 -30.95 23.92 32.06
C LEU C 383 -29.62 24.59 32.42
N PRO C 384 -28.61 23.81 32.85
CA PRO C 384 -27.23 24.24 33.06
C PRO C 384 -26.69 25.27 32.04
N LYS C 385 -26.20 26.41 32.52
CA LYS C 385 -25.55 27.45 31.66
C LYS C 385 -26.56 27.98 30.63
N LYS C 386 -27.84 28.16 31.01
CA LYS C 386 -28.81 28.97 30.25
C LYS C 386 -29.85 29.59 31.21
N ASN C 387 -30.58 30.59 30.70
CA ASN C 387 -31.62 31.35 31.41
C ASN C 387 -32.86 30.45 31.67
N GLU C 388 -33.83 31.00 32.41
CA GLU C 388 -35.14 30.35 32.60
C GLU C 388 -35.86 30.27 31.25
N LEU C 389 -36.43 29.09 30.96
CA LEU C 389 -37.14 28.79 29.72
C LEU C 389 -38.58 28.39 30.08
N THR C 390 -39.52 28.80 29.22
CA THR C 390 -40.97 28.59 29.44
C THR C 390 -41.31 27.11 29.22
N LYS C 391 -42.46 26.72 29.77
CA LYS C 391 -43.03 25.36 29.68
C LYS C 391 -43.30 24.99 28.21
N GLY C 392 -42.89 23.78 27.81
CA GLY C 392 -43.09 23.26 26.45
C GLY C 392 -41.97 23.64 25.48
N THR C 393 -40.93 24.35 25.93
CA THR C 393 -39.83 24.81 25.07
C THR C 393 -38.97 23.59 24.71
N CYS C 394 -38.69 23.44 23.41
CA CYS C 394 -37.90 22.35 22.85
C CYS C 394 -36.65 22.94 22.18
N LEU C 395 -35.45 22.53 22.62
CA LEU C 395 -34.19 23.17 22.16
C LEU C 395 -33.01 22.21 22.26
N ARG C 396 -31.91 22.61 21.62
CA ARG C 396 -30.59 21.96 21.77
C ARG C 396 -30.04 22.27 23.16
N PHE C 397 -29.44 21.28 23.81
CA PHE C 397 -28.64 21.48 25.02
C PHE C 397 -27.15 21.40 24.66
N ALA C 398 -26.76 20.22 24.17
CA ALA C 398 -25.36 19.91 23.82
C ALA C 398 -25.28 19.49 22.35
N GLY C 399 -24.10 19.75 21.77
CA GLY C 399 -23.79 19.42 20.38
C GLY C 399 -23.86 20.65 19.49
N SER C 400 -22.80 20.87 18.70
CA SER C 400 -22.79 21.92 17.68
C SER C 400 -23.80 21.64 16.56
N GLY C 401 -24.08 20.36 16.29
CA GLY C 401 -24.80 19.95 15.10
C GLY C 401 -23.89 19.26 14.07
N ASN C 402 -22.57 19.41 14.20
CA ASN C 402 -21.61 18.72 13.35
C ASN C 402 -21.46 17.27 13.82
N GLU C 403 -21.29 16.35 12.88
CA GLU C 403 -21.06 14.92 13.15
C GLU C 403 -19.57 14.73 13.48
N GLU C 404 -19.28 14.58 14.77
CA GLU C 404 -17.93 14.64 15.33
C GLU C 404 -17.87 13.82 16.63
N ASN C 405 -16.66 13.36 16.98
CA ASN C 405 -16.36 12.81 18.31
C ASN C 405 -15.58 13.88 19.08
N ARG C 406 -16.16 15.08 19.23
CA ARG C 406 -15.50 16.24 19.86
C ARG C 406 -16.05 16.42 21.28
N ASN C 407 -15.14 16.40 22.26
CA ASN C 407 -15.44 16.66 23.67
C ASN C 407 -15.03 18.11 23.99
N ASN C 408 -15.78 18.76 24.87
CA ASN C 408 -15.59 20.19 25.16
C ASN C 408 -16.19 20.50 26.54
N ALA C 409 -15.61 21.50 27.21
CA ALA C 409 -16.16 22.05 28.46
C ALA C 409 -17.47 22.81 28.17
N TYR C 410 -17.54 23.50 27.02
CA TYR C 410 -18.74 24.26 26.60
C TYR C 410 -19.65 23.35 25.75
N PRO C 411 -20.95 23.19 26.13
CA PRO C 411 -21.84 22.21 25.48
C PRO C 411 -22.07 22.46 23.98
N HIS C 412 -22.27 23.72 23.60
CA HIS C 412 -22.53 24.11 22.20
C HIS C 412 -21.33 23.77 21.30
N LYS C 413 -20.10 23.88 21.81
CA LYS C 413 -18.89 23.69 20.99
C LYS C 413 -18.53 22.20 20.87
N ALA C 414 -19.01 21.35 21.79
CA ALA C 414 -18.88 19.89 21.66
C ALA C 414 -19.71 19.37 20.46
N GLY C 415 -19.34 18.18 20.00
CA GLY C 415 -20.03 17.48 18.91
C GLY C 415 -20.36 16.05 19.31
N PHE C 416 -21.48 15.56 18.77
CA PHE C 416 -21.89 14.15 18.88
C PHE C 416 -21.92 13.55 17.46
N ALA C 417 -22.27 12.28 17.38
CA ALA C 417 -22.23 11.50 16.13
C ALA C 417 -23.30 10.40 16.20
N GLN C 418 -24.53 10.82 15.95
CA GLN C 418 -25.73 9.97 15.92
C GLN C 418 -25.97 9.38 17.32
N PRO C 419 -26.17 10.25 18.34
CA PRO C 419 -26.47 9.79 19.69
C PRO C 419 -27.82 9.05 19.69
N SER C 420 -27.78 7.77 20.08
CA SER C 420 -28.92 6.85 20.02
C SER C 420 -29.35 6.34 21.41
N GLY C 421 -28.57 6.54 22.49
CA GLY C 421 -28.93 6.09 23.84
C GLY C 421 -28.64 7.14 24.91
N LEU C 422 -29.50 7.19 25.94
CA LEU C 422 -29.30 8.04 27.13
C LEU C 422 -29.52 7.21 28.40
N SER C 423 -28.87 7.64 29.49
CA SER C 423 -29.19 7.16 30.85
C SER C 423 -28.74 8.20 31.89
N LEU C 424 -29.62 8.51 32.85
CA LEU C 424 -29.42 9.55 33.85
C LEU C 424 -28.74 8.95 35.08
N ALA C 425 -27.66 9.60 35.52
CA ALA C 425 -27.00 9.37 36.81
C ALA C 425 -26.93 10.71 37.55
N SER C 426 -28.01 11.04 38.27
CA SER C 426 -28.23 12.39 38.85
C SER C 426 -27.45 12.55 40.17
N GLU C 427 -27.33 11.47 40.95
CA GLU C 427 -26.55 11.41 42.23
C GLU C 427 -25.08 11.85 42.04
N ASP C 428 -24.45 12.29 43.13
CA ASP C 428 -23.00 12.61 43.19
C ASP C 428 -22.21 11.30 43.31
N PRO C 429 -20.93 11.24 42.90
CA PRO C 429 -20.13 12.31 42.26
C PRO C 429 -20.12 12.29 40.73
N TRP C 430 -21.24 11.86 40.11
CA TRP C 430 -21.36 11.70 38.66
C TRP C 430 -22.07 12.94 38.10
N SER C 431 -23.32 13.15 38.54
CA SER C 431 -24.20 14.26 38.13
C SER C 431 -24.14 14.44 36.61
N CYS C 432 -24.39 13.35 35.88
CA CYS C 432 -24.17 13.32 34.44
C CYS C 432 -25.23 12.47 33.73
N LEU C 433 -25.34 12.75 32.42
CA LEU C 433 -26.13 12.02 31.44
C LEU C 433 -25.15 11.16 30.64
N PHE C 434 -25.32 9.83 30.65
CA PHE C 434 -24.48 8.94 29.82
C PHE C 434 -25.08 8.86 28.42
N VAL C 435 -24.23 9.02 27.40
CA VAL C 435 -24.65 9.10 25.99
C VAL C 435 -23.93 8.01 25.19
N ALA C 436 -24.68 7.04 24.68
CA ALA C 436 -24.19 6.14 23.61
C ALA C 436 -24.09 6.93 22.30
N ASP C 437 -22.88 7.11 21.80
CA ASP C 437 -22.60 7.91 20.60
C ASP C 437 -22.17 6.96 19.48
N SER C 438 -23.14 6.61 18.61
CA SER C 438 -23.13 5.39 17.80
C SER C 438 -22.09 5.46 16.68
N GLU C 439 -22.10 6.53 15.89
CA GLU C 439 -21.21 6.67 14.71
C GLU C 439 -19.75 6.93 15.14
N SER C 440 -19.53 7.49 16.33
CA SER C 440 -18.17 7.62 16.90
C SER C 440 -17.67 6.31 17.53
N SER C 441 -18.60 5.46 18.00
CA SER C 441 -18.33 4.20 18.75
C SER C 441 -17.69 4.51 20.12
N THR C 442 -18.26 5.52 20.78
CA THR C 442 -17.84 6.00 22.11
C THR C 442 -19.05 6.00 23.05
N VAL C 443 -18.76 6.15 24.34
CA VAL C 443 -19.73 6.55 25.36
C VAL C 443 -19.25 7.89 25.90
N ARG C 444 -20.20 8.78 26.21
CA ARG C 444 -19.88 10.17 26.64
C ARG C 444 -20.69 10.51 27.89
N THR C 445 -20.07 11.25 28.81
CA THR C 445 -20.79 11.96 29.87
C THR C 445 -21.12 13.37 29.37
N VAL C 446 -22.26 13.88 29.83
CA VAL C 446 -22.63 15.29 29.76
C VAL C 446 -23.02 15.73 31.17
N SER C 447 -22.27 16.68 31.75
CA SER C 447 -22.48 17.07 33.15
C SER C 447 -23.81 17.81 33.29
N LEU C 448 -24.58 17.45 34.32
CA LEU C 448 -25.86 18.11 34.66
C LEU C 448 -25.61 19.34 35.56
N LYS C 449 -24.33 19.72 35.80
CA LYS C 449 -23.97 20.95 36.55
C LYS C 449 -23.66 22.08 35.55
N ASP C 450 -22.67 21.85 34.69
CA ASP C 450 -22.11 22.89 33.78
C ASP C 450 -22.15 22.46 32.31
N GLY C 451 -22.76 21.32 31.97
CA GLY C 451 -22.97 20.93 30.56
C GLY C 451 -21.72 20.45 29.84
N ALA C 452 -20.65 20.15 30.57
CA ALA C 452 -19.39 19.70 29.98
C ALA C 452 -19.57 18.29 29.39
N VAL C 453 -19.26 18.14 28.10
CA VAL C 453 -19.35 16.87 27.38
C VAL C 453 -17.95 16.23 27.41
N LYS C 454 -17.78 15.15 28.16
CA LYS C 454 -16.48 14.51 28.34
C LYS C 454 -16.51 13.06 27.83
N HIS C 455 -15.34 12.61 27.38
CA HIS C 455 -15.09 11.24 26.94
C HIS C 455 -15.22 10.28 28.13
N LEU C 456 -15.72 9.06 27.88
CA LEU C 456 -15.72 7.97 28.88
C LEU C 456 -14.94 6.77 28.35
N VAL C 457 -15.43 6.09 27.31
CA VAL C 457 -14.71 4.94 26.70
C VAL C 457 -14.86 5.02 25.19
N GLY C 458 -14.02 4.25 24.49
CA GLY C 458 -14.17 4.04 23.03
C GLY C 458 -13.53 5.14 22.21
N GLY C 459 -13.35 4.87 20.92
CA GLY C 459 -12.89 5.87 19.95
C GLY C 459 -11.43 6.23 20.10
N GLU C 460 -10.99 7.24 19.34
CA GLU C 460 -9.60 7.76 19.33
C GLU C 460 -9.67 9.26 19.64
N ARG C 461 -8.49 9.88 19.74
CA ARG C 461 -8.39 11.28 20.16
C ARG C 461 -8.87 12.24 19.06
N ASP C 462 -8.66 11.91 17.78
CA ASP C 462 -9.00 12.82 16.67
C ASP C 462 -10.52 13.00 16.64
N PRO C 463 -11.00 14.25 16.86
CA PRO C 463 -12.47 14.49 16.88
C PRO C 463 -13.21 14.31 15.54
N MET C 464 -12.50 14.35 14.41
CA MET C 464 -13.08 14.13 13.06
C MET C 464 -13.01 12.64 12.68
N ASN C 465 -12.25 11.81 13.42
CA ASN C 465 -12.12 10.37 13.13
C ASN C 465 -13.35 9.61 13.66
N LEU C 466 -14.22 9.17 12.75
CA LEU C 466 -15.44 8.40 13.09
C LEU C 466 -15.28 6.89 12.79
N PHE C 467 -14.07 6.44 12.46
CA PHE C 467 -13.82 5.03 12.08
C PHE C 467 -13.02 4.29 13.18
N ALA C 468 -12.98 4.82 14.41
CA ALA C 468 -12.29 4.14 15.54
C ALA C 468 -13.27 3.20 16.25
N PHE C 469 -13.50 2.06 15.59
CA PHE C 469 -14.41 1.00 16.06
C PHE C 469 -13.61 -0.30 16.20
N GLY C 470 -14.23 -1.27 16.90
CA GLY C 470 -13.64 -2.58 17.12
C GLY C 470 -14.37 -3.35 18.22
N ASP C 471 -13.63 -4.27 18.87
CA ASP C 471 -14.16 -5.06 19.99
C ASP C 471 -13.01 -5.40 20.95
N VAL C 472 -12.62 -4.42 21.76
CA VAL C 472 -11.47 -4.53 22.69
C VAL C 472 -11.93 -4.04 24.07
N ASP C 473 -11.71 -4.88 25.08
CA ASP C 473 -11.90 -4.50 26.48
C ASP C 473 -10.64 -3.76 26.96
N GLY C 474 -10.83 -2.63 27.64
CA GLY C 474 -9.69 -1.85 28.13
C GLY C 474 -10.14 -0.57 28.83
N VAL C 475 -9.17 0.31 29.11
CA VAL C 475 -9.37 1.55 29.86
C VAL C 475 -9.40 2.73 28.88
N GLY C 476 -10.52 3.46 28.84
CA GLY C 476 -10.64 4.72 28.09
C GLY C 476 -10.58 4.51 26.58
N ILE C 477 -9.73 5.30 25.90
CA ILE C 477 -9.50 5.19 24.44
C ILE C 477 -8.98 3.81 24.03
N ASN C 478 -8.35 3.05 24.93
CA ASN C 478 -7.89 1.68 24.63
C ASN C 478 -9.08 0.76 24.31
N ALA C 479 -10.22 0.96 24.97
CA ALA C 479 -11.44 0.19 24.69
C ALA C 479 -11.97 0.52 23.29
N LYS C 480 -12.63 -0.45 22.64
CA LYS C 480 -13.24 -0.27 21.30
C LYS C 480 -14.65 -0.87 21.30
N LEU C 481 -15.61 -0.12 20.75
CA LEU C 481 -17.01 -0.50 20.58
C LEU C 481 -17.33 -0.47 19.07
N GLN C 482 -18.53 -0.90 18.69
CA GLN C 482 -18.98 -0.91 17.30
C GLN C 482 -20.47 -0.53 17.24
N HIS C 483 -20.73 0.76 16.97
CA HIS C 483 -22.08 1.33 16.80
C HIS C 483 -22.98 1.03 18.02
N PRO C 484 -22.59 1.48 19.23
CA PRO C 484 -23.40 1.28 20.45
C PRO C 484 -24.68 2.14 20.43
N LEU C 485 -25.83 1.52 20.70
CA LEU C 485 -27.16 2.17 20.64
C LEU C 485 -27.80 2.35 22.04
N GLY C 486 -27.36 1.63 23.08
CA GLY C 486 -28.00 1.68 24.40
C GLY C 486 -27.00 1.86 25.54
N VAL C 487 -27.39 2.66 26.54
CA VAL C 487 -26.70 2.72 27.85
C VAL C 487 -27.77 2.67 28.94
N THR C 488 -27.46 1.99 30.06
CA THR C 488 -28.29 2.06 31.27
C THR C 488 -27.39 2.07 32.50
N TRP C 489 -27.71 2.97 33.45
CA TRP C 489 -26.91 3.24 34.65
C TRP C 489 -27.46 2.43 35.83
N ASP C 490 -26.54 1.79 36.56
CA ASP C 490 -26.82 0.99 37.76
C ASP C 490 -26.41 1.81 38.99
N LYS C 491 -27.40 2.38 39.69
CA LYS C 491 -27.15 3.21 40.90
C LYS C 491 -26.61 2.35 42.06
N LYS C 492 -26.95 1.04 42.10
CA LYS C 492 -26.51 0.13 43.17
C LYS C 492 -25.01 -0.17 43.07
N ARG C 493 -24.55 -0.63 41.91
CA ARG C 493 -23.17 -1.10 41.70
C ARG C 493 -22.25 0.00 41.17
N ASN C 494 -22.77 1.18 40.81
CA ASN C 494 -21.99 2.28 40.19
C ASN C 494 -21.29 1.77 38.91
N LEU C 495 -22.08 1.09 38.08
CA LEU C 495 -21.67 0.54 36.77
C LEU C 495 -22.61 1.07 35.69
N LEU C 496 -22.09 1.12 34.47
CA LEU C 496 -22.86 1.45 33.25
C LEU C 496 -22.85 0.21 32.35
N TYR C 497 -24.04 -0.24 31.94
CA TYR C 497 -24.17 -1.33 30.98
C TYR C 497 -24.39 -0.73 29.58
N VAL C 498 -23.41 -0.94 28.69
CA VAL C 498 -23.49 -0.52 27.28
C VAL C 498 -24.03 -1.70 26.45
N ALA C 499 -25.09 -1.46 25.67
CA ALA C 499 -25.51 -2.36 24.58
C ALA C 499 -24.65 -2.08 23.34
N ASP C 500 -23.53 -2.80 23.23
CA ASP C 500 -22.59 -2.67 22.12
C ASP C 500 -23.12 -3.48 20.93
N SER C 501 -23.87 -2.82 20.05
CA SER C 501 -24.90 -3.45 19.23
C SER C 501 -24.28 -4.30 18.10
N TYR C 502 -23.32 -3.73 17.37
CA TYR C 502 -22.75 -4.42 16.17
C TYR C 502 -21.71 -5.48 16.58
N ASN C 503 -21.21 -5.45 17.81
CA ASN C 503 -20.42 -6.55 18.40
C ASN C 503 -21.31 -7.60 19.05
N HIS C 504 -22.64 -7.38 19.12
CA HIS C 504 -23.63 -8.35 19.61
C HIS C 504 -23.34 -8.71 21.08
N LYS C 505 -23.07 -7.69 21.89
CA LYS C 505 -22.51 -7.85 23.24
C LYS C 505 -23.03 -6.76 24.17
N ILE C 506 -23.40 -7.15 25.40
CA ILE C 506 -23.59 -6.21 26.51
C ILE C 506 -22.22 -6.04 27.19
N LYS C 507 -21.77 -4.80 27.32
CA LYS C 507 -20.51 -4.47 27.97
C LYS C 507 -20.80 -3.76 29.30
N VAL C 508 -19.79 -3.71 30.17
CA VAL C 508 -19.88 -3.09 31.50
C VAL C 508 -18.73 -2.09 31.65
N VAL C 509 -19.07 -0.84 31.98
CA VAL C 509 -18.09 0.23 32.17
C VAL C 509 -18.15 0.67 33.64
N ASP C 510 -16.97 0.68 34.28
CA ASP C 510 -16.74 1.32 35.57
C ASP C 510 -16.27 2.76 35.29
N PRO C 511 -17.11 3.77 35.59
CA PRO C 511 -16.76 5.17 35.26
C PRO C 511 -15.65 5.80 36.12
N LYS C 512 -15.34 5.20 37.28
CA LYS C 512 -14.23 5.63 38.16
C LYS C 512 -12.90 5.32 37.49
N THR C 513 -12.71 4.04 37.09
CA THR C 513 -11.47 3.56 36.44
C THR C 513 -11.49 3.81 34.91
N LYS C 514 -12.68 3.99 34.33
CA LYS C 514 -12.95 4.06 32.87
C LYS C 514 -12.62 2.72 32.19
N ASN C 515 -12.69 1.59 32.92
CA ASN C 515 -12.40 0.25 32.39
C ASN C 515 -13.68 -0.35 31.80
N CYS C 516 -13.61 -0.81 30.55
CA CYS C 516 -14.76 -1.35 29.80
C CYS C 516 -14.48 -2.82 29.48
N THR C 517 -15.40 -3.70 29.86
CA THR C 517 -15.22 -5.16 29.69
C THR C 517 -16.55 -5.81 29.29
N THR C 518 -16.45 -7.02 28.72
CA THR C 518 -17.61 -7.75 28.17
C THR C 518 -18.36 -8.44 29.31
N LEU C 519 -19.66 -8.16 29.44
CA LEU C 519 -20.52 -8.74 30.49
C LEU C 519 -21.16 -10.03 29.96
N ALA C 520 -21.82 -9.94 28.81
CA ALA C 520 -22.43 -11.10 28.14
C ALA C 520 -22.29 -11.00 26.61
N GLY C 521 -22.49 -12.14 25.95
CA GLY C 521 -22.46 -12.27 24.49
C GLY C 521 -21.19 -12.96 24.00
N THR C 522 -21.36 -14.01 23.20
CA THR C 522 -20.23 -14.66 22.50
C THR C 522 -19.74 -13.78 21.35
N GLY C 523 -20.63 -13.02 20.72
CA GLY C 523 -20.31 -12.17 19.56
C GLY C 523 -20.82 -12.74 18.26
N ASP C 524 -21.36 -13.97 18.29
CA ASP C 524 -22.12 -14.56 17.18
C ASP C 524 -23.61 -14.25 17.39
N THR C 525 -24.42 -14.55 16.37
CA THR C 525 -25.86 -14.22 16.31
C THR C 525 -26.76 -15.47 16.29
N ASN C 526 -26.21 -16.69 16.30
CA ASN C 526 -26.99 -17.96 16.36
C ASN C 526 -27.79 -18.02 17.68
N ASN C 527 -29.12 -17.90 17.62
CA ASN C 527 -29.96 -17.51 18.77
C ASN C 527 -29.95 -18.61 19.85
N VAL C 528 -29.97 -18.18 21.13
CA VAL C 528 -29.94 -19.05 22.34
C VAL C 528 -30.95 -18.50 23.35
N THR C 529 -31.84 -19.36 23.83
CA THR C 529 -32.92 -18.99 24.78
C THR C 529 -32.31 -18.76 26.17
N SER C 530 -31.88 -19.86 26.79
CA SER C 530 -31.46 -19.93 28.18
C SER C 530 -29.98 -20.38 28.22
N SER C 531 -29.15 -19.61 28.92
CA SER C 531 -27.70 -19.89 29.06
C SER C 531 -27.06 -18.87 30.00
N SER C 532 -25.80 -19.10 30.34
CA SER C 532 -24.98 -18.14 31.12
C SER C 532 -24.66 -16.91 30.26
N PHE C 533 -24.25 -15.83 30.94
CA PHE C 533 -23.82 -14.57 30.32
C PHE C 533 -22.74 -14.80 29.25
N THR C 534 -21.65 -15.49 29.61
CA THR C 534 -20.48 -15.68 28.71
C THR C 534 -20.83 -16.56 27.49
N GLU C 535 -21.84 -17.44 27.60
CA GLU C 535 -22.25 -18.37 26.52
C GLU C 535 -23.57 -17.91 25.83
N SER C 536 -24.20 -16.82 26.30
CA SER C 536 -25.42 -16.26 25.65
C SER C 536 -25.07 -15.54 24.34
N THR C 537 -26.12 -15.17 23.61
CA THR C 537 -26.02 -14.55 22.30
C THR C 537 -27.03 -13.39 22.19
N PHE C 538 -26.67 -12.38 21.39
CA PHE C 538 -27.57 -11.26 21.01
C PHE C 538 -27.49 -11.06 19.49
N ASN C 539 -28.22 -10.07 18.96
CA ASN C 539 -28.18 -9.73 17.52
C ASN C 539 -28.68 -8.29 17.32
N GLU C 540 -27.74 -7.35 17.28
CA GLU C 540 -27.98 -5.90 17.05
C GLU C 540 -28.92 -5.36 18.13
N PRO C 541 -28.56 -5.52 19.43
CA PRO C 541 -29.43 -5.05 20.52
C PRO C 541 -29.53 -3.51 20.51
N GLY C 542 -30.75 -3.01 20.30
CA GLY C 542 -31.00 -1.59 20.01
C GLY C 542 -31.05 -0.72 21.25
N GLY C 543 -31.41 -1.30 22.40
CA GLY C 543 -31.31 -0.62 23.70
C GLY C 543 -31.44 -1.57 24.88
N LEU C 544 -31.36 -1.00 26.08
CA LEU C 544 -31.42 -1.80 27.32
C LEU C 544 -31.76 -0.90 28.52
N CYS C 545 -32.18 -1.54 29.62
CA CYS C 545 -32.58 -0.82 30.86
C CYS C 545 -32.50 -1.74 32.09
N ILE C 546 -31.98 -1.21 33.20
CA ILE C 546 -31.94 -1.90 34.51
C ILE C 546 -33.29 -1.74 35.24
N GLY C 547 -33.70 -2.79 35.96
CA GLY C 547 -34.84 -2.72 36.90
C GLY C 547 -34.50 -1.90 38.13
N GLU C 548 -35.54 -1.54 38.91
CA GLU C 548 -35.42 -0.72 40.16
C GLU C 548 -34.45 -1.39 41.14
N ASN C 549 -34.72 -2.66 41.39
CA ASN C 549 -34.00 -3.51 42.36
C ASN C 549 -32.50 -3.59 42.02
N GLY C 550 -32.17 -3.59 40.73
CA GLY C 550 -30.79 -3.78 40.25
C GLY C 550 -30.47 -5.25 40.04
N GLU C 551 -31.47 -6.14 40.07
CA GLU C 551 -31.24 -7.60 39.91
C GLU C 551 -31.47 -8.01 38.45
N LEU C 552 -32.27 -7.26 37.66
CA LEU C 552 -32.56 -7.60 36.26
C LEU C 552 -32.13 -6.46 35.33
N LEU C 553 -31.47 -6.84 34.22
CA LEU C 553 -31.10 -5.95 33.11
C LEU C 553 -31.85 -6.42 31.86
N TYR C 554 -32.85 -5.65 31.42
CA TYR C 554 -33.69 -5.97 30.25
C TYR C 554 -33.03 -5.39 28.98
N VAL C 555 -32.97 -6.21 27.91
CA VAL C 555 -32.28 -5.86 26.66
C VAL C 555 -33.25 -6.05 25.49
N ALA C 556 -33.39 -5.01 24.66
CA ALA C 556 -34.15 -5.08 23.41
C ALA C 556 -33.25 -5.69 22.33
N ASP C 557 -33.33 -7.00 22.17
CA ASP C 557 -32.48 -7.77 21.26
C ASP C 557 -33.14 -7.76 19.87
N THR C 558 -32.96 -6.63 19.16
CA THR C 558 -33.76 -6.20 18.00
C THR C 558 -33.92 -7.32 16.95
N ASN C 559 -32.83 -7.79 16.35
CA ASN C 559 -32.90 -8.72 15.19
C ASN C 559 -33.30 -10.14 15.63
N ASN C 560 -33.32 -10.48 16.93
CA ASN C 560 -33.90 -11.77 17.43
C ASN C 560 -35.38 -11.62 17.80
N HIS C 561 -35.96 -10.41 17.75
CA HIS C 561 -37.41 -10.16 17.90
C HIS C 561 -37.89 -10.52 19.32
N GLN C 562 -37.07 -10.16 20.31
CA GLN C 562 -37.15 -10.71 21.68
C GLN C 562 -36.61 -9.70 22.70
N ILE C 563 -37.18 -9.74 23.91
CA ILE C 563 -36.61 -9.10 25.10
C ILE C 563 -35.81 -10.16 25.87
N LYS C 564 -34.51 -9.89 26.07
CA LYS C 564 -33.62 -10.73 26.89
C LYS C 564 -33.58 -10.15 28.30
N VAL C 565 -33.89 -10.99 29.30
CA VAL C 565 -33.82 -10.67 30.73
C VAL C 565 -32.50 -11.26 31.27
N MET C 566 -31.60 -10.40 31.74
CA MET C 566 -30.31 -10.80 32.30
C MET C 566 -30.35 -10.65 33.84
N ASP C 567 -30.33 -11.78 34.54
CA ASP C 567 -30.20 -11.79 36.02
C ASP C 567 -28.74 -11.50 36.39
N LEU C 568 -28.48 -10.34 37.01
CA LEU C 568 -27.10 -9.94 37.39
C LEU C 568 -26.61 -10.70 38.64
N GLU C 569 -27.49 -11.39 39.36
CA GLU C 569 -27.12 -12.22 40.54
C GLU C 569 -26.68 -13.63 40.09
N THR C 570 -27.53 -14.33 39.32
CA THR C 570 -27.26 -15.72 38.87
C THR C 570 -26.41 -15.74 37.57
N LYS C 571 -26.20 -14.59 36.90
CA LYS C 571 -25.49 -14.48 35.61
C LYS C 571 -26.11 -15.40 34.54
N MET C 572 -27.44 -15.46 34.51
CA MET C 572 -28.20 -16.23 33.53
C MET C 572 -29.08 -15.28 32.71
N VAL C 573 -29.12 -15.52 31.40
CA VAL C 573 -29.96 -14.81 30.45
C VAL C 573 -31.20 -15.68 30.21
N SER C 574 -32.37 -15.04 30.17
CA SER C 574 -33.64 -15.68 29.85
C SER C 574 -34.39 -14.81 28.80
N VAL C 575 -35.26 -15.44 28.02
CA VAL C 575 -36.16 -14.73 27.09
C VAL C 575 -37.41 -14.36 27.88
N LEU C 576 -37.83 -13.10 27.82
CA LEU C 576 -39.12 -12.70 28.39
C LEU C 576 -40.23 -13.25 27.51
N PRO C 577 -41.10 -14.14 28.04
CA PRO C 577 -42.29 -14.53 27.29
C PRO C 577 -43.28 -13.36 27.22
N ILE C 578 -43.98 -13.22 26.09
CA ILE C 578 -44.95 -12.12 25.87
C ILE C 578 -46.24 -12.72 25.31
N PHE C 579 -47.36 -12.49 26.00
CA PHE C 579 -48.65 -13.19 25.73
C PHE C 579 -49.83 -12.27 26.06
N ARG D 16 -5.24 17.18 -14.63
CA ARG D 16 -4.81 15.86 -14.11
C ARG D 16 -3.78 16.11 -13.01
N SER D 17 -2.55 16.47 -13.40
CA SER D 17 -1.47 16.84 -12.49
C SER D 17 -0.67 18.01 -13.08
N LEU D 18 0.15 18.64 -12.22
CA LEU D 18 1.02 19.79 -12.60
C LEU D 18 2.01 19.41 -13.73
N SER D 19 2.32 18.12 -13.88
CA SER D 19 3.05 17.53 -15.03
C SER D 19 2.52 18.06 -16.37
N GLY D 20 1.20 18.27 -16.49
CA GLY D 20 0.56 18.75 -17.73
C GLY D 20 1.07 20.10 -18.23
N LEU D 21 1.44 21.00 -17.31
CA LEU D 21 1.89 22.36 -17.66
C LEU D 21 3.37 22.39 -18.05
N LEU D 22 4.15 21.34 -17.75
CA LEU D 22 5.62 21.46 -17.62
C LEU D 22 6.31 21.69 -18.98
N PRO D 23 5.97 20.94 -20.05
CA PRO D 23 6.62 21.22 -21.36
C PRO D 23 6.25 22.61 -21.92
N ALA D 24 5.01 23.05 -21.76
CA ALA D 24 4.54 24.37 -22.28
C ALA D 24 5.11 25.54 -21.45
N GLN D 25 5.03 25.45 -20.12
CA GLN D 25 5.41 26.57 -19.22
C GLN D 25 6.93 26.78 -19.25
N THR D 26 7.70 25.70 -19.32
CA THR D 26 9.18 25.78 -19.44
C THR D 26 9.57 26.38 -20.80
N SER D 27 8.76 26.11 -21.84
CA SER D 27 8.94 26.72 -23.16
C SER D 27 8.67 28.24 -23.10
N LEU D 28 7.68 28.67 -22.31
CA LEU D 28 7.47 30.11 -22.05
C LEU D 28 8.66 30.68 -21.26
N GLU D 29 9.07 30.01 -20.17
CA GLU D 29 10.16 30.50 -19.27
C GLU D 29 11.50 30.60 -20.02
N TYR D 30 11.75 29.74 -21.01
CA TYR D 30 12.97 29.80 -21.83
C TYR D 30 12.97 31.07 -22.69
N ALA D 31 11.81 31.39 -23.26
CA ALA D 31 11.64 32.61 -24.05
C ALA D 31 11.77 33.86 -23.17
N LEU D 32 11.18 33.86 -21.96
CA LEU D 32 11.22 35.03 -21.04
C LEU D 32 12.67 35.40 -20.65
N LEU D 33 13.59 34.44 -20.62
CA LEU D 33 15.02 34.72 -20.32
C LEU D 33 15.74 35.39 -21.50
N ASP D 34 15.29 35.19 -22.75
CA ASP D 34 15.87 35.92 -23.91
C ASP D 34 15.07 37.20 -24.23
N ALA D 35 14.12 37.60 -23.38
CA ALA D 35 13.25 38.76 -23.66
C ALA D 35 13.86 40.03 -23.03
N VAL D 36 14.28 40.96 -23.87
CA VAL D 36 15.04 42.15 -23.42
C VAL D 36 14.09 43.22 -22.84
N THR D 37 12.88 43.37 -23.39
CA THR D 37 11.87 44.36 -22.92
C THR D 37 10.79 43.69 -22.04
N GLN D 38 10.23 44.47 -21.11
CA GLN D 38 9.05 44.05 -20.30
C GLN D 38 7.81 43.87 -21.19
N GLN D 39 7.72 44.54 -22.34
CA GLN D 39 6.58 44.36 -23.29
C GLN D 39 6.66 43.00 -23.98
N GLU D 40 7.86 42.62 -24.45
CA GLU D 40 8.12 41.29 -25.04
C GLU D 40 7.69 40.17 -24.07
N LYS D 41 8.02 40.31 -22.79
CA LYS D 41 7.66 39.33 -21.75
C LYS D 41 6.15 39.31 -21.56
N ASP D 42 5.49 40.47 -21.59
CA ASP D 42 4.02 40.56 -21.40
C ASP D 42 3.33 39.86 -22.60
N SER D 43 3.78 40.12 -23.83
CA SER D 43 3.13 39.55 -25.04
C SER D 43 3.31 38.02 -25.09
N LEU D 44 4.48 37.53 -24.72
CA LEU D 44 4.76 36.07 -24.66
C LEU D 44 3.83 35.37 -23.66
N VAL D 45 3.62 35.97 -22.48
CA VAL D 45 2.74 35.40 -21.44
C VAL D 45 1.30 35.40 -21.97
N TYR D 46 0.92 36.47 -22.67
CA TYR D 46 -0.40 36.59 -23.29
C TYR D 46 -0.57 35.52 -24.38
N GLN D 47 0.48 35.31 -25.20
CA GLN D 47 0.46 34.27 -26.24
C GLN D 47 0.40 32.87 -25.60
N TYR D 48 1.10 32.68 -24.48
CA TYR D 48 0.99 31.41 -23.71
C TYR D 48 -0.47 31.17 -23.27
N LEU D 49 -1.16 32.20 -22.78
CA LEU D 49 -2.53 32.05 -22.28
C LEU D 49 -3.52 31.81 -23.44
N GLN D 50 -3.32 32.42 -24.60
CA GLN D 50 -4.11 32.10 -25.83
C GLN D 50 -4.05 30.60 -26.14
N LYS D 51 -2.84 30.03 -26.06
CA LYS D 51 -2.60 28.62 -26.34
C LYS D 51 -3.32 27.76 -25.28
N VAL D 52 -3.09 28.06 -23.99
CA VAL D 52 -3.56 27.20 -22.86
C VAL D 52 -5.07 27.39 -22.65
N ASP D 53 -5.60 28.60 -22.85
CA ASP D 53 -7.04 28.84 -22.76
C ASP D 53 -7.78 28.08 -23.87
N GLY D 54 -7.22 28.10 -25.10
CA GLY D 54 -7.83 27.46 -26.27
C GLY D 54 -7.51 25.98 -26.42
N TRP D 55 -6.90 25.33 -25.40
CA TRP D 55 -6.86 23.85 -25.33
C TRP D 55 -8.29 23.29 -25.27
N GLU D 56 -8.53 22.16 -25.93
CA GLU D 56 -9.86 21.54 -25.88
C GLU D 56 -10.08 20.99 -24.47
N GLN D 57 -9.13 20.20 -23.97
CA GLN D 57 -9.19 19.54 -22.67
C GLN D 57 -8.37 20.34 -21.63
N ASP D 58 -9.07 21.00 -20.70
CA ASP D 58 -8.45 21.73 -19.58
C ASP D 58 -7.76 20.75 -18.63
N LEU D 59 -6.70 21.23 -17.98
CA LEU D 59 -6.18 20.67 -16.74
C LEU D 59 -6.99 21.28 -15.60
N SER D 60 -8.10 20.64 -15.31
CA SER D 60 -9.03 21.11 -14.28
C SER D 60 -8.46 20.78 -12.91
N VAL D 61 -8.68 21.68 -11.95
CA VAL D 61 -8.28 21.47 -10.55
C VAL D 61 -9.31 20.53 -9.91
N PRO D 62 -8.88 19.58 -9.06
CA PRO D 62 -9.85 18.84 -8.23
C PRO D 62 -10.57 19.80 -7.28
N GLU D 63 -11.84 19.52 -6.99
CA GLU D 63 -12.61 20.33 -6.02
C GLU D 63 -12.04 20.12 -4.62
N PHE D 64 -12.14 21.16 -3.79
CA PHE D 64 -11.77 21.06 -2.37
C PHE D 64 -12.63 19.97 -1.72
N PRO D 65 -11.99 18.92 -1.11
CA PRO D 65 -12.70 17.86 -0.40
C PRO D 65 -13.78 18.41 0.57
N GLU D 66 -14.91 17.70 0.66
CA GLU D 66 -16.05 18.13 1.49
C GLU D 66 -15.68 18.00 2.97
N GLY D 67 -16.12 18.96 3.79
CA GLY D 67 -16.01 18.89 5.24
C GLY D 67 -14.63 19.22 5.79
N LEU D 68 -13.71 19.78 4.99
CA LEU D 68 -12.47 20.37 5.51
C LEU D 68 -12.84 21.66 6.25
N GLU D 69 -12.04 21.98 7.27
CA GLU D 69 -12.22 23.21 8.07
C GLU D 69 -11.59 24.39 7.33
N TRP D 70 -12.27 25.54 7.31
CA TRP D 70 -11.85 26.76 6.60
C TRP D 70 -11.66 27.92 7.60
N LEU D 71 -10.64 28.76 7.37
CA LEU D 71 -10.41 29.99 8.15
C LEU D 71 -10.39 31.20 7.21
N ASN D 72 -10.64 32.38 7.80
CA ASN D 72 -10.75 33.68 7.15
C ASN D 72 -11.88 33.71 6.10
N THR D 73 -12.96 32.93 6.33
CA THR D 73 -14.14 32.89 5.42
C THR D 73 -15.41 32.63 6.24
N GLU D 74 -16.55 32.98 5.64
CA GLU D 74 -17.88 32.78 6.27
C GLU D 74 -18.24 31.29 6.26
N GLU D 75 -18.34 30.73 5.05
CA GLU D 75 -18.61 29.29 4.83
C GLU D 75 -17.39 28.68 4.12
N PRO D 76 -17.39 27.35 3.85
CA PRO D 76 -16.40 26.78 2.92
C PRO D 76 -16.44 27.41 1.51
N ILE D 77 -15.32 27.30 0.82
CA ILE D 77 -15.15 27.77 -0.55
C ILE D 77 -14.94 26.53 -1.43
N SER D 78 -15.60 26.57 -2.59
CA SER D 78 -15.50 25.56 -3.61
C SER D 78 -15.13 26.25 -4.92
N VAL D 79 -14.20 25.64 -5.66
CA VAL D 79 -13.65 26.20 -6.91
C VAL D 79 -14.80 26.44 -7.91
N TYR D 80 -15.71 25.46 -8.06
CA TYR D 80 -16.65 25.42 -9.19
C TYR D 80 -18.00 26.09 -8.88
N LYS D 81 -18.29 26.45 -7.62
CA LYS D 81 -19.53 27.22 -7.26
C LYS D 81 -19.19 28.67 -6.90
N ASP D 82 -18.07 28.92 -6.21
CA ASP D 82 -17.73 30.22 -5.58
C ASP D 82 -16.58 30.96 -6.30
N LEU D 83 -15.70 30.26 -7.05
CA LEU D 83 -14.49 30.87 -7.69
C LEU D 83 -14.58 30.84 -9.24
N CYS D 84 -15.75 30.60 -9.82
CA CYS D 84 -15.98 30.90 -11.24
C CYS D 84 -15.84 32.43 -11.45
N GLY D 85 -15.25 32.81 -12.58
CA GLY D 85 -15.08 34.23 -12.94
C GLY D 85 -13.92 34.91 -12.21
N LYS D 86 -12.98 34.11 -11.68
CA LYS D 86 -11.87 34.61 -10.86
C LYS D 86 -10.56 33.93 -11.30
N ILE D 87 -9.47 34.69 -11.29
CA ILE D 87 -8.13 34.11 -11.22
C ILE D 87 -7.90 33.71 -9.75
N VAL D 88 -7.34 32.52 -9.55
CA VAL D 88 -7.14 31.96 -8.19
C VAL D 88 -5.68 31.54 -8.05
N VAL D 89 -5.03 31.93 -6.95
CA VAL D 89 -3.69 31.47 -6.59
C VAL D 89 -3.84 30.52 -5.39
N LEU D 90 -3.55 29.23 -5.60
CA LEU D 90 -3.44 28.26 -4.50
C LEU D 90 -2.01 28.32 -3.95
N ASP D 91 -1.87 28.36 -2.63
CA ASP D 91 -0.59 28.35 -1.91
C ASP D 91 -0.57 27.06 -1.08
N PHE D 92 0.14 26.06 -1.60
CA PHE D 92 0.40 24.83 -0.84
C PHE D 92 1.53 25.11 0.15
N PHE D 93 1.19 25.16 1.44
CA PHE D 93 2.13 25.66 2.45
C PHE D 93 1.91 24.95 3.79
N THR D 94 2.81 25.22 4.73
CA THR D 94 2.74 24.79 6.12
C THR D 94 3.52 25.81 6.97
N TYR D 95 3.01 26.15 8.15
CA TYR D 95 3.49 27.32 8.91
C TYR D 95 4.85 27.06 9.59
N CYS D 96 5.27 25.82 9.75
CA CYS D 96 6.61 25.48 10.31
C CYS D 96 7.73 25.93 9.36
N CYS D 97 7.50 25.81 8.04
CA CYS D 97 8.56 25.95 7.04
C CYS D 97 8.91 27.43 6.84
N ILE D 98 10.20 27.77 6.97
CA ILE D 98 10.68 29.16 6.79
C ILE D 98 10.54 29.58 5.32
N ASN D 99 10.60 28.63 4.37
CA ASN D 99 10.42 28.90 2.93
C ASN D 99 8.99 29.43 2.67
N CYS D 100 8.00 28.81 3.32
CA CYS D 100 6.62 29.28 3.25
C CYS D 100 6.46 30.64 3.96
N ILE D 101 7.14 30.84 5.09
CA ILE D 101 7.08 32.10 5.85
C ILE D 101 7.58 33.25 4.98
N HIS D 102 8.71 33.05 4.29
CA HIS D 102 9.31 34.07 3.38
C HIS D 102 8.36 34.45 2.24
N LEU D 103 7.55 33.51 1.74
CA LEU D 103 6.59 33.75 0.64
C LEU D 103 5.42 34.64 1.09
N LEU D 104 5.07 34.67 2.39
CA LEU D 104 3.82 35.33 2.86
C LEU D 104 3.80 36.84 2.54
N PRO D 105 4.94 37.57 2.72
CA PRO D 105 5.01 38.98 2.28
C PRO D 105 4.70 39.22 0.78
N ASP D 106 5.05 38.26 -0.09
CA ASP D 106 4.82 38.38 -1.54
C ASP D 106 3.31 38.21 -1.84
N LEU D 107 2.64 37.30 -1.14
CA LEU D 107 1.18 37.08 -1.28
C LEU D 107 0.39 38.26 -0.69
N HIS D 108 0.87 38.80 0.45
CA HIS D 108 0.31 40.00 1.10
C HIS D 108 0.31 41.18 0.11
N ALA D 109 1.46 41.43 -0.53
CA ALA D 109 1.62 42.51 -1.52
C ALA D 109 0.75 42.27 -2.76
N LEU D 110 0.53 41.01 -3.14
CA LEU D 110 -0.36 40.67 -4.28
C LEU D 110 -1.82 40.97 -3.91
N GLU D 111 -2.26 40.54 -2.73
CA GLU D 111 -3.63 40.78 -2.22
C GLU D 111 -3.93 42.30 -2.16
N HIS D 112 -2.99 43.10 -1.68
CA HIS D 112 -3.10 44.56 -1.64
C HIS D 112 -3.23 45.13 -3.06
N THR D 113 -2.51 44.57 -4.03
CA THR D 113 -2.57 45.03 -5.43
C THR D 113 -3.91 44.64 -6.10
N TYR D 114 -4.37 43.41 -5.91
CA TYR D 114 -5.54 42.86 -6.62
C TYR D 114 -6.50 42.23 -5.59
N SER D 115 -7.63 42.90 -5.38
CA SER D 115 -8.68 42.41 -4.46
C SER D 115 -9.50 41.29 -5.12
N ASP D 116 -10.43 40.75 -4.34
CA ASP D 116 -11.55 39.92 -4.81
C ASP D 116 -12.37 40.63 -5.90
N LYS D 117 -12.57 41.95 -5.78
CA LYS D 117 -13.32 42.74 -6.78
C LYS D 117 -12.58 42.74 -8.13
N ASP D 118 -11.26 42.86 -8.09
CA ASP D 118 -10.43 42.97 -9.31
C ASP D 118 -10.30 41.59 -10.01
N GLY D 119 -10.64 40.48 -9.34
CA GLY D 119 -10.76 39.16 -9.98
C GLY D 119 -9.74 38.13 -9.49
N LEU D 120 -9.05 38.43 -8.38
CA LEU D 120 -8.08 37.54 -7.81
C LEU D 120 -8.50 37.16 -6.39
N LEU D 121 -8.45 35.87 -6.10
CA LEU D 121 -8.43 35.39 -4.73
C LEU D 121 -7.22 34.46 -4.55
N ILE D 122 -6.60 34.56 -3.37
CA ILE D 122 -5.52 33.65 -2.94
C ILE D 122 -6.13 32.71 -1.89
N ILE D 123 -5.92 31.40 -2.03
CA ILE D 123 -6.33 30.40 -1.03
C ILE D 123 -5.08 29.68 -0.53
N GLY D 124 -4.87 29.70 0.78
CA GLY D 124 -3.86 28.90 1.43
C GLY D 124 -4.35 27.48 1.63
N VAL D 125 -3.79 26.54 0.88
CA VAL D 125 -4.09 25.13 1.04
C VAL D 125 -3.07 24.56 2.02
N HIS D 126 -3.34 24.76 3.31
CA HIS D 126 -2.44 24.29 4.38
C HIS D 126 -2.32 22.76 4.34
N SER D 127 -1.13 22.29 3.95
CA SER D 127 -0.82 20.88 3.75
C SER D 127 0.29 20.49 4.74
N ALA D 128 -0.10 19.94 5.88
CA ALA D 128 0.80 19.84 7.03
C ALA D 128 1.99 18.89 6.76
N LYS D 129 3.17 19.29 7.27
CA LYS D 129 4.36 18.43 7.39
C LYS D 129 4.26 17.60 8.67
N PHE D 130 4.09 18.30 9.80
CA PHE D 130 4.08 17.70 11.15
C PHE D 130 2.64 17.37 11.60
N PRO D 131 2.45 16.35 12.46
CA PRO D 131 1.16 15.99 13.12
C PRO D 131 0.44 17.14 13.85
N ASN D 132 1.22 17.93 14.61
CA ASN D 132 0.72 19.06 15.40
C ASN D 132 0.02 20.12 14.52
N GLU D 133 0.49 20.32 13.29
CA GLU D 133 -0.03 21.38 12.40
C GLU D 133 -1.37 20.96 11.78
N LYS D 134 -1.76 19.67 11.86
CA LYS D 134 -3.10 19.17 11.42
C LYS D 134 -4.24 19.67 12.34
N VAL D 135 -3.93 20.09 13.59
CA VAL D 135 -4.93 20.57 14.57
C VAL D 135 -5.34 22.00 14.18
N LEU D 136 -6.63 22.23 13.98
CA LEU D 136 -7.15 23.50 13.45
C LEU D 136 -6.72 24.67 14.32
N ASP D 137 -6.76 24.52 15.64
CA ASP D 137 -6.52 25.63 16.58
C ASP D 137 -5.05 26.08 16.52
N ASN D 138 -4.14 25.15 16.18
CA ASN D 138 -2.71 25.46 16.00
C ASN D 138 -2.47 26.15 14.65
N ILE D 139 -3.30 25.89 13.63
CA ILE D 139 -3.29 26.67 12.35
C ILE D 139 -3.89 28.07 12.61
N LYS D 140 -4.96 28.14 13.42
CA LYS D 140 -5.67 29.40 13.74
C LYS D 140 -4.71 30.37 14.46
N SER D 141 -3.87 29.85 15.36
CA SER D 141 -2.81 30.63 16.06
C SER D 141 -1.78 31.17 15.05
N ALA D 142 -1.30 30.28 14.19
CA ALA D 142 -0.28 30.58 13.15
C ALA D 142 -0.77 31.67 12.18
N VAL D 143 -2.05 31.61 11.82
CA VAL D 143 -2.71 32.64 11.00
C VAL D 143 -2.58 34.02 11.68
N LEU D 144 -2.86 34.10 12.98
CA LEU D 144 -2.74 35.37 13.72
C LEU D 144 -1.27 35.77 13.90
N ARG D 145 -0.37 34.79 14.16
CA ARG D 145 1.08 35.06 14.33
C ARG D 145 1.68 35.67 13.07
N TYR D 146 1.40 35.05 11.91
CA TYR D 146 1.99 35.47 10.64
C TYR D 146 1.05 36.42 9.87
N ASN D 147 -0.15 36.72 10.39
CA ASN D 147 -1.03 37.80 9.88
C ASN D 147 -1.45 37.47 8.44
N ILE D 148 -2.01 36.28 8.27
CA ILE D 148 -2.53 35.77 6.99
C ILE D 148 -4.00 36.21 6.87
N THR D 149 -4.27 37.15 5.95
CA THR D 149 -5.61 37.76 5.78
C THR D 149 -6.27 37.26 4.49
N HIS D 150 -5.90 36.06 3.99
CA HIS D 150 -6.55 35.42 2.84
C HIS D 150 -7.14 34.07 3.29
N PRO D 151 -8.14 33.55 2.54
CA PRO D 151 -8.79 32.25 2.87
C PRO D 151 -7.81 31.07 3.03
N MET D 152 -8.16 30.15 3.92
CA MET D 152 -7.28 29.10 4.45
C MET D 152 -8.06 27.79 4.60
N VAL D 153 -7.54 26.67 4.10
CA VAL D 153 -8.21 25.38 4.20
C VAL D 153 -7.24 24.38 4.84
N ASN D 154 -7.73 23.66 5.86
CA ASN D 154 -6.94 22.66 6.57
C ASN D 154 -7.08 21.33 5.81
N ASP D 155 -6.30 21.22 4.75
CA ASP D 155 -6.16 20.00 3.95
C ASP D 155 -5.09 19.14 4.64
N ALA D 156 -5.47 18.58 5.79
CA ALA D 156 -4.53 17.96 6.74
C ALA D 156 -3.95 16.64 6.20
N ASP D 157 -4.79 15.87 5.51
CA ASP D 157 -4.40 14.62 4.85
C ASP D 157 -3.63 14.91 3.56
N ALA D 158 -3.70 16.16 3.04
CA ALA D 158 -2.98 16.63 1.85
C ALA D 158 -3.48 15.87 0.60
N SER D 159 -4.80 15.92 0.42
CA SER D 159 -5.50 15.27 -0.71
C SER D 159 -5.21 16.02 -2.02
N LEU D 160 -5.39 17.34 -1.99
CA LEU D 160 -5.21 18.20 -3.19
C LEU D 160 -3.76 18.17 -3.66
N TRP D 161 -2.83 18.23 -2.69
CA TRP D 161 -1.37 18.07 -2.88
C TRP D 161 -1.06 16.77 -3.64
N GLN D 162 -1.54 15.66 -3.10
CA GLN D 162 -1.25 14.31 -3.65
C GLN D 162 -1.91 14.11 -5.01
N GLU D 163 -3.12 14.62 -5.24
CA GLU D 163 -3.77 14.53 -6.57
C GLU D 163 -3.00 15.33 -7.62
N LEU D 164 -2.49 16.51 -7.26
CA LEU D 164 -1.75 17.40 -8.20
C LEU D 164 -0.28 16.95 -8.34
N GLU D 165 0.23 16.08 -7.45
CA GLU D 165 1.66 15.70 -7.36
C GLU D 165 2.51 16.95 -7.12
N VAL D 166 2.14 17.70 -6.07
CA VAL D 166 2.97 18.78 -5.51
C VAL D 166 4.14 18.09 -4.78
N SER D 167 5.33 18.68 -4.84
CA SER D 167 6.55 18.04 -4.29
C SER D 167 7.41 18.99 -3.44
N CYS D 168 6.93 20.20 -3.12
CA CYS D 168 7.79 21.26 -2.58
C CYS D 168 6.94 22.26 -1.78
N TRP D 169 7.45 22.62 -0.60
CA TRP D 169 6.90 23.69 0.26
C TRP D 169 7.69 24.98 0.01
N PRO D 170 7.10 26.09 -0.46
CA PRO D 170 5.71 26.23 -0.97
C PRO D 170 5.60 25.96 -2.48
N THR D 171 4.40 25.64 -2.96
CA THR D 171 4.06 25.60 -4.40
C THR D 171 2.85 26.53 -4.62
N LEU D 172 2.99 27.46 -5.58
CA LEU D 172 1.85 28.25 -6.08
C LEU D 172 1.30 27.62 -7.35
N VAL D 173 -0.04 27.64 -7.47
CA VAL D 173 -0.77 27.12 -8.64
C VAL D 173 -1.83 28.16 -9.02
N ILE D 174 -1.67 28.81 -10.17
CA ILE D 174 -2.57 29.86 -10.64
C ILE D 174 -3.63 29.22 -11.54
N LEU D 175 -4.91 29.46 -11.21
CA LEU D 175 -6.08 28.93 -11.96
C LEU D 175 -6.71 30.08 -12.75
N GLY D 176 -7.29 29.73 -13.90
CA GLY D 176 -8.18 30.63 -14.64
C GLY D 176 -9.61 30.58 -14.10
N PRO D 177 -10.53 31.34 -14.71
CA PRO D 177 -11.95 31.43 -14.28
C PRO D 177 -12.81 30.14 -14.30
N ARG D 178 -12.34 29.04 -14.93
CA ARG D 178 -13.05 27.73 -15.01
C ARG D 178 -12.28 26.65 -14.20
N GLY D 179 -11.41 27.04 -13.26
CA GLY D 179 -10.52 26.11 -12.53
C GLY D 179 -9.45 25.48 -13.41
N ASN D 180 -9.17 26.06 -14.58
CA ASN D 180 -8.18 25.54 -15.52
C ASN D 180 -6.81 25.99 -15.00
N MET D 181 -5.90 25.03 -14.79
CA MET D 181 -4.57 25.35 -14.28
C MET D 181 -3.76 26.03 -15.39
N LEU D 182 -3.12 27.16 -15.04
CA LEU D 182 -2.41 28.04 -16.00
C LEU D 182 -0.91 28.00 -15.76
N PHE D 183 -0.48 28.15 -14.50
CA PHE D 183 0.94 28.16 -14.12
C PHE D 183 1.12 27.46 -12.77
N SER D 184 2.32 26.92 -12.54
CA SER D 184 2.79 26.56 -11.21
C SER D 184 4.17 27.18 -10.98
N LEU D 185 4.36 27.76 -9.79
CA LEU D 185 5.66 28.29 -9.35
C LEU D 185 6.08 27.52 -8.09
N ILE D 186 7.21 26.83 -8.19
CA ILE D 186 7.76 26.03 -7.12
C ILE D 186 8.65 26.96 -6.27
N GLY D 187 8.42 26.94 -4.96
CA GLY D 187 9.32 27.50 -3.98
C GLY D 187 9.14 28.99 -3.80
N GLU D 188 10.20 29.57 -3.23
CA GLU D 188 10.21 30.89 -2.59
C GLU D 188 10.84 31.91 -3.56
N GLY D 189 10.39 33.14 -3.47
CA GLY D 189 11.06 34.26 -4.13
C GLY D 189 10.89 34.26 -5.64
N HIS D 190 9.70 33.86 -6.13
CA HIS D 190 9.26 34.07 -7.52
C HIS D 190 8.22 35.20 -7.56
N LYS D 191 8.52 36.33 -6.93
CA LYS D 191 7.61 37.47 -6.85
C LYS D 191 7.47 38.13 -8.23
N ASP D 192 8.58 38.29 -8.97
CA ASP D 192 8.59 38.82 -10.36
C ASP D 192 7.57 38.06 -11.23
N LYS D 193 7.59 36.74 -11.14
CA LYS D 193 6.80 35.84 -11.98
C LYS D 193 5.36 35.78 -11.45
N LEU D 194 5.17 35.73 -10.14
CA LEU D 194 3.83 35.75 -9.50
C LEU D 194 3.04 36.97 -9.97
N PHE D 195 3.67 38.13 -10.06
CA PHE D 195 3.05 39.37 -10.54
C PHE D 195 2.85 39.32 -12.06
N LEU D 196 3.88 38.95 -12.81
CA LEU D 196 3.79 38.85 -14.29
C LEU D 196 2.65 37.90 -14.70
N TYR D 197 2.59 36.73 -14.07
CA TYR D 197 1.61 35.69 -14.44
C TYR D 197 0.19 36.10 -14.02
N THR D 198 -0.02 36.57 -12.78
CA THR D 198 -1.38 36.90 -12.29
C THR D 198 -1.87 38.19 -12.97
N SER D 199 -1.00 39.18 -13.19
CA SER D 199 -1.42 40.44 -13.84
C SER D 199 -1.87 40.19 -15.29
N ILE D 200 -1.10 39.38 -16.03
CA ILE D 200 -1.39 39.08 -17.46
C ILE D 200 -2.50 38.02 -17.55
N ALA D 201 -2.69 37.17 -16.54
CA ALA D 201 -3.85 36.26 -16.47
C ALA D 201 -5.15 37.05 -16.28
N LEU D 202 -5.14 38.07 -15.41
CA LEU D 202 -6.30 38.97 -15.21
C LEU D 202 -6.59 39.74 -16.49
N LYS D 203 -5.54 40.33 -17.06
CA LYS D 203 -5.63 41.12 -18.30
C LYS D 203 -6.31 40.30 -19.40
N TYR D 204 -5.86 39.06 -19.60
CA TYR D 204 -6.35 38.18 -20.69
C TYR D 204 -7.84 37.89 -20.51
N TYR D 205 -8.23 37.32 -19.36
CA TYR D 205 -9.61 36.88 -19.12
C TYR D 205 -10.58 38.06 -18.95
N LYS D 206 -10.09 39.28 -18.64
CA LYS D 206 -10.92 40.49 -18.67
C LYS D 206 -11.17 40.96 -20.11
N ASP D 207 -10.19 40.79 -21.01
CA ASP D 207 -10.37 41.07 -22.45
C ASP D 207 -11.38 40.09 -23.09
N ARG D 208 -11.48 38.86 -22.56
CA ARG D 208 -12.46 37.86 -23.01
C ARG D 208 -13.82 38.05 -22.33
N GLY D 209 -13.89 38.86 -21.26
CA GLY D 209 -15.13 39.15 -20.53
C GLY D 209 -15.55 38.02 -19.59
N GLN D 210 -14.55 37.34 -19.01
CA GLN D 210 -14.76 36.11 -18.22
C GLN D 210 -14.38 36.36 -16.75
N ILE D 211 -14.15 37.61 -16.31
CA ILE D 211 -13.77 37.91 -14.91
C ILE D 211 -14.89 38.77 -14.28
N ARG D 212 -15.69 38.15 -13.40
CA ARG D 212 -16.74 38.92 -12.69
C ARG D 212 -16.10 39.69 -11.54
N ASP D 213 -16.87 40.66 -11.03
CA ASP D 213 -16.44 41.67 -10.05
C ASP D 213 -17.11 41.44 -8.69
N ASN D 214 -17.68 40.25 -8.45
CA ASN D 214 -18.41 39.93 -7.20
C ASN D 214 -17.41 39.76 -6.05
N LYS D 215 -17.91 39.93 -4.82
CA LYS D 215 -17.13 39.72 -3.58
C LYS D 215 -17.12 38.22 -3.24
N ILE D 216 -16.28 37.83 -2.28
CA ILE D 216 -16.19 36.42 -1.87
C ILE D 216 -16.78 36.21 -0.47
N GLY D 217 -16.33 36.94 0.54
CA GLY D 217 -16.72 36.75 1.93
C GLY D 217 -15.51 36.38 2.75
N ILE D 218 -15.07 37.31 3.62
CA ILE D 218 -13.76 37.23 4.29
C ILE D 218 -13.94 37.63 5.78
N LYS D 219 -13.04 37.10 6.61
CA LYS D 219 -13.04 37.24 8.09
C LYS D 219 -11.59 37.24 8.59
N PRO D 227 -6.89 39.69 24.43
CA PRO D 227 -6.74 41.07 24.87
C PRO D 227 -5.72 41.21 26.00
N SER D 228 -4.55 40.57 25.85
CA SER D 228 -3.63 40.19 26.96
C SER D 228 -2.39 41.11 27.00
N PRO D 229 -1.54 41.02 28.07
CA PRO D 229 -0.29 41.82 28.15
C PRO D 229 0.80 41.36 27.16
N LEU D 230 0.98 40.05 27.00
CA LEU D 230 1.82 39.45 25.95
C LEU D 230 0.92 38.89 24.83
N LEU D 231 1.51 38.78 23.63
CA LEU D 231 0.85 38.23 22.44
C LEU D 231 1.87 37.42 21.64
N PHE D 232 1.76 36.09 21.71
CA PHE D 232 2.64 35.14 21.01
C PHE D 232 4.11 35.43 21.29
N PRO D 233 4.52 35.45 22.58
CA PRO D 233 5.93 35.67 22.96
C PRO D 233 6.80 34.52 22.42
N GLY D 234 7.74 34.87 21.55
CA GLY D 234 8.58 33.90 20.88
C GLY D 234 9.67 33.35 21.79
N LYS D 235 10.34 34.24 22.54
CA LYS D 235 11.53 33.90 23.29
C LYS D 235 11.64 34.70 24.58
N VAL D 236 12.47 34.15 25.48
CA VAL D 236 12.80 34.77 26.75
C VAL D 236 14.25 34.41 27.11
N THR D 237 14.90 35.31 27.85
CA THR D 237 16.25 35.08 28.43
C THR D 237 16.34 35.73 29.82
N VAL D 238 17.42 35.42 30.56
CA VAL D 238 17.63 35.88 31.96
C VAL D 238 19.05 36.46 32.08
N ASP D 239 19.14 37.66 32.65
CA ASP D 239 20.45 38.28 32.97
C ASP D 239 21.09 37.48 34.12
N GLN D 240 22.35 37.08 33.97
CA GLN D 240 23.04 36.24 34.95
C GLN D 240 23.39 37.03 36.23
N VAL D 241 23.70 38.32 36.10
CA VAL D 241 24.14 39.15 37.26
C VAL D 241 22.90 39.59 38.07
N THR D 242 21.90 40.16 37.39
CA THR D 242 20.80 40.94 38.02
C THR D 242 19.44 40.19 37.96
N ASP D 243 19.36 39.04 37.28
CA ASP D 243 18.19 38.12 37.31
C ASP D 243 16.92 38.80 36.76
N ARG D 244 17.07 39.77 35.84
CA ARG D 244 15.94 40.36 35.10
C ARG D 244 15.66 39.48 33.88
N LEU D 245 14.41 39.53 33.39
CA LEU D 245 14.02 38.82 32.17
C LEU D 245 13.95 39.81 31.00
N VAL D 246 14.43 39.36 29.84
CA VAL D 246 14.15 40.01 28.57
C VAL D 246 13.19 39.09 27.82
N ILE D 247 11.99 39.59 27.51
CA ILE D 247 10.95 38.86 26.78
C ILE D 247 10.78 39.51 25.40
N ALA D 248 10.93 38.72 24.35
CA ALA D 248 10.50 39.09 23.00
C ALA D 248 8.99 38.82 22.86
N ASP D 249 8.21 39.89 22.94
CA ASP D 249 6.74 39.84 22.78
C ASP D 249 6.43 40.00 21.28
N THR D 250 6.69 38.93 20.54
CA THR D 250 6.74 38.87 19.06
C THR D 250 5.45 39.42 18.42
N GLY D 251 4.29 39.09 18.96
CA GLY D 251 3.00 39.52 18.39
C GLY D 251 2.72 41.00 18.60
N HIS D 252 3.26 41.63 19.64
CA HIS D 252 3.18 43.10 19.84
C HIS D 252 4.37 43.84 19.21
N HIS D 253 5.30 43.11 18.57
CA HIS D 253 6.45 43.69 17.87
C HIS D 253 7.26 44.57 18.84
N ARG D 254 7.56 44.02 20.02
CA ARG D 254 8.24 44.78 21.10
C ARG D 254 9.09 43.84 21.98
N ILE D 255 10.02 44.47 22.70
CA ILE D 255 10.86 43.85 23.73
C ILE D 255 10.40 44.39 25.10
N LEU D 256 10.33 43.52 26.11
CA LEU D 256 10.07 43.88 27.51
C LEU D 256 11.29 43.55 28.37
N VAL D 257 11.71 44.50 29.21
CA VAL D 257 12.65 44.21 30.31
C VAL D 257 11.85 44.23 31.62
N VAL D 258 11.81 43.09 32.32
CA VAL D 258 10.94 42.86 33.49
C VAL D 258 11.81 42.36 34.65
N TRP D 259 11.51 42.80 35.87
CA TRP D 259 12.18 42.30 37.09
C TRP D 259 11.75 40.86 37.38
N LYS D 260 12.48 40.19 38.26
CA LYS D 260 12.27 38.74 38.60
C LYS D 260 10.85 38.51 39.14
N ASN D 261 10.37 39.45 39.96
CA ASN D 261 9.00 39.38 40.57
C ASN D 261 7.91 39.70 39.55
N GLY D 262 8.25 40.28 38.40
CA GLY D 262 7.34 40.49 37.28
C GLY D 262 7.02 41.95 36.99
N GLN D 263 7.63 42.91 37.70
CA GLN D 263 7.39 44.36 37.43
C GLN D 263 8.12 44.75 36.14
N ILE D 264 7.45 45.53 35.27
CA ILE D 264 8.01 45.93 33.96
C ILE D 264 8.93 47.14 34.20
N GLN D 265 10.20 47.02 33.79
CA GLN D 265 11.17 48.12 33.86
C GLN D 265 11.03 48.97 32.60
N TYR D 266 11.18 48.34 31.43
CA TYR D 266 11.11 49.02 30.12
C TYR D 266 10.19 48.25 29.16
N SER D 267 9.37 48.98 28.41
CA SER D 267 8.70 48.46 27.20
C SER D 267 9.27 49.19 25.97
N ILE D 268 9.79 48.42 25.01
CA ILE D 268 10.52 48.96 23.84
C ILE D 268 9.89 48.37 22.57
N GLY D 269 9.09 49.20 21.89
CA GLY D 269 8.54 48.89 20.57
C GLY D 269 7.03 48.78 20.58
N GLY D 270 6.48 48.66 19.38
CA GLY D 270 5.08 48.33 19.19
C GLY D 270 4.16 49.55 19.28
N PRO D 271 2.85 49.36 19.09
CA PRO D 271 2.23 48.07 18.76
C PRO D 271 2.46 47.59 17.32
N ASN D 272 2.94 48.45 16.40
CA ASN D 272 3.04 48.13 14.97
C ASN D 272 4.45 47.68 14.60
N PRO D 273 4.60 46.94 13.47
CA PRO D 273 5.91 46.61 12.88
C PRO D 273 6.76 47.85 12.54
N GLY D 274 8.06 47.65 12.45
CA GLY D 274 8.95 48.72 12.01
C GLY D 274 10.42 48.38 12.17
N ARG D 275 11.26 49.34 11.81
CA ARG D 275 12.72 49.21 11.81
C ARG D 275 13.37 50.49 12.39
N LYS D 276 12.64 51.25 13.20
CA LYS D 276 13.04 52.60 13.62
C LYS D 276 13.98 52.48 14.83
N ASP D 277 15.11 53.19 14.75
CA ASP D 277 16.11 53.26 15.82
C ASP D 277 15.90 54.55 16.63
N GLY D 278 16.66 54.70 17.73
CA GLY D 278 16.64 55.89 18.58
C GLY D 278 16.06 55.59 19.95
N ILE D 279 15.31 56.54 20.51
CA ILE D 279 14.74 56.43 21.90
C ILE D 279 13.62 55.37 21.91
N PHE D 280 13.18 54.97 23.11
CA PHE D 280 12.32 53.78 23.30
C PHE D 280 10.85 54.06 22.89
N SER D 281 10.37 55.29 23.00
CA SER D 281 9.06 55.69 22.40
C SER D 281 9.11 55.68 20.87
N GLU D 282 10.30 55.91 20.30
CA GLU D 282 10.58 55.99 18.84
C GLU D 282 10.74 54.59 18.25
N SER D 283 11.34 53.66 19.00
CA SER D 283 11.87 52.39 18.45
C SER D 283 10.74 51.46 18.01
N THR D 284 11.04 50.62 17.02
CA THR D 284 10.08 49.63 16.48
C THR D 284 10.83 48.39 16.00
N PHE D 285 10.20 47.24 16.18
CA PHE D 285 10.71 45.93 15.77
C PHE D 285 9.68 45.29 14.82
N ASN D 286 9.98 44.09 14.34
CA ASN D 286 9.10 43.37 13.41
C ASN D 286 9.19 41.87 13.70
N SER D 287 8.38 41.43 14.66
CA SER D 287 8.28 40.03 15.07
C SER D 287 9.65 39.55 15.55
N PRO D 288 10.18 40.19 16.62
CA PRO D 288 11.46 39.79 17.18
C PRO D 288 11.34 38.43 17.88
N GLN D 289 12.38 37.61 17.75
CA GLN D 289 12.49 36.30 18.40
C GLN D 289 13.67 36.34 19.39
N GLY D 290 14.88 35.93 18.98
CA GLY D 290 16.01 35.80 19.91
C GLY D 290 16.30 37.06 20.69
N VAL D 291 16.56 36.89 22.00
CA VAL D 291 17.06 37.96 22.87
C VAL D 291 18.18 37.40 23.75
N ALA D 292 19.24 38.18 23.91
CA ALA D 292 20.40 37.89 24.79
C ALA D 292 20.80 39.18 25.52
N ILE D 293 21.38 39.06 26.72
CA ILE D 293 21.72 40.25 27.55
C ILE D 293 23.04 40.00 28.31
N MET D 294 23.83 41.08 28.49
CA MET D 294 25.08 41.11 29.26
C MET D 294 25.55 42.56 29.39
N ASN D 295 25.84 43.01 30.63
CA ASN D 295 26.37 44.36 30.93
C ASN D 295 25.41 45.45 30.41
N ASN D 296 24.10 45.27 30.62
CA ASN D 296 23.03 46.22 30.23
C ASN D 296 22.90 46.38 28.69
N ILE D 297 23.47 45.47 27.88
CA ILE D 297 23.35 45.51 26.39
C ILE D 297 22.53 44.28 25.96
N ILE D 298 21.32 44.51 25.43
CA ILE D 298 20.49 43.45 24.81
C ILE D 298 20.77 43.45 23.30
N TYR D 299 21.01 42.25 22.74
CA TYR D 299 20.95 42.03 21.29
C TYR D 299 19.68 41.26 20.95
N VAL D 300 18.97 41.73 19.92
CA VAL D 300 17.69 41.21 19.47
C VAL D 300 17.87 40.67 18.06
N ALA D 301 17.43 39.42 17.82
CA ALA D 301 17.24 38.90 16.44
C ALA D 301 15.86 39.36 15.93
N ASP D 302 15.86 40.43 15.14
CA ASP D 302 14.66 41.11 14.67
C ASP D 302 14.21 40.45 13.36
N THR D 303 13.48 39.34 13.50
CA THR D 303 13.44 38.24 12.52
C THR D 303 12.82 38.67 11.18
N GLU D 304 11.62 39.24 11.17
CA GLU D 304 10.95 39.57 9.88
C GLU D 304 11.55 40.85 9.27
N ASN D 305 12.30 41.64 10.04
CA ASN D 305 13.16 42.74 9.51
C ASN D 305 14.47 42.21 8.91
N HIS D 306 14.87 40.97 9.22
CA HIS D 306 16.16 40.44 8.81
C HIS D 306 17.28 41.36 9.31
N LEU D 307 17.18 41.71 10.60
CA LEU D 307 18.13 42.60 11.30
C LEU D 307 18.50 42.00 12.65
N ILE D 308 19.74 42.26 13.09
CA ILE D 308 20.12 42.24 14.51
C ILE D 308 20.04 43.69 15.02
N ARG D 309 19.33 43.90 16.11
CA ARG D 309 19.23 45.21 16.78
C ARG D 309 20.01 45.15 18.10
N LYS D 310 20.34 46.34 18.61
CA LYS D 310 21.03 46.52 19.90
C LYS D 310 20.16 47.44 20.76
N ILE D 311 19.86 47.03 22.00
CA ILE D 311 19.26 47.92 23.01
C ILE D 311 20.34 48.20 24.06
N ASP D 312 20.71 49.48 24.19
CA ASP D 312 21.60 49.98 25.24
C ASP D 312 20.70 50.45 26.40
N LEU D 313 20.72 49.74 27.54
CA LEU D 313 19.80 50.05 28.66
C LEU D 313 20.34 51.22 29.51
N GLU D 314 21.66 51.39 29.55
CA GLU D 314 22.30 52.55 30.21
C GLU D 314 21.94 53.84 29.45
N ALA D 315 22.29 53.88 28.16
CA ALA D 315 22.04 55.05 27.29
C ALA D 315 20.56 55.19 26.88
N GLU D 316 19.76 54.12 26.97
CA GLU D 316 18.32 54.07 26.59
C GLU D 316 18.14 54.46 25.11
N LYS D 317 18.85 53.73 24.24
CA LYS D 317 18.82 53.91 22.77
C LYS D 317 18.83 52.54 22.08
N VAL D 318 18.09 52.42 20.98
CA VAL D 318 18.16 51.25 20.09
C VAL D 318 18.97 51.63 18.84
N SER D 319 19.74 50.68 18.33
CA SER D 319 20.50 50.80 17.07
C SER D 319 20.47 49.46 16.30
N THR D 320 20.91 49.50 15.04
CA THR D 320 20.97 48.32 14.16
C THR D 320 22.44 47.95 13.98
N VAL D 321 22.79 46.68 14.20
CA VAL D 321 24.20 46.21 14.15
C VAL D 321 24.43 45.23 12.99
N ALA D 322 23.40 44.57 12.44
CA ALA D 322 23.59 43.63 11.31
C ALA D 322 22.31 43.51 10.48
N GLY D 323 22.48 43.16 9.21
CA GLY D 323 21.37 43.10 8.25
C GLY D 323 21.14 44.43 7.54
N ILE D 324 20.60 44.35 6.33
CA ILE D 324 20.28 45.52 5.49
C ILE D 324 18.77 45.84 5.54
N GLY D 325 17.98 44.99 6.22
CA GLY D 325 16.54 45.20 6.34
C GLY D 325 15.70 44.38 5.37
N ILE D 326 16.33 43.51 4.57
CA ILE D 326 15.60 42.61 3.65
C ILE D 326 16.30 41.25 3.60
N GLN D 327 15.55 40.29 3.10
CA GLN D 327 15.89 38.87 3.16
C GLN D 327 17.15 38.61 2.33
N GLY D 328 18.22 38.24 3.02
CA GLY D 328 19.47 37.84 2.37
C GLY D 328 19.34 36.46 1.77
N THR D 329 20.14 36.23 0.73
CA THR D 329 20.41 34.90 0.18
C THR D 329 21.92 34.57 0.29
N ASP D 330 22.68 35.35 1.07
CA ASP D 330 24.14 35.18 1.17
C ASP D 330 24.42 34.01 2.14
N LYS D 331 25.11 32.98 1.64
CA LYS D 331 25.46 31.75 2.40
C LYS D 331 26.89 31.80 2.98
N GLU D 332 27.67 32.84 2.66
CA GLU D 332 29.10 32.92 3.05
C GLU D 332 29.29 34.07 4.04
N GLY D 333 28.91 35.27 3.62
CA GLY D 333 29.01 36.47 4.44
C GLY D 333 30.39 37.08 4.40
N GLY D 334 30.75 37.82 5.46
CA GLY D 334 32.10 38.38 5.61
C GLY D 334 32.13 39.91 5.62
N ALA D 335 31.06 40.59 5.18
CA ALA D 335 31.00 42.06 5.20
C ALA D 335 30.73 42.57 6.63
N LYS D 336 30.83 43.89 6.82
CA LYS D 336 30.65 44.51 8.14
C LYS D 336 29.15 44.75 8.40
N GLY D 337 28.59 44.04 9.38
CA GLY D 337 27.32 44.39 10.04
C GLY D 337 26.25 44.88 9.08
N GLU D 338 26.17 46.20 8.94
CA GLU D 338 25.03 46.85 8.25
C GLU D 338 25.19 46.83 6.72
N GLN D 339 26.25 46.22 6.18
CA GLN D 339 26.40 45.95 4.74
C GLN D 339 26.28 44.45 4.43
N GLN D 340 25.93 43.63 5.43
CA GLN D 340 25.80 42.19 5.28
C GLN D 340 24.32 41.81 5.33
N PRO D 341 23.75 41.31 4.20
CA PRO D 341 22.40 40.73 4.26
C PRO D 341 22.37 39.43 5.07
N ILE D 342 21.31 39.26 5.87
CA ILE D 342 21.06 38.06 6.69
C ILE D 342 19.61 37.63 6.46
N SER D 343 19.25 36.41 6.89
CA SER D 343 17.95 35.77 6.55
C SER D 343 17.31 35.15 7.80
N SER D 344 16.35 35.88 8.38
CA SER D 344 15.46 35.38 9.44
C SER D 344 16.30 34.88 10.62
N PRO D 345 17.05 35.79 11.28
CA PRO D 345 17.79 35.39 12.48
C PRO D 345 16.76 35.04 13.57
N TRP D 346 16.90 33.89 14.20
CA TRP D 346 15.86 33.36 15.14
C TRP D 346 16.32 33.37 16.60
N ASP D 347 17.58 33.05 16.91
CA ASP D 347 18.09 33.13 18.30
C ASP D 347 19.48 33.78 18.30
N VAL D 348 19.83 34.35 19.45
CA VAL D 348 21.15 34.95 19.69
C VAL D 348 21.60 34.58 21.11
N VAL D 349 22.91 34.35 21.25
CA VAL D 349 23.57 34.14 22.56
C VAL D 349 24.97 34.78 22.52
N PHE D 350 25.42 35.29 23.66
CA PHE D 350 26.79 35.85 23.81
C PHE D 350 27.83 34.73 23.83
N GLY D 351 29.02 35.04 23.33
CA GLY D 351 30.21 34.15 23.36
C GLY D 351 31.47 34.93 23.70
N ASP D 361 35.22 38.43 22.06
CA ASP D 361 33.81 38.54 22.44
C ASP D 361 32.94 38.69 21.17
N ILE D 362 31.90 37.85 21.07
CA ILE D 362 31.15 37.52 19.81
C ILE D 362 29.65 37.39 20.14
N LEU D 363 28.79 37.52 19.13
CA LEU D 363 27.34 37.21 19.20
C LEU D 363 27.04 36.04 18.25
N TRP D 364 26.68 34.87 18.79
CA TRP D 364 26.29 33.69 17.98
C TRP D 364 24.84 33.87 17.49
N ILE D 365 24.56 33.47 16.26
CA ILE D 365 23.25 33.71 15.62
C ILE D 365 22.78 32.40 14.95
N ALA D 366 21.56 31.98 15.28
CA ALA D 366 20.89 30.89 14.60
C ALA D 366 20.16 31.46 13.37
N MET D 367 20.81 31.37 12.21
CA MET D 367 20.28 31.94 10.99
C MET D 367 19.34 30.94 10.33
N ALA D 368 18.07 31.00 10.73
CA ALA D 368 17.07 30.02 10.29
C ALA D 368 16.88 30.07 8.77
N GLY D 369 16.88 31.28 8.19
CA GLY D 369 16.54 31.48 6.78
C GLY D 369 17.52 30.83 5.81
N THR D 370 18.82 30.77 6.14
CA THR D 370 19.85 30.10 5.29
C THR D 370 20.44 28.85 5.98
N HIS D 371 19.80 28.32 7.02
CA HIS D 371 20.09 26.96 7.58
C HIS D 371 21.56 26.87 8.05
N GLN D 372 21.95 27.91 8.81
CA GLN D 372 23.34 28.18 9.19
C GLN D 372 23.41 28.81 10.58
N ILE D 373 24.59 28.65 11.19
CA ILE D 373 24.98 29.35 12.40
C ILE D 373 25.96 30.45 11.98
N TRP D 374 25.65 31.69 12.38
CA TRP D 374 26.45 32.89 12.03
C TRP D 374 27.07 33.48 13.30
N ALA D 375 28.04 34.37 13.08
CA ALA D 375 28.68 35.17 14.13
C ALA D 375 28.71 36.65 13.70
N LEU D 376 28.36 37.53 14.63
CA LEU D 376 28.69 38.95 14.58
C LEU D 376 29.84 39.18 15.57
N LEU D 377 30.97 39.74 15.11
CA LEU D 377 32.14 39.97 15.96
C LEU D 377 32.00 41.36 16.60
N LEU D 378 31.60 41.36 17.87
CA LEU D 378 31.25 42.57 18.60
C LEU D 378 32.52 43.38 18.90
N ASP D 379 33.57 42.66 19.31
CA ASP D 379 34.95 43.16 19.35
C ASP D 379 35.78 42.34 18.34
N SER D 380 36.89 42.90 17.89
CA SER D 380 37.72 42.21 16.87
C SER D 380 38.36 40.98 17.53
N GLY D 381 38.38 39.89 16.79
CA GLY D 381 38.87 38.61 17.30
C GLY D 381 38.92 37.58 16.19
N LYS D 382 38.80 36.31 16.58
CA LYS D 382 38.76 35.18 15.65
C LYS D 382 37.75 34.13 16.15
N LEU D 383 37.26 33.37 15.18
CA LEU D 383 36.45 32.17 15.40
C LEU D 383 37.35 30.94 15.36
N PRO D 384 36.95 29.85 16.02
CA PRO D 384 37.61 28.52 15.95
C PRO D 384 38.18 28.11 14.59
N LYS D 385 39.49 27.86 14.51
CA LYS D 385 40.26 27.48 13.30
C LYS D 385 39.92 28.37 12.08
N LYS D 386 39.98 29.68 12.33
CA LYS D 386 39.85 30.75 11.31
C LYS D 386 40.73 31.94 11.73
N ASN D 387 41.07 32.78 10.76
CA ASN D 387 42.04 33.90 10.99
C ASN D 387 41.32 35.05 11.71
N GLU D 388 42.09 36.10 12.03
CA GLU D 388 41.57 37.28 12.72
C GLU D 388 40.60 38.02 11.78
N LEU D 389 39.46 38.44 12.32
CA LEU D 389 38.44 39.24 11.63
C LEU D 389 38.25 40.57 12.38
N THR D 390 37.98 41.63 11.61
CA THR D 390 37.80 42.98 12.17
C THR D 390 36.43 43.09 12.86
N LYS D 391 36.33 44.13 13.69
CA LYS D 391 35.15 44.44 14.51
C LYS D 391 33.95 44.72 13.59
N GLY D 392 32.80 44.12 13.93
CA GLY D 392 31.54 44.30 13.18
C GLY D 392 31.37 43.33 12.02
N THR D 393 32.32 42.41 11.80
CA THR D 393 32.26 41.46 10.68
C THR D 393 31.18 40.41 10.99
N CYS D 394 30.29 40.19 10.02
CA CYS D 394 29.15 39.30 10.13
C CYS D 394 29.28 38.21 9.06
N LEU D 395 29.34 36.94 9.47
CA LEU D 395 29.64 35.82 8.54
C LEU D 395 29.01 34.52 9.01
N ARG D 396 29.01 33.54 8.11
CA ARG D 396 28.70 32.13 8.42
C ARG D 396 29.84 31.54 9.25
N PHE D 397 29.49 30.76 10.26
CA PHE D 397 30.46 29.93 10.99
C PHE D 397 30.28 28.48 10.55
N ALA D 398 29.08 27.94 10.80
CA ALA D 398 28.74 26.55 10.49
C ALA D 398 27.53 26.48 9.57
N GLY D 399 27.47 25.43 8.77
CA GLY D 399 26.39 25.16 7.83
C GLY D 399 26.79 25.47 6.40
N SER D 400 26.57 24.52 5.49
CA SER D 400 26.77 24.73 4.05
C SER D 400 25.78 25.77 3.50
N GLY D 401 24.58 25.86 4.08
CA GLY D 401 23.47 26.58 3.50
C GLY D 401 22.38 25.67 2.95
N ASN D 402 22.69 24.37 2.76
CA ASN D 402 21.69 23.37 2.37
C ASN D 402 20.88 22.97 3.61
N GLU D 403 19.56 22.73 3.39
CA GLU D 403 18.64 22.26 4.44
C GLU D 403 18.82 20.75 4.60
N GLU D 404 19.54 20.35 5.66
CA GLU D 404 20.02 18.98 5.87
C GLU D 404 20.16 18.70 7.37
N ASN D 405 20.11 17.43 7.76
CA ASN D 405 20.50 16.96 9.10
C ASN D 405 21.89 16.30 8.98
N ARG D 406 22.87 17.04 8.44
CA ARG D 406 24.22 16.50 8.16
C ARG D 406 25.19 17.01 9.24
N ASN D 407 25.84 16.07 9.91
CA ASN D 407 26.91 16.33 10.89
C ASN D 407 28.27 16.12 10.20
N ASN D 408 29.27 16.90 10.61
CA ASN D 408 30.59 16.89 9.95
C ASN D 408 31.65 17.43 10.93
N ALA D 409 32.88 16.96 10.76
CA ALA D 409 34.05 17.51 11.49
C ALA D 409 34.35 18.94 11.00
N TYR D 410 34.19 19.20 9.70
CA TYR D 410 34.39 20.53 9.10
C TYR D 410 33.09 21.34 9.12
N PRO D 411 33.10 22.58 9.71
CA PRO D 411 31.86 23.35 9.90
C PRO D 411 31.13 23.71 8.60
N HIS D 412 31.87 24.12 7.57
CA HIS D 412 31.30 24.52 6.27
C HIS D 412 30.58 23.36 5.59
N LYS D 413 31.08 22.12 5.75
CA LYS D 413 30.52 20.95 5.04
C LYS D 413 29.30 20.38 5.79
N ALA D 414 29.16 20.66 7.09
CA ALA D 414 27.94 20.32 7.85
C ALA D 414 26.73 21.12 7.34
N GLY D 415 25.54 20.60 7.62
CA GLY D 415 24.27 21.24 7.28
C GLY D 415 23.34 21.31 8.47
N PHE D 416 22.54 22.38 8.52
CA PHE D 416 21.48 22.56 9.53
C PHE D 416 20.13 22.60 8.78
N ALA D 417 19.05 22.75 9.53
CA ALA D 417 17.68 22.68 9.02
C ALA D 417 16.79 23.56 9.90
N GLN D 418 16.87 24.86 9.63
CA GLN D 418 16.08 25.91 10.27
C GLN D 418 16.44 25.99 11.77
N PRO D 419 17.75 26.23 12.07
CA PRO D 419 18.18 26.38 13.47
C PRO D 419 17.48 27.58 14.11
N SER D 420 16.73 27.33 15.18
CA SER D 420 15.86 28.29 15.85
C SER D 420 16.26 28.53 17.32
N GLY D 421 17.13 27.70 17.93
CA GLY D 421 17.59 27.91 19.33
C GLY D 421 19.09 27.73 19.49
N LEU D 422 19.68 28.51 20.40
CA LEU D 422 21.10 28.38 20.81
C LEU D 422 21.20 28.39 22.34
N SER D 423 22.25 27.77 22.85
CA SER D 423 22.70 27.94 24.23
C SER D 423 24.20 27.59 24.35
N LEU D 424 24.95 28.45 25.04
CA LEU D 424 26.40 28.31 25.17
C LEU D 424 26.72 27.49 26.43
N ALA D 425 27.59 26.47 26.23
CA ALA D 425 28.30 25.76 27.30
C ALA D 425 29.80 25.86 27.03
N SER D 426 30.40 26.96 27.50
CA SER D 426 31.81 27.32 27.19
C SER D 426 32.81 26.53 28.04
N GLU D 427 32.43 26.20 29.29
CA GLU D 427 33.20 25.35 30.25
C GLU D 427 33.58 23.99 29.62
N ASP D 428 34.63 23.37 30.16
CA ASP D 428 35.04 21.99 29.81
C ASP D 428 34.16 20.99 30.60
N PRO D 429 33.98 19.74 30.14
CA PRO D 429 34.50 19.16 28.89
C PRO D 429 33.54 19.22 27.68
N TRP D 430 32.74 20.28 27.60
CA TRP D 430 31.71 20.47 26.55
C TRP D 430 32.28 21.38 25.46
N SER D 431 32.63 22.61 25.86
CA SER D 431 33.18 23.66 24.98
C SER D 431 32.39 23.71 23.66
N CYS D 432 31.07 23.85 23.79
CA CYS D 432 30.17 23.71 22.63
C CYS D 432 29.00 24.69 22.72
N LEU D 433 28.41 24.92 21.55
CA LEU D 433 27.17 25.65 21.33
C LEU D 433 26.08 24.60 21.06
N PHE D 434 25.03 24.57 21.89
CA PHE D 434 23.89 23.66 21.66
C PHE D 434 22.92 24.31 20.67
N VAL D 435 22.50 23.57 19.65
CA VAL D 435 21.65 24.07 18.55
C VAL D 435 20.38 23.23 18.47
N ALA D 436 19.24 23.84 18.77
CA ALA D 436 17.91 23.29 18.39
C ALA D 436 17.74 23.42 16.87
N ASP D 437 17.67 22.27 16.19
CA ASP D 437 17.59 22.20 14.74
C ASP D 437 16.18 21.70 14.35
N SER D 438 15.31 22.67 14.03
CA SER D 438 13.83 22.53 14.13
C SER D 438 13.27 21.59 13.07
N GLU D 439 13.62 21.83 11.80
CA GLU D 439 13.07 21.05 10.68
C GLU D 439 13.65 19.62 10.65
N SER D 440 14.84 19.39 11.19
CA SER D 440 15.40 18.03 11.35
C SER D 440 14.81 17.31 12.58
N SER D 441 14.36 18.05 13.59
CA SER D 441 13.86 17.57 14.91
C SER D 441 14.98 16.90 15.70
N THR D 442 16.15 17.55 15.69
CA THR D 442 17.37 17.13 16.39
C THR D 442 17.86 18.27 17.31
N VAL D 443 18.79 17.92 18.19
CA VAL D 443 19.66 18.87 18.87
C VAL D 443 21.09 18.56 18.43
N ARG D 444 21.91 19.61 18.27
CA ARG D 444 23.27 19.50 17.72
C ARG D 444 24.23 20.26 18.63
N THR D 445 25.42 19.70 18.83
CA THR D 445 26.57 20.46 19.35
C THR D 445 27.36 21.01 18.17
N VAL D 446 27.94 22.19 18.38
CA VAL D 446 28.98 22.76 17.54
C VAL D 446 30.16 23.11 18.45
N SER D 447 31.32 22.48 18.23
CA SER D 447 32.47 22.65 19.12
C SER D 447 33.04 24.07 18.99
N LEU D 448 33.34 24.70 20.12
CA LEU D 448 34.00 26.01 20.18
C LEU D 448 35.53 25.86 20.17
N LYS D 449 36.06 24.68 19.87
CA LYS D 449 37.51 24.43 19.68
C LYS D 449 37.81 24.41 18.18
N ASP D 450 37.17 23.47 17.45
CA ASP D 450 37.46 23.18 16.03
C ASP D 450 36.20 23.25 15.16
N GLY D 451 35.05 23.69 15.68
CA GLY D 451 33.85 23.92 14.85
C GLY D 451 33.14 22.65 14.38
N ALA D 452 33.45 21.50 14.98
CA ALA D 452 32.84 20.22 14.60
C ALA D 452 31.38 20.21 15.02
N VAL D 453 30.50 19.96 14.04
CA VAL D 453 29.05 19.89 14.25
C VAL D 453 28.68 18.42 14.46
N LYS D 454 28.29 18.05 15.68
CA LYS D 454 28.02 16.65 16.04
C LYS D 454 26.56 16.50 16.50
N HIS D 455 26.01 15.31 16.25
CA HIS D 455 24.67 14.91 16.68
C HIS D 455 24.63 14.80 18.21
N LEU D 456 23.48 15.14 18.81
CA LEU D 456 23.23 14.93 20.25
C LEU D 456 22.02 14.00 20.44
N VAL D 457 20.81 14.45 20.10
CA VAL D 457 19.58 13.61 20.20
C VAL D 457 18.70 13.88 18.98
N GLY D 458 17.74 12.98 18.76
CA GLY D 458 16.67 13.18 17.77
C GLY D 458 17.09 12.75 16.37
N GLY D 459 16.09 12.61 15.49
CA GLY D 459 16.34 12.40 14.05
C GLY D 459 16.84 11.01 13.73
N GLU D 460 17.23 10.82 12.46
CA GLU D 460 17.72 9.53 11.93
C GLU D 460 19.13 9.75 11.37
N ARG D 461 19.76 8.65 10.95
CA ARG D 461 21.11 8.66 10.36
C ARG D 461 21.13 9.39 8.99
N ASP D 462 20.07 9.23 8.17
CA ASP D 462 20.07 9.78 6.81
C ASP D 462 20.10 11.31 6.89
N PRO D 463 21.17 11.95 6.36
CA PRO D 463 21.27 13.44 6.44
C PRO D 463 20.25 14.23 5.60
N MET D 464 19.62 13.62 4.60
CA MET D 464 18.55 14.24 3.78
C MET D 464 17.17 13.97 4.39
N ASN D 465 17.04 13.07 5.39
CA ASN D 465 15.75 12.76 6.04
C ASN D 465 15.41 13.88 7.05
N LEU D 466 14.41 14.71 6.69
CA LEU D 466 13.90 15.79 7.55
C LEU D 466 12.56 15.43 8.17
N PHE D 467 12.08 14.18 8.01
CA PHE D 467 10.76 13.75 8.51
C PHE D 467 10.91 12.78 9.70
N ALA D 468 12.07 12.75 10.37
CA ALA D 468 12.30 11.86 11.54
C ALA D 468 11.91 12.61 12.81
N PHE D 469 10.59 12.70 13.01
CA PHE D 469 9.98 13.40 14.14
C PHE D 469 9.09 12.42 14.92
N GLY D 470 8.72 12.83 16.14
CA GLY D 470 7.87 12.04 17.01
C GLY D 470 7.88 12.57 18.42
N ASP D 471 7.62 11.67 19.38
CA ASP D 471 7.64 11.99 20.82
C ASP D 471 8.02 10.72 21.61
N VAL D 472 9.32 10.43 21.59
CA VAL D 472 9.90 9.23 22.23
C VAL D 472 11.08 9.67 23.10
N ASP D 473 11.05 9.26 24.37
CA ASP D 473 12.18 9.41 25.28
C ASP D 473 13.15 8.25 25.02
N GLY D 474 14.46 8.56 24.90
CA GLY D 474 15.47 7.54 24.63
C GLY D 474 16.87 8.12 24.49
N VAL D 475 17.80 7.27 24.03
CA VAL D 475 19.24 7.60 23.92
C VAL D 475 19.56 7.89 22.45
N GLY D 476 20.02 9.10 22.16
CA GLY D 476 20.57 9.46 20.84
C GLY D 476 19.50 9.48 19.76
N ILE D 477 19.77 8.82 18.62
CA ILE D 477 18.81 8.68 17.48
C ILE D 477 17.50 8.00 17.91
N ASN D 478 17.50 7.18 18.98
CA ASN D 478 16.28 6.54 19.48
C ASN D 478 15.26 7.59 19.96
N ALA D 479 15.73 8.69 20.53
CA ALA D 479 14.86 9.79 20.97
C ALA D 479 14.20 10.45 19.75
N LYS D 480 12.99 10.99 19.92
CA LYS D 480 12.27 11.73 18.86
C LYS D 480 11.67 13.02 19.43
N LEU D 481 11.88 14.10 18.68
CA LEU D 481 11.36 15.45 18.97
C LEU D 481 10.44 15.86 17.81
N GLN D 482 9.77 17.00 17.94
CA GLN D 482 8.85 17.54 16.92
C GLN D 482 9.01 19.06 16.86
N HIS D 483 9.85 19.53 15.92
CA HIS D 483 10.09 20.96 15.65
C HIS D 483 10.53 21.71 16.93
N PRO D 484 11.66 21.29 17.56
CA PRO D 484 12.18 21.99 18.76
C PRO D 484 12.74 23.37 18.39
N LEU D 485 12.33 24.41 19.14
CA LEU D 485 12.71 25.82 18.89
C LEU D 485 13.66 26.37 19.98
N GLY D 486 13.77 25.76 21.16
CA GLY D 486 14.56 26.31 22.27
C GLY D 486 15.47 25.26 22.91
N VAL D 487 16.68 25.68 23.27
CA VAL D 487 17.58 24.93 24.17
C VAL D 487 18.13 25.92 25.22
N THR D 488 18.30 25.45 26.44
CA THR D 488 19.02 26.21 27.47
C THR D 488 19.86 25.25 28.30
N TRP D 489 21.11 25.65 28.55
CA TRP D 489 22.13 24.85 29.23
C TRP D 489 22.16 25.19 30.72
N ASP D 490 22.17 24.13 31.55
CA ASP D 490 22.24 24.21 33.01
C ASP D 490 23.68 23.87 33.45
N LYS D 491 24.45 24.90 33.81
CA LYS D 491 25.84 24.81 34.26
C LYS D 491 25.95 24.00 35.57
N LYS D 492 24.93 24.09 36.43
CA LYS D 492 24.91 23.45 37.76
C LYS D 492 24.77 21.93 37.61
N ARG D 493 23.72 21.48 36.92
CA ARG D 493 23.35 20.06 36.85
C ARG D 493 23.98 19.36 35.63
N ASN D 494 24.64 20.08 34.72
CA ASN D 494 25.19 19.53 33.45
C ASN D 494 24.07 18.83 32.65
N LEU D 495 22.95 19.54 32.51
CA LEU D 495 21.76 19.13 31.75
C LEU D 495 21.43 20.19 30.71
N LEU D 496 20.75 19.76 29.64
CA LEU D 496 20.19 20.64 28.61
C LEU D 496 18.66 20.51 28.65
N TYR D 497 17.95 21.63 28.76
CA TYR D 497 16.49 21.66 28.69
C TYR D 497 16.08 22.06 27.26
N VAL D 498 15.44 21.13 26.55
CA VAL D 498 14.91 21.35 25.20
C VAL D 498 13.43 21.77 25.34
N ALA D 499 13.07 22.91 24.74
CA ALA D 499 11.65 23.26 24.48
C ALA D 499 11.17 22.54 23.21
N ASP D 500 10.62 21.34 23.41
CA ASP D 500 10.13 20.50 22.31
C ASP D 500 8.72 20.99 21.94
N SER D 501 8.65 21.89 20.95
CA SER D 501 7.56 22.87 20.84
C SER D 501 6.25 22.20 20.38
N TYR D 502 6.32 21.39 19.33
CA TYR D 502 5.10 20.79 18.71
C TYR D 502 4.59 19.58 19.52
N ASN D 503 5.42 19.01 20.40
CA ASN D 503 4.97 18.02 21.39
C ASN D 503 4.46 18.70 22.67
N HIS D 504 4.58 20.02 22.79
CA HIS D 504 4.03 20.81 23.91
C HIS D 504 4.67 20.38 25.24
N LYS D 505 5.99 20.20 25.22
CA LYS D 505 6.73 19.54 26.29
C LYS D 505 8.12 20.18 26.44
N ILE D 506 8.53 20.39 27.70
CA ILE D 506 9.93 20.65 28.04
C ILE D 506 10.59 19.29 28.27
N LYS D 507 11.69 19.03 27.57
CA LYS D 507 12.45 17.79 27.71
C LYS D 507 13.80 18.11 28.37
N VAL D 508 14.45 17.05 28.85
CA VAL D 508 15.76 17.15 29.53
C VAL D 508 16.72 16.15 28.86
N VAL D 509 17.88 16.64 28.43
CA VAL D 509 18.93 15.83 27.81
C VAL D 509 20.16 15.86 28.73
N ASP D 510 20.65 14.66 29.06
CA ASP D 510 21.95 14.43 29.68
C ASP D 510 22.96 14.21 28.54
N PRO D 511 23.88 15.16 28.29
CA PRO D 511 24.83 15.02 27.15
C PRO D 511 25.94 13.97 27.32
N LYS D 512 26.17 13.50 28.55
CA LYS D 512 27.12 12.40 28.84
C LYS D 512 26.56 11.08 28.29
N THR D 513 25.33 10.75 28.69
CA THR D 513 24.63 9.50 28.29
C THR D 513 23.90 9.66 26.94
N LYS D 514 23.61 10.91 26.54
CA LYS D 514 22.78 11.28 25.37
C LYS D 514 21.33 10.82 25.55
N ASN D 515 20.86 10.68 26.81
CA ASN D 515 19.50 10.21 27.14
C ASN D 515 18.59 11.42 27.22
N CYS D 516 17.46 11.39 26.50
CA CYS D 516 16.47 12.48 26.41
C CYS D 516 15.15 12.00 27.00
N THR D 517 14.61 12.76 27.96
CA THR D 517 13.36 12.37 28.68
C THR D 517 12.50 13.61 28.94
N THR D 518 11.22 13.38 29.22
CA THR D 518 10.21 14.43 29.40
C THR D 518 10.31 14.99 30.82
N LEU D 519 10.51 16.30 30.95
CA LEU D 519 10.61 16.98 32.26
C LEU D 519 9.21 17.46 32.70
N ALA D 520 8.52 18.20 31.83
CA ALA D 520 7.14 18.65 32.10
C ALA D 520 6.31 18.63 30.81
N GLY D 521 4.99 18.72 30.99
CA GLY D 521 4.00 18.76 29.91
C GLY D 521 3.26 17.43 29.76
N THR D 522 1.93 17.49 29.81
CA THR D 522 1.07 16.34 29.47
C THR D 522 1.09 16.07 27.96
N GLY D 523 1.24 17.11 27.14
CA GLY D 523 1.23 17.00 25.67
C GLY D 523 -0.06 17.50 25.05
N ASP D 524 -1.06 17.84 25.89
CA ASP D 524 -2.26 18.59 25.47
C ASP D 524 -1.98 20.08 25.66
N THR D 525 -2.91 20.92 25.15
CA THR D 525 -2.78 22.39 25.11
C THR D 525 -3.84 23.12 25.96
N ASN D 526 -4.78 22.40 26.60
CA ASN D 526 -5.80 23.01 27.50
C ASN D 526 -5.10 23.66 28.72
N ASN D 527 -5.14 25.00 28.79
CA ASN D 527 -4.18 25.79 29.62
C ASN D 527 -4.39 25.52 31.12
N VAL D 528 -3.27 25.50 31.86
CA VAL D 528 -3.21 25.26 33.33
C VAL D 528 -2.21 26.26 33.93
N THR D 529 -2.66 27.02 34.93
CA THR D 529 -1.86 28.07 35.59
C THR D 529 -0.81 27.41 36.48
N SER D 530 -1.29 26.81 37.58
CA SER D 530 -0.48 26.29 38.67
C SER D 530 -0.71 24.77 38.77
N SER D 531 0.38 24.01 38.76
CA SER D 531 0.35 22.52 38.83
C SER D 531 1.79 21.98 38.86
N SER D 532 1.91 20.67 39.10
CA SER D 532 3.18 19.95 39.02
C SER D 532 3.67 19.86 37.56
N PHE D 533 4.96 19.59 37.39
CA PHE D 533 5.61 19.40 36.08
C PHE D 533 4.86 18.37 35.22
N THR D 534 4.62 17.17 35.76
CA THR D 534 4.02 16.04 34.99
C THR D 534 2.55 16.34 34.60
N GLU D 535 1.84 17.18 35.35
CA GLU D 535 0.42 17.52 35.11
C GLU D 535 0.25 18.93 34.51
N SER D 536 1.34 19.70 34.32
CA SER D 536 1.30 21.03 33.64
C SER D 536 1.10 20.87 32.13
N THR D 537 0.87 22.02 31.49
CA THR D 537 0.58 22.09 30.06
C THR D 537 1.36 23.27 29.44
N PHE D 538 1.71 23.12 28.16
CA PHE D 538 2.29 24.19 27.32
C PHE D 538 1.52 24.25 25.99
N ASN D 539 1.92 25.14 25.09
CA ASN D 539 1.30 25.26 23.75
C ASN D 539 2.28 25.98 22.80
N GLU D 540 3.08 25.19 22.08
CA GLU D 540 4.05 25.66 21.07
C GLU D 540 5.07 26.61 21.73
N PRO D 541 5.76 26.13 22.81
CA PRO D 541 6.77 26.98 23.49
C PRO D 541 7.94 27.31 22.54
N GLY D 542 8.11 28.59 22.25
CA GLY D 542 9.04 29.07 21.21
C GLY D 542 10.48 29.16 21.69
N GLY D 543 10.68 29.34 22.99
CA GLY D 543 12.03 29.25 23.59
C GLY D 543 11.99 29.18 25.10
N LEU D 544 13.19 29.10 25.70
CA LEU D 544 13.31 28.95 27.17
C LEU D 544 14.72 29.35 27.62
N CYS D 545 14.86 29.59 28.93
CA CYS D 545 16.15 30.00 29.54
C CYS D 545 16.18 29.71 31.05
N ILE D 546 17.33 29.19 31.52
CA ILE D 546 17.59 28.93 32.97
C ILE D 546 18.06 30.24 33.64
N GLY D 547 17.65 30.45 34.89
CA GLY D 547 18.23 31.50 35.77
C GLY D 547 19.65 31.16 36.19
N GLU D 548 20.34 32.17 36.75
CA GLU D 548 21.76 32.07 37.25
C GLU D 548 21.85 30.95 38.31
N ASN D 549 20.94 31.03 39.30
CA ASN D 549 20.91 30.13 40.46
C ASN D 549 20.76 28.66 40.02
N GLY D 550 19.99 28.43 38.94
CA GLY D 550 19.63 27.11 38.46
C GLY D 550 18.37 26.58 39.14
N GLU D 551 17.63 27.42 39.88
CA GLU D 551 16.38 27.01 40.55
C GLU D 551 15.17 27.34 39.67
N LEU D 552 15.25 28.29 38.73
CA LEU D 552 14.12 28.65 37.86
C LEU D 552 14.48 28.44 36.38
N LEU D 553 13.54 27.82 35.64
CA LEU D 553 13.60 27.63 34.18
C LEU D 553 12.41 28.40 33.58
N TYR D 554 12.67 29.52 32.91
CA TYR D 554 11.64 30.38 32.29
C TYR D 554 11.36 29.90 30.87
N VAL D 555 10.08 29.80 30.50
CA VAL D 555 9.63 29.25 29.21
C VAL D 555 8.70 30.26 28.54
N ALA D 556 9.00 30.61 27.28
CA ALA D 556 8.11 31.43 26.46
C ALA D 556 7.04 30.53 25.84
N ASP D 557 5.89 30.44 26.51
CA ASP D 557 4.80 29.55 26.13
C ASP D 557 3.91 30.27 25.12
N THR D 558 4.38 30.31 23.87
CA THR D 558 3.94 31.25 22.80
C THR D 558 2.42 31.31 22.68
N ASN D 559 1.75 30.20 22.32
CA ASN D 559 0.31 30.22 21.98
C ASN D 559 -0.58 30.38 23.23
N ASN D 560 -0.05 30.28 24.46
CA ASN D 560 -0.80 30.61 25.71
C ASN D 560 -0.57 32.09 26.12
N HIS D 561 0.31 32.84 25.43
CA HIS D 561 0.47 34.30 25.61
C HIS D 561 1.03 34.62 27.00
N GLN D 562 1.98 33.80 27.47
CA GLN D 562 2.38 33.71 28.88
C GLN D 562 3.84 33.24 29.00
N ILE D 563 4.51 33.71 30.04
CA ILE D 563 5.80 33.18 30.51
C ILE D 563 5.51 32.19 31.64
N LYS D 564 5.94 30.93 31.46
CA LYS D 564 5.84 29.88 32.47
C LYS D 564 7.16 29.83 33.24
N VAL D 565 7.08 29.95 34.58
CA VAL D 565 8.21 29.82 35.50
C VAL D 565 8.15 28.41 36.09
N MET D 566 9.19 27.60 35.81
CA MET D 566 9.29 26.24 36.32
C MET D 566 10.35 26.22 37.44
N ASP D 567 9.89 25.97 38.68
CA ASP D 567 10.79 25.76 39.83
C ASP D 567 11.35 24.32 39.73
N LEU D 568 12.66 24.18 39.49
CA LEU D 568 13.31 22.86 39.36
C LEU D 568 13.51 22.18 40.72
N GLU D 569 13.34 22.91 41.84
CA GLU D 569 13.43 22.36 43.20
C GLU D 569 12.08 21.75 43.63
N THR D 570 11.00 22.54 43.58
CA THR D 570 9.64 22.09 44.01
C THR D 570 8.90 21.35 42.88
N LYS D 571 9.40 21.36 41.64
CA LYS D 571 8.77 20.74 40.44
C LYS D 571 7.35 21.27 40.24
N MET D 572 7.18 22.58 40.43
CA MET D 572 5.91 23.28 40.24
C MET D 572 6.11 24.34 39.15
N VAL D 573 5.11 24.44 38.27
CA VAL D 573 5.05 25.45 37.21
C VAL D 573 4.13 26.55 37.72
N SER D 574 4.52 27.80 37.47
CA SER D 574 3.72 28.99 37.76
C SER D 574 3.72 29.91 36.53
N VAL D 575 2.68 30.73 36.39
CA VAL D 575 2.63 31.81 35.37
C VAL D 575 3.32 33.04 35.97
N LEU D 576 4.26 33.65 35.23
CA LEU D 576 4.85 34.92 35.64
C LEU D 576 3.78 36.03 35.56
N PRO D 577 3.44 36.66 36.71
CA PRO D 577 2.54 37.80 36.66
C PRO D 577 3.29 39.01 36.07
N ILE D 578 2.58 39.86 35.33
CA ILE D 578 3.16 41.04 34.68
C ILE D 578 2.24 42.24 34.97
N PHE D 579 2.81 43.33 35.50
CA PHE D 579 2.06 44.54 35.90
C PHE D 579 2.92 45.80 35.66
#